data_4N1E
#
_entry.id   4N1E
#
_cell.length_a   114.917
_cell.length_b   39.413
_cell.length_c   178.301
_cell.angle_alpha   90.000
_cell.angle_beta   106.380
_cell.angle_gamma   90.000
#
_symmetry.space_group_name_H-M   'P 1 21 1'
#
loop_
_entity.id
_entity.type
_entity.pdbx_description
1 polymer 'immunoglobulin variable light chain domain'
2 polymer 'Lysozyme C'
3 water water
#
loop_
_entity_poly.entity_id
_entity_poly.type
_entity_poly.pdbx_seq_one_letter_code
_entity_poly.pdbx_strand_id
1 'polypeptide(L)'
;DIQMTQSPSSLSASVGDRVTITCRASQDIAAALNWYQQKPGKAPKLLIYASSYLQSGVPSRFSGSGSGTDFTLTISSLQP
EDFATYYCQQDGYYPATFGQGTKVEIKRA
;
A,B,C,D,E,F,G,H
2 'polypeptide(L)'
;KVFGRCELAAAMKRHGLDNYRGYSLGNWVCAAKFESNFNTQATNRNTDGSTDYGILQINSRWWCNDGRTPGSRNLCNIPC
SALLSSDITASVNCAKKIVSDGNGMNAWVAWRNRCKGTDVQAWIRGCRL
;
I,J,K,L
#
# COMPACT_ATOMS: atom_id res chain seq x y z
N ASP A 1 -3.81 -14.34 50.88
CA ASP A 1 -3.31 -15.10 49.70
C ASP A 1 -2.05 -15.82 50.14
N ILE A 2 -1.84 -17.01 49.60
CA ILE A 2 -0.57 -17.70 49.83
C ILE A 2 0.47 -17.15 48.85
N GLN A 3 1.52 -16.53 49.39
CA GLN A 3 2.58 -15.95 48.56
C GLN A 3 3.57 -17.06 48.26
N MET A 4 3.88 -17.16 46.97
CA MET A 4 4.82 -18.12 46.44
C MET A 4 6.06 -17.34 46.10
N THR A 5 7.15 -17.58 46.82
CA THR A 5 8.41 -16.90 46.53
C THR A 5 9.33 -17.85 45.78
N GLN A 6 9.72 -17.49 44.57
CA GLN A 6 10.68 -18.28 43.82
C GLN A 6 12.07 -17.70 44.05
N SER A 7 13.08 -18.56 44.05
CA SER A 7 14.44 -18.07 43.93
C SER A 7 15.31 -19.03 43.11
N PRO A 8 16.25 -18.48 42.33
CA PRO A 8 16.53 -17.06 42.16
C PRO A 8 15.53 -16.44 41.19
N SER A 9 15.58 -15.11 41.06
CA SER A 9 14.66 -14.35 40.18
C SER A 9 15.08 -14.44 38.70
N SER A 10 16.38 -14.61 38.48
CA SER A 10 16.98 -14.68 37.15
C SER A 10 18.14 -15.66 37.20
N LEU A 11 18.45 -16.31 36.08
CA LEU A 11 19.63 -17.20 36.00
C LEU A 11 20.16 -17.21 34.56
N SER A 12 21.48 -17.01 34.42
CA SER A 12 22.20 -17.23 33.16
C SER A 12 22.78 -18.63 33.24
N ALA A 13 22.72 -19.39 32.15
CA ALA A 13 23.18 -20.78 32.18
C ALA A 13 23.28 -21.40 30.80
N SER A 14 24.31 -22.23 30.60
CA SER A 14 24.63 -22.84 29.31
C SER A 14 24.02 -24.24 29.12
N VAL A 15 23.63 -24.58 27.89
CA VAL A 15 23.24 -25.96 27.55
C VAL A 15 24.31 -26.96 27.99
N THR A 20 18.23 -26.35 38.85
CA THR A 20 17.59 -26.28 40.16
C THR A 20 16.97 -24.91 40.49
N ILE A 21 15.63 -24.84 40.44
CA ILE A 21 14.86 -23.64 40.78
C ILE A 21 14.06 -23.90 42.04
N THR A 22 14.01 -22.93 42.94
CA THR A 22 13.28 -23.10 44.16
C THR A 22 12.00 -22.27 44.11
N CYS A 23 11.01 -22.74 44.85
CA CYS A 23 9.75 -22.09 45.09
C CYS A 23 9.44 -22.34 46.58
N ARG A 24 9.05 -21.29 47.30
CA ARG A 24 8.63 -21.41 48.70
C ARG A 24 7.22 -20.82 48.92
N ALA A 25 6.36 -21.58 49.58
CA ALA A 25 5.03 -21.11 49.97
C ALA A 25 5.10 -20.49 51.37
N SER A 26 4.36 -19.41 51.61
CA SER A 26 4.29 -18.80 52.96
C SER A 26 3.54 -19.72 53.92
N GLN A 27 2.65 -20.57 53.41
CA GLN A 27 1.79 -21.43 54.21
C GLN A 27 1.98 -22.89 53.74
N ASP A 28 1.67 -23.86 54.59
CA ASP A 28 1.86 -25.27 54.23
C ASP A 28 0.82 -25.63 53.19
N ILE A 29 1.27 -25.94 51.99
CA ILE A 29 0.35 -26.33 50.90
C ILE A 29 0.38 -27.81 50.57
N ALA A 30 1.02 -28.60 51.42
CA ALA A 30 1.15 -30.03 51.21
C ALA A 30 1.92 -30.23 49.90
N ALA A 31 1.36 -31.00 48.96
CA ALA A 31 1.97 -31.20 47.64
C ALA A 31 1.24 -30.52 46.45
N ALA A 32 0.40 -29.51 46.73
CA ALA A 32 -0.49 -28.93 45.71
C ALA A 32 0.18 -27.80 44.95
N LEU A 33 1.22 -28.16 44.21
CA LEU A 33 2.15 -27.17 43.69
C LEU A 33 2.44 -27.61 42.28
N ASN A 34 2.33 -26.68 41.35
CA ASN A 34 2.44 -27.00 39.95
C ASN A 34 3.50 -26.16 39.32
N TRP A 35 4.13 -26.67 38.28
CA TRP A 35 5.16 -25.91 37.56
C TRP A 35 4.73 -25.63 36.16
N TYR A 36 5.01 -24.40 35.75
CA TYR A 36 4.67 -23.89 34.45
C TYR A 36 5.88 -23.30 33.75
N GLN A 37 5.90 -23.44 32.44
CA GLN A 37 6.94 -22.89 31.58
C GLN A 37 6.29 -21.91 30.65
N GLN A 38 6.84 -20.69 30.60
CA GLN A 38 6.37 -19.68 29.64
C GLN A 38 7.53 -19.15 28.78
N LYS A 39 7.37 -19.26 27.47
CA LYS A 39 8.22 -18.58 26.50
C LYS A 39 7.63 -17.19 26.18
N PRO A 40 8.45 -16.25 25.65
CA PRO A 40 8.01 -14.85 25.57
C PRO A 40 6.83 -14.64 24.62
N GLY A 41 5.84 -13.89 25.08
CA GLY A 41 4.57 -13.71 24.37
C GLY A 41 3.83 -15.01 24.06
N LYS A 42 4.10 -16.06 24.82
CA LYS A 42 3.36 -17.31 24.71
C LYS A 42 2.59 -17.51 26.02
N ALA A 43 1.61 -18.41 25.99
CA ALA A 43 0.82 -18.74 27.15
C ALA A 43 1.63 -19.65 28.11
N PRO A 44 1.38 -19.58 29.43
CA PRO A 44 2.06 -20.57 30.27
C PRO A 44 1.62 -21.98 29.89
N LYS A 45 2.57 -22.94 29.86
CA LYS A 45 2.24 -24.37 29.69
C LYS A 45 2.59 -25.19 30.95
N LEU A 46 1.65 -26.05 31.34
CA LEU A 46 1.78 -26.86 32.53
C LEU A 46 2.80 -27.95 32.32
N LEU A 47 3.84 -27.96 33.16
CA LEU A 47 4.85 -29.01 33.06
C LEU A 47 4.61 -30.11 34.09
N ILE A 48 4.41 -29.72 35.33
CA ILE A 48 4.34 -30.66 36.43
C ILE A 48 3.13 -30.33 37.28
N TYR A 49 2.40 -31.37 37.65
CA TYR A 49 1.25 -31.23 38.51
C TYR A 49 1.54 -31.89 39.87
N ALA A 50 0.98 -31.28 40.93
CA ALA A 50 1.03 -31.88 42.26
C ALA A 50 2.45 -32.30 42.62
N SER A 51 3.39 -31.38 42.44
CA SER A 51 4.77 -31.52 42.88
C SER A 51 5.66 -32.32 41.90
N SER A 52 5.21 -33.48 41.49
CA SER A 52 6.06 -34.38 40.70
C SER A 52 5.37 -35.14 39.54
N TYR A 53 4.09 -34.91 39.31
CA TYR A 53 3.40 -35.63 38.24
C TYR A 53 3.60 -34.91 36.90
N LEU A 54 4.51 -35.44 36.08
CA LEU A 54 4.83 -34.83 34.79
C LEU A 54 3.65 -34.99 33.83
N GLN A 55 3.37 -33.96 33.04
CA GLN A 55 2.31 -34.03 32.04
C GLN A 55 2.82 -34.73 30.77
N SER A 56 1.92 -35.41 30.06
CA SER A 56 2.30 -36.27 28.91
C SER A 56 2.82 -35.49 27.71
N GLY A 57 4.07 -35.74 27.35
CA GLY A 57 4.79 -34.95 26.36
C GLY A 57 5.99 -34.22 26.94
N VAL A 58 5.99 -33.99 28.25
CA VAL A 58 7.11 -33.33 28.92
C VAL A 58 8.27 -34.31 29.17
N PRO A 59 9.45 -34.03 28.61
CA PRO A 59 10.60 -34.94 28.79
C PRO A 59 11.11 -35.10 30.24
N SER A 60 11.69 -36.28 30.46
CA SER A 60 12.13 -36.76 31.77
C SER A 60 13.22 -35.94 32.44
N ARG A 61 13.86 -35.06 31.68
CA ARG A 61 14.88 -34.17 32.25
C ARG A 61 14.25 -33.17 33.21
N PHE A 62 12.96 -32.88 32.99
CA PHE A 62 12.17 -32.11 33.95
C PHE A 62 11.64 -33.03 35.04
N SER A 63 12.15 -32.86 36.25
CA SER A 63 11.60 -33.56 37.40
C SER A 63 11.19 -32.50 38.42
N GLY A 64 10.32 -32.90 39.35
CA GLY A 64 9.83 -32.01 40.39
C GLY A 64 9.75 -32.69 41.73
N SER A 65 9.90 -31.89 42.78
CA SER A 65 9.99 -32.45 44.13
C SER A 65 9.54 -31.50 45.21
N GLY A 66 9.16 -32.07 46.35
CA GLY A 66 8.94 -31.34 47.59
C GLY A 66 7.53 -31.48 48.08
N SER A 67 7.34 -31.13 49.35
CA SER A 67 6.06 -31.16 50.03
C SER A 67 6.02 -29.97 51.00
N GLY A 68 4.92 -29.82 51.73
CA GLY A 68 4.79 -28.72 52.69
C GLY A 68 4.91 -27.33 52.07
N THR A 69 6.09 -26.73 52.22
CA THR A 69 6.33 -25.36 51.77
C THR A 69 7.57 -25.15 50.91
N ASP A 70 8.40 -26.17 50.68
CA ASP A 70 9.61 -25.96 49.90
C ASP A 70 9.76 -26.96 48.74
N PHE A 71 9.86 -26.42 47.52
CA PHE A 71 9.70 -27.23 46.32
C PHE A 71 10.80 -26.96 45.34
N THR A 72 11.06 -27.89 44.43
CA THR A 72 12.17 -27.76 43.49
C THR A 72 11.79 -28.19 42.09
N LEU A 73 12.15 -27.39 41.08
CA LEU A 73 12.13 -27.89 39.70
C LEU A 73 13.56 -28.14 39.21
N THR A 74 13.79 -29.23 38.48
CA THR A 74 15.16 -29.62 38.08
C THR A 74 15.35 -29.72 36.57
N ILE A 75 16.35 -28.99 36.07
CA ILE A 75 16.76 -28.97 34.67
C ILE A 75 18.14 -29.63 34.51
N GLU A 81 16.22 -23.92 24.04
CA GLU A 81 15.20 -24.97 24.15
C GLU A 81 14.35 -24.73 25.41
N ASP A 82 15.04 -24.64 26.55
CA ASP A 82 14.41 -24.47 27.86
C ASP A 82 14.66 -23.09 28.50
N PHE A 83 15.36 -22.19 27.81
CA PHE A 83 15.42 -20.81 28.28
C PHE A 83 13.98 -20.34 28.21
N ALA A 84 13.48 -19.91 29.35
CA ALA A 84 12.12 -19.46 29.49
C ALA A 84 12.00 -18.89 30.89
N THR A 85 10.82 -18.38 31.22
CA THR A 85 10.48 -18.20 32.61
C THR A 85 9.73 -19.42 33.13
N TYR A 86 10.05 -19.78 34.36
CA TYR A 86 9.36 -20.87 35.03
C TYR A 86 8.56 -20.34 36.21
N TYR A 87 7.33 -20.83 36.32
CA TYR A 87 6.47 -20.40 37.41
C TYR A 87 5.98 -21.56 38.23
N CYS A 88 6.06 -21.43 39.54
CA CYS A 88 5.27 -22.30 40.36
C CYS A 88 3.87 -21.69 40.57
N GLN A 89 2.91 -22.58 40.79
CA GLN A 89 1.53 -22.19 41.08
C GLN A 89 0.97 -23.21 42.05
N GLN A 90 0.38 -22.73 43.14
CA GLN A 90 -0.41 -23.57 44.02
C GLN A 90 -1.87 -23.39 43.63
N ASP A 91 -2.57 -24.53 43.46
CA ASP A 91 -4.01 -24.58 43.19
C ASP A 91 -4.77 -25.44 44.20
N GLY A 92 -4.30 -25.49 45.43
CA GLY A 92 -5.00 -26.20 46.50
C GLY A 92 -5.82 -25.30 47.41
N TYR A 93 -5.56 -23.99 47.36
CA TYR A 93 -6.22 -23.04 48.24
C TYR A 93 -6.63 -21.81 47.46
N TYR A 94 -7.82 -21.30 47.76
CA TYR A 94 -8.39 -20.12 47.12
C TYR A 94 -7.82 -18.83 47.72
N PRO A 95 -7.26 -17.93 46.89
CA PRO A 95 -7.13 -17.94 45.42
C PRO A 95 -5.84 -18.66 44.92
N ALA A 96 -5.92 -19.37 43.79
CA ALA A 96 -4.75 -19.96 43.16
C ALA A 96 -3.73 -18.87 42.87
N THR A 97 -2.45 -19.11 43.18
CA THR A 97 -1.41 -18.10 43.07
C THR A 97 -0.12 -18.62 42.41
N PHE A 98 0.58 -17.71 41.76
CA PHE A 98 1.84 -18.00 41.13
C PHE A 98 2.95 -17.29 41.90
N GLY A 99 4.15 -17.85 41.80
CA GLY A 99 5.34 -17.16 42.24
C GLY A 99 5.76 -16.22 41.14
N GLN A 100 6.68 -15.32 41.50
CA GLN A 100 7.03 -14.19 40.64
C GLN A 100 7.87 -14.61 39.45
N GLY A 101 8.26 -15.88 39.40
CA GLY A 101 8.95 -16.42 38.24
C GLY A 101 10.45 -16.43 38.42
N THR A 102 11.11 -17.31 37.66
CA THR A 102 12.57 -17.32 37.51
C THR A 102 12.92 -17.32 36.03
N LYS A 103 13.74 -16.34 35.60
CA LYS A 103 14.15 -16.18 34.19
C LYS A 103 15.53 -16.76 33.91
N ASP B 1 -7.74 -32.85 25.80
CA ASP B 1 -7.85 -31.70 26.70
C ASP B 1 -8.91 -30.74 26.18
N ILE B 2 -9.09 -29.63 26.88
CA ILE B 2 -9.93 -28.57 26.40
C ILE B 2 -9.04 -27.48 25.82
N GLN B 3 -9.38 -27.07 24.61
CA GLN B 3 -8.62 -26.07 23.86
C GLN B 3 -9.35 -24.73 24.08
N MET B 4 -8.66 -23.74 24.63
CA MET B 4 -9.24 -22.40 24.82
C MET B 4 -8.81 -21.52 23.64
N THR B 5 -9.75 -20.85 23.01
CA THR B 5 -9.44 -19.92 21.94
C THR B 5 -9.77 -18.52 22.44
N GLN B 6 -8.75 -17.66 22.46
CA GLN B 6 -8.89 -16.31 22.96
C GLN B 6 -8.75 -15.30 21.84
N SER B 7 -9.53 -14.24 21.91
CA SER B 7 -9.42 -13.19 20.92
C SER B 7 -9.85 -11.83 21.44
N PRO B 8 -9.26 -10.76 20.88
CA PRO B 8 -8.23 -10.77 19.88
C PRO B 8 -6.86 -11.10 20.52
N SER B 9 -5.80 -11.07 19.72
CA SER B 9 -4.46 -11.46 20.11
C SER B 9 -3.75 -10.27 20.76
N SER B 10 -3.96 -9.08 20.20
CA SER B 10 -3.66 -7.88 20.96
C SER B 10 -4.62 -6.75 20.61
N LEU B 11 -4.62 -5.73 21.43
CA LEU B 11 -5.38 -4.56 21.14
C LEU B 11 -4.80 -3.35 21.79
N SER B 12 -5.15 -2.21 21.22
CA SER B 12 -4.70 -0.95 21.70
C SER B 12 -5.91 -0.07 21.63
N ALA B 13 -6.16 0.69 22.71
CA ALA B 13 -7.25 1.66 22.71
C ALA B 13 -6.85 2.82 23.60
N SER B 14 -7.78 3.76 23.80
CA SER B 14 -7.48 5.00 24.60
C SER B 14 -7.98 4.92 26.03
N VAL B 15 -7.49 5.81 26.90
CA VAL B 15 -7.93 5.87 28.28
C VAL B 15 -9.42 6.14 28.31
N GLY B 16 -10.16 5.37 29.09
CA GLY B 16 -11.62 5.54 29.17
C GLY B 16 -12.42 4.63 28.20
N ASP B 17 -11.79 4.14 27.15
CA ASP B 17 -12.50 3.22 26.22
C ASP B 17 -13.01 1.91 26.87
N ARG B 18 -14.07 1.36 26.31
CA ARG B 18 -14.59 0.05 26.70
C ARG B 18 -13.92 -0.96 25.81
N VAL B 19 -13.35 -2.01 26.42
CA VAL B 19 -12.71 -3.08 25.67
C VAL B 19 -13.17 -4.44 26.16
N THR B 20 -13.25 -5.38 25.22
CA THR B 20 -13.81 -6.69 25.47
C THR B 20 -12.93 -7.76 24.81
N ILE B 21 -12.65 -8.82 25.56
CA ILE B 21 -11.82 -9.95 25.15
C ILE B 21 -12.68 -11.19 25.32
N THR B 22 -12.62 -12.08 24.34
CA THR B 22 -13.47 -13.25 24.25
C THR B 22 -12.62 -14.51 24.41
N CYS B 23 -13.24 -15.54 24.98
CA CYS B 23 -12.58 -16.81 25.20
C CYS B 23 -13.61 -17.86 24.91
N ARG B 24 -13.29 -18.77 23.98
CA ARG B 24 -14.22 -19.85 23.55
C ARG B 24 -13.59 -21.19 23.89
N ALA B 25 -14.30 -22.02 24.68
CA ALA B 25 -13.81 -23.33 25.06
C ALA B 25 -14.31 -24.35 24.06
N SER B 26 -13.49 -25.35 23.81
CA SER B 26 -13.72 -26.33 22.80
C SER B 26 -14.84 -27.31 23.19
N GLN B 27 -15.22 -27.33 24.46
CA GLN B 27 -16.50 -27.92 24.86
C GLN B 27 -17.08 -27.18 26.08
N ASP B 28 -18.27 -27.58 26.53
CA ASP B 28 -18.97 -26.92 27.62
C ASP B 28 -18.22 -27.11 28.94
N ILE B 29 -17.75 -26.02 29.55
CA ILE B 29 -17.04 -26.11 30.84
C ILE B 29 -17.81 -25.42 31.98
N ALA B 30 -19.12 -25.28 31.82
CA ALA B 30 -19.97 -24.58 32.78
C ALA B 30 -19.37 -23.21 33.13
N ALA B 31 -19.14 -22.92 34.41
CA ALA B 31 -18.51 -21.66 34.79
C ALA B 31 -17.06 -21.86 35.25
N ALA B 32 -16.44 -22.97 34.87
CA ALA B 32 -15.08 -23.29 35.37
C ALA B 32 -14.01 -22.62 34.50
N LEU B 33 -14.07 -21.28 34.48
CA LEU B 33 -13.27 -20.44 33.62
C LEU B 33 -12.79 -19.23 34.42
N ASN B 34 -11.48 -19.01 34.42
CA ASN B 34 -10.86 -17.92 35.16
C ASN B 34 -10.14 -17.00 34.18
N TRP B 35 -9.89 -15.76 34.60
CA TRP B 35 -9.14 -14.77 33.84
C TRP B 35 -7.96 -14.36 34.68
N TYR B 36 -6.78 -14.34 34.06
CA TYR B 36 -5.54 -13.91 34.67
C TYR B 36 -5.01 -12.63 34.04
N GLN B 37 -4.46 -11.74 34.87
CA GLN B 37 -3.74 -10.58 34.35
C GLN B 37 -2.24 -10.74 34.56
N GLN B 38 -1.47 -10.58 33.49
CA GLN B 38 0.01 -10.65 33.65
C GLN B 38 0.61 -9.35 33.23
N LYS B 39 0.90 -8.48 34.20
CA LYS B 39 1.65 -7.23 33.93
C LYS B 39 3.12 -7.57 33.62
N PRO B 40 3.82 -6.67 32.90
CA PRO B 40 5.17 -6.91 32.43
C PRO B 40 6.07 -7.16 33.60
N GLY B 41 6.84 -8.25 33.50
CA GLY B 41 7.85 -8.56 34.50
C GLY B 41 7.20 -9.30 35.64
N LYS B 42 5.90 -9.58 35.55
CA LYS B 42 5.23 -10.21 36.69
C LYS B 42 4.62 -11.53 36.33
N ALA B 43 4.23 -12.23 37.37
CA ALA B 43 3.50 -13.46 37.23
C ALA B 43 2.06 -13.14 36.84
N PRO B 44 1.39 -14.11 36.24
CA PRO B 44 -0.03 -14.03 36.11
C PRO B 44 -0.71 -13.96 37.47
N LYS B 45 -1.73 -13.12 37.60
CA LYS B 45 -2.52 -13.03 38.82
C LYS B 45 -4.03 -13.17 38.48
N LEU B 46 -4.72 -13.97 39.28
CA LEU B 46 -6.16 -14.20 39.18
C LEU B 46 -6.88 -12.87 39.30
N LEU B 47 -7.62 -12.48 38.27
CA LEU B 47 -8.44 -11.29 38.25
C LEU B 47 -9.91 -11.64 38.47
N ILE B 48 -10.38 -12.66 37.76
CA ILE B 48 -11.76 -13.11 37.89
C ILE B 48 -11.80 -14.62 38.01
N TYR B 49 -12.59 -15.10 38.98
CA TYR B 49 -12.73 -16.52 39.25
C TYR B 49 -14.10 -16.95 38.77
N ALA B 50 -14.13 -18.12 38.14
CA ALA B 50 -15.38 -18.79 37.78
C ALA B 50 -16.27 -17.89 36.93
N SER B 51 -15.74 -17.43 35.81
CA SER B 51 -16.44 -16.56 34.88
C SER B 51 -16.78 -15.15 35.35
N SER B 52 -17.28 -14.94 36.57
CA SER B 52 -17.65 -13.56 37.03
C SER B 52 -17.21 -13.06 38.41
N TYR B 53 -16.65 -13.89 39.31
CA TYR B 53 -16.31 -13.45 40.69
C TYR B 53 -14.99 -12.62 40.71
N LEU B 54 -15.15 -11.30 40.86
CA LEU B 54 -14.02 -10.37 40.95
C LEU B 54 -13.17 -10.65 42.17
N GLN B 55 -11.86 -10.75 42.01
CA GLN B 55 -10.95 -10.93 43.15
C GLN B 55 -10.78 -9.65 43.89
N SER B 56 -10.45 -9.73 45.18
CA SER B 56 -10.39 -8.53 45.99
C SER B 56 -9.28 -7.61 45.50
N GLY B 57 -9.49 -6.32 45.70
CA GLY B 57 -8.62 -5.29 45.14
C GLY B 57 -8.70 -5.09 43.63
N VAL B 58 -9.41 -5.93 42.88
CA VAL B 58 -9.56 -5.67 41.48
C VAL B 58 -10.67 -4.61 41.33
N PRO B 59 -10.42 -3.56 40.54
CA PRO B 59 -11.38 -2.46 40.38
C PRO B 59 -12.64 -2.87 39.62
N SER B 60 -13.74 -2.20 39.90
CA SER B 60 -15.05 -2.65 39.38
C SER B 60 -15.27 -2.30 37.88
N ARG B 61 -14.31 -1.64 37.25
CA ARG B 61 -14.27 -1.56 35.81
C ARG B 61 -14.04 -2.91 35.10
N PHE B 62 -13.53 -3.92 35.81
CA PHE B 62 -13.35 -5.26 35.21
C PHE B 62 -14.57 -6.08 35.48
N SER B 63 -15.03 -6.84 34.50
CA SER B 63 -16.05 -7.84 34.80
C SER B 63 -15.98 -8.95 33.81
N GLY B 64 -16.68 -10.02 34.12
CA GLY B 64 -16.70 -11.15 33.26
C GLY B 64 -18.04 -11.82 33.24
N SER B 65 -18.35 -12.46 32.13
CA SER B 65 -19.60 -13.24 32.03
C SER B 65 -19.44 -14.43 31.09
N GLY B 66 -20.46 -15.29 31.11
CA GLY B 66 -20.49 -16.44 30.26
C GLY B 66 -20.65 -17.68 31.12
N SER B 67 -21.20 -18.70 30.49
CA SER B 67 -21.33 -20.01 31.12
C SER B 67 -21.57 -20.97 29.99
N GLY B 68 -20.81 -22.05 29.93
CA GLY B 68 -20.90 -22.99 28.81
C GLY B 68 -19.63 -22.97 28.00
N THR B 69 -19.71 -22.43 26.79
CA THR B 69 -18.56 -22.41 25.90
C THR B 69 -17.94 -21.01 25.68
N ASP B 70 -18.72 -19.93 25.82
CA ASP B 70 -18.29 -18.58 25.38
C ASP B 70 -18.23 -17.59 26.53
N PHE B 71 -17.10 -16.92 26.66
CA PHE B 71 -16.85 -16.10 27.81
C PHE B 71 -16.27 -14.77 27.41
N THR B 72 -16.48 -13.75 28.23
CA THR B 72 -15.99 -12.41 27.98
C THR B 72 -15.47 -11.75 29.23
N LEU B 73 -14.39 -10.98 29.05
CA LEU B 73 -13.84 -10.09 30.04
C LEU B 73 -13.99 -8.70 29.42
N THR B 74 -14.59 -7.78 30.18
CA THR B 74 -14.78 -6.42 29.72
C THR B 74 -14.09 -5.50 30.70
N ILE B 75 -13.32 -4.57 30.17
CA ILE B 75 -12.80 -3.47 30.92
C ILE B 75 -13.62 -2.28 30.48
N SER B 76 -14.42 -1.74 31.40
CA SER B 76 -15.40 -0.74 31.02
C SER B 76 -14.79 0.64 30.83
N SER B 77 -13.62 0.91 31.42
CA SER B 77 -12.93 2.21 31.28
C SER B 77 -11.42 1.99 31.30
N LEU B 78 -10.84 1.69 30.13
CA LEU B 78 -9.42 1.32 30.06
C LEU B 78 -8.49 2.34 30.67
N GLN B 79 -7.56 1.85 31.50
CA GLN B 79 -6.62 2.69 32.18
C GLN B 79 -5.18 2.24 31.83
N PRO B 80 -4.18 3.15 31.94
CA PRO B 80 -2.82 2.78 31.58
C PRO B 80 -2.21 1.65 32.40
N GLU B 81 -2.66 1.45 33.62
CA GLU B 81 -2.18 0.39 34.47
C GLU B 81 -2.67 -1.01 34.04
N ASP B 82 -3.64 -1.07 33.13
CA ASP B 82 -4.17 -2.33 32.54
C ASP B 82 -3.30 -2.93 31.46
N PHE B 83 -2.27 -2.20 31.05
CA PHE B 83 -1.20 -2.67 30.18
C PHE B 83 -0.70 -4.01 30.70
N ALA B 84 -1.02 -5.08 29.98
CA ALA B 84 -0.82 -6.44 30.45
C ALA B 84 -1.24 -7.39 29.35
N THR B 85 -0.96 -8.65 29.54
CA THR B 85 -1.51 -9.72 28.73
C THR B 85 -2.52 -10.41 29.59
N TYR B 86 -3.71 -10.70 29.03
CA TYR B 86 -4.76 -11.31 29.80
C TYR B 86 -5.01 -12.72 29.35
N TYR B 87 -5.08 -13.65 30.29
CA TYR B 87 -5.30 -15.05 29.86
C TYR B 87 -6.59 -15.61 30.44
N CYS B 88 -7.37 -16.30 29.60
CA CYS B 88 -8.37 -17.18 30.19
C CYS B 88 -7.75 -18.58 30.44
N GLN B 89 -8.38 -19.29 31.39
CA GLN B 89 -7.95 -20.61 31.82
C GLN B 89 -9.16 -21.41 32.32
N GLN B 90 -9.41 -22.58 31.71
CA GLN B 90 -10.47 -23.45 32.20
C GLN B 90 -9.84 -24.37 33.21
N ASP B 91 -10.49 -24.57 34.35
CA ASP B 91 -9.91 -25.30 35.46
C ASP B 91 -10.90 -26.33 35.96
N GLY B 92 -11.78 -26.74 35.07
CA GLY B 92 -12.78 -27.71 35.38
C GLY B 92 -12.36 -29.12 34.97
N TYR B 93 -11.49 -29.24 33.97
CA TYR B 93 -11.02 -30.55 33.54
C TYR B 93 -9.50 -30.60 33.56
N TYR B 94 -8.98 -31.71 34.05
CA TYR B 94 -7.55 -31.96 33.99
C TYR B 94 -7.08 -32.30 32.57
N PRO B 95 -5.98 -31.67 32.13
CA PRO B 95 -5.26 -30.66 32.88
C PRO B 95 -5.78 -29.25 32.58
N ALA B 96 -5.68 -28.36 33.56
CA ALA B 96 -6.00 -26.93 33.40
C ALA B 96 -5.34 -26.41 32.12
N THR B 97 -6.06 -25.66 31.31
CA THR B 97 -5.48 -25.10 30.08
C THR B 97 -5.76 -23.59 29.90
N PHE B 98 -4.74 -22.87 29.39
CA PHE B 98 -4.82 -21.44 29.10
C PHE B 98 -5.15 -21.13 27.64
N GLY B 99 -5.93 -20.08 27.41
CA GLY B 99 -5.90 -19.34 26.14
C GLY B 99 -4.54 -18.79 25.72
N GLN B 100 -4.44 -18.25 24.52
CA GLN B 100 -3.15 -17.81 23.99
C GLN B 100 -2.79 -16.41 24.43
N GLY B 101 -3.77 -15.70 24.99
CA GLY B 101 -3.52 -14.43 25.67
C GLY B 101 -3.89 -13.27 24.77
N THR B 102 -4.09 -12.09 25.36
CA THR B 102 -4.41 -10.87 24.59
C THR B 102 -3.57 -9.76 25.19
N LYS B 103 -2.62 -9.20 24.44
CA LYS B 103 -1.81 -8.05 24.96
C LYS B 103 -2.70 -6.84 24.79
N VAL B 104 -2.86 -6.09 25.86
CA VAL B 104 -3.62 -4.85 25.85
C VAL B 104 -2.71 -3.67 26.06
N GLU B 105 -2.72 -2.73 25.12
CA GLU B 105 -1.92 -1.49 25.23
C GLU B 105 -2.81 -0.25 25.28
N ILE B 106 -2.31 0.84 25.87
CA ILE B 106 -3.07 2.03 26.06
C ILE B 106 -2.34 3.19 25.38
N LYS B 107 -2.95 3.79 24.36
CA LYS B 107 -2.37 4.98 23.71
C LYS B 107 -1.86 6.03 24.74
N ASP C 1 -24.79 -0.06 -8.75
CA ASP C 1 -24.29 0.91 -7.72
C ASP C 1 -23.75 2.14 -8.42
N ILE C 2 -23.86 3.29 -7.77
CA ILE C 2 -23.42 4.55 -8.35
C ILE C 2 -21.95 4.79 -8.06
N GLN C 3 -21.12 4.66 -9.10
CA GLN C 3 -19.69 4.85 -8.98
C GLN C 3 -19.35 6.31 -9.02
N MET C 4 -18.45 6.71 -8.13
CA MET C 4 -18.01 8.09 -7.98
C MET C 4 -16.51 8.12 -8.25
N THR C 5 -16.03 8.99 -9.14
CA THR C 5 -14.60 9.06 -9.49
C THR C 5 -14.09 10.50 -9.37
N GLN C 6 -13.11 10.74 -8.50
CA GLN C 6 -12.60 12.10 -8.27
C GLN C 6 -11.36 12.32 -9.08
N SER C 7 -11.16 13.57 -9.51
CA SER C 7 -9.95 14.00 -10.20
C SER C 7 -9.46 15.25 -9.45
N PRO C 8 -8.16 15.32 -9.11
CA PRO C 8 -7.09 14.35 -9.26
C PRO C 8 -7.05 13.35 -8.12
N SER C 9 -6.26 12.29 -8.26
CA SER C 9 -6.14 11.28 -7.21
C SER C 9 -5.36 11.87 -6.03
N SER C 10 -4.45 12.79 -6.34
CA SER C 10 -3.59 13.42 -5.33
C SER C 10 -3.06 14.77 -5.82
N LEU C 11 -2.76 15.66 -4.88
CA LEU C 11 -2.31 17.00 -5.20
C LEU C 11 -1.30 17.50 -4.17
N SER C 12 -0.23 18.09 -4.66
CA SER C 12 0.69 18.83 -3.81
C SER C 12 0.36 20.31 -3.96
N ALA C 13 0.30 21.03 -2.84
CA ALA C 13 0.00 22.47 -2.84
C ALA C 13 0.65 23.14 -1.63
N SER C 14 0.87 24.46 -1.70
CA SER C 14 1.51 25.20 -0.60
C SER C 14 0.42 25.91 0.19
N VAL C 15 0.71 26.40 1.38
CA VAL C 15 -0.32 27.10 2.18
C VAL C 15 -0.84 28.36 1.47
N GLY C 16 -0.41 28.59 0.22
CA GLY C 16 -1.04 29.55 -0.69
C GLY C 16 -2.55 29.73 -0.56
N ASP C 17 -3.40 29.18 -1.44
CA ASP C 17 -3.14 28.34 -2.63
C ASP C 17 -4.57 27.79 -2.88
N ARG C 18 -5.01 27.83 -4.13
CA ARG C 18 -6.38 27.49 -4.49
C ARG C 18 -6.41 26.06 -5.01
N VAL C 19 -7.20 25.21 -4.37
CA VAL C 19 -7.33 23.82 -4.77
C VAL C 19 -8.73 23.62 -5.33
N THR C 20 -8.78 22.94 -6.48
CA THR C 20 -10.01 22.50 -7.09
C THR C 20 -9.97 20.97 -7.23
N ILE C 21 -10.97 20.31 -6.63
CA ILE C 21 -11.12 18.86 -6.67
C ILE C 21 -12.48 18.53 -7.28
N THR C 22 -12.50 17.69 -8.31
CA THR C 22 -13.74 17.36 -9.03
C THR C 22 -14.19 15.94 -8.72
N CYS C 23 -15.51 15.72 -8.73
CA CYS C 23 -16.09 14.40 -8.53
C CYS C 23 -17.05 14.13 -9.69
N ARG C 24 -17.02 12.92 -10.25
CA ARG C 24 -17.94 12.58 -11.36
C ARG C 24 -18.84 11.40 -10.96
N ALA C 25 -20.16 11.54 -11.10
CA ALA C 25 -21.07 10.42 -10.80
C ALA C 25 -21.49 9.69 -12.07
N SER C 26 -21.45 8.36 -12.03
CA SER C 26 -21.81 7.49 -13.16
C SER C 26 -23.28 7.58 -13.59
N GLN C 27 -24.12 8.20 -12.76
CA GLN C 27 -25.52 8.49 -13.10
C GLN C 27 -25.90 9.83 -12.47
N ASP C 28 -26.82 10.54 -13.10
CA ASP C 28 -27.35 11.80 -12.58
C ASP C 28 -27.89 11.55 -11.18
N ILE C 29 -27.38 12.30 -10.19
CA ILE C 29 -27.83 12.19 -8.78
C ILE C 29 -28.38 13.53 -8.26
N ALA C 30 -29.01 14.27 -9.16
CA ALA C 30 -29.30 15.70 -9.03
C ALA C 30 -28.21 16.44 -8.21
N ALA C 31 -28.46 16.76 -6.95
CA ALA C 31 -27.46 17.42 -6.12
C ALA C 31 -27.22 16.73 -4.76
N ALA C 32 -27.43 15.43 -4.67
CA ALA C 32 -27.21 14.69 -3.44
C ALA C 32 -25.79 14.23 -3.35
N LEU C 33 -24.86 15.18 -3.41
CA LEU C 33 -23.44 14.89 -3.37
C LEU C 33 -22.81 15.67 -2.21
N ASN C 34 -22.04 14.95 -1.37
CA ASN C 34 -21.48 15.45 -0.14
C ASN C 34 -19.95 15.36 -0.17
N TRP C 35 -19.30 16.17 0.66
CA TRP C 35 -17.85 16.12 0.79
C TRP C 35 -17.42 15.90 2.19
N TYR C 36 -16.54 14.91 2.35
CA TYR C 36 -15.88 14.63 3.61
C TYR C 36 -14.38 14.94 3.57
N GLN C 37 -13.83 15.30 4.71
CA GLN C 37 -12.39 15.49 4.88
C GLN C 37 -11.95 14.48 5.92
N GLN C 38 -10.83 13.80 5.66
CA GLN C 38 -10.32 12.81 6.58
C GLN C 38 -8.85 13.08 6.71
N LYS C 39 -8.46 13.48 7.91
CA LYS C 39 -7.08 13.74 8.25
C LYS C 39 -6.50 12.37 8.51
N PRO C 40 -5.15 12.27 8.52
CA PRO C 40 -4.52 10.99 8.75
C PRO C 40 -4.91 10.37 10.08
N GLY C 41 -5.22 9.06 10.06
CA GLY C 41 -5.61 8.30 11.25
C GLY C 41 -6.88 8.73 11.95
N LYS C 42 -7.69 9.53 11.27
CA LYS C 42 -8.80 10.22 11.89
C LYS C 42 -10.11 9.86 11.19
N ALA C 43 -11.21 10.20 11.86
CA ALA C 43 -12.56 9.96 11.33
C ALA C 43 -12.91 10.97 10.23
N PRO C 44 -13.53 10.53 9.13
CA PRO C 44 -14.08 11.47 8.16
C PRO C 44 -15.06 12.47 8.80
N LYS C 45 -14.90 13.75 8.44
CA LYS C 45 -15.79 14.83 8.83
C LYS C 45 -16.56 15.40 7.60
N LEU C 46 -17.88 15.48 7.70
CA LEU C 46 -18.69 16.08 6.67
C LEU C 46 -18.40 17.57 6.64
N LEU C 47 -17.97 18.11 5.50
CA LEU C 47 -17.85 19.55 5.31
C LEU C 47 -18.99 20.17 4.49
N ILE C 48 -19.45 19.47 3.46
CA ILE C 48 -20.48 20.01 2.58
C ILE C 48 -21.54 18.95 2.33
N TYR C 49 -22.80 19.34 2.50
CA TYR C 49 -23.91 18.44 2.18
C TYR C 49 -24.66 18.93 0.99
N ALA C 50 -25.16 17.99 0.19
CA ALA C 50 -26.07 18.31 -0.90
C ALA C 50 -25.46 19.36 -1.82
N SER C 51 -24.22 19.09 -2.22
CA SER C 51 -23.45 19.89 -3.17
C SER C 51 -22.96 21.23 -2.68
N SER C 52 -23.81 22.01 -2.01
CA SER C 52 -23.47 23.40 -1.64
C SER C 52 -23.81 23.86 -0.22
N TYR C 53 -24.34 23.01 0.65
CA TYR C 53 -24.64 23.42 2.04
C TYR C 53 -23.41 23.21 2.90
N LEU C 54 -22.75 24.30 3.21
CA LEU C 54 -21.59 24.31 4.06
C LEU C 54 -22.01 23.98 5.47
N GLN C 55 -21.34 23.04 6.11
CA GLN C 55 -21.77 22.63 7.45
C GLN C 55 -21.32 23.63 8.49
N SER C 56 -22.08 23.78 9.57
CA SER C 56 -21.74 24.75 10.61
C SER C 56 -20.39 24.37 11.22
N GLY C 57 -19.54 25.38 11.47
CA GLY C 57 -18.21 25.19 12.05
C GLY C 57 -17.13 25.16 10.99
N VAL C 58 -17.53 24.91 9.74
CA VAL C 58 -16.56 24.76 8.65
C VAL C 58 -16.27 26.11 8.01
N PRO C 59 -14.97 26.49 7.89
CA PRO C 59 -14.61 27.82 7.34
C PRO C 59 -15.15 28.07 5.94
N SER C 60 -15.50 29.32 5.65
CA SER C 60 -16.15 29.66 4.37
C SER C 60 -15.20 29.63 3.16
N ARG C 61 -13.95 29.25 3.37
CA ARG C 61 -13.06 29.00 2.26
C ARG C 61 -13.41 27.67 1.55
N PHE C 62 -14.09 26.77 2.25
CA PHE C 62 -14.67 25.58 1.59
C PHE C 62 -16.03 25.91 0.97
N SER C 63 -16.13 25.73 -0.34
CA SER C 63 -17.40 25.83 -1.00
C SER C 63 -17.52 24.69 -1.98
N GLY C 64 -18.76 24.31 -2.27
CA GLY C 64 -19.02 23.26 -3.24
C GLY C 64 -20.05 23.68 -4.25
N SER C 65 -19.98 23.10 -5.44
CA SER C 65 -20.98 23.40 -6.47
C SER C 65 -21.28 22.19 -7.32
N GLY C 66 -22.32 22.35 -8.14
CA GLY C 66 -22.61 21.43 -9.23
C GLY C 66 -23.92 20.73 -9.03
N SER C 67 -24.37 20.07 -10.10
CA SER C 67 -25.62 19.31 -10.13
C SER C 67 -25.51 18.25 -11.25
N GLY C 68 -26.37 17.24 -11.22
CA GLY C 68 -26.40 16.23 -12.26
C GLY C 68 -25.35 15.16 -12.04
N THR C 69 -24.23 15.27 -12.75
CA THR C 69 -23.14 14.28 -12.67
C THR C 69 -21.80 14.89 -12.32
N ASP C 70 -21.59 16.18 -12.59
CA ASP C 70 -20.32 16.83 -12.25
C ASP C 70 -20.39 17.73 -11.04
N PHE C 71 -19.47 17.52 -10.09
CA PHE C 71 -19.42 18.33 -8.87
C PHE C 71 -18.00 18.79 -8.59
N THR C 72 -17.86 19.91 -7.87
CA THR C 72 -16.57 20.52 -7.60
C THR C 72 -16.49 21.01 -6.14
N LEU C 73 -15.40 20.68 -5.47
CA LEU C 73 -15.08 21.25 -4.18
C LEU C 73 -13.95 22.23 -4.41
N THR C 74 -14.13 23.42 -3.90
CA THR C 74 -13.13 24.46 -4.02
C THR C 74 -12.67 24.86 -2.64
N ILE C 75 -11.35 24.94 -2.45
CA ILE C 75 -10.82 25.53 -1.25
C ILE C 75 -10.17 26.80 -1.69
N SER C 76 -10.73 27.93 -1.27
CA SER C 76 -10.33 29.21 -1.83
C SER C 76 -8.91 29.58 -1.41
N SER C 77 -8.50 29.20 -0.21
CA SER C 77 -7.15 29.51 0.27
C SER C 77 -6.67 28.49 1.28
N LEU C 78 -5.78 27.61 0.85
CA LEU C 78 -5.44 26.46 1.65
C LEU C 78 -4.76 26.95 2.91
N GLN C 79 -5.20 26.44 4.06
CA GLN C 79 -4.55 26.71 5.32
C GLN C 79 -3.82 25.43 5.80
N PRO C 80 -2.91 25.56 6.79
CA PRO C 80 -2.16 24.41 7.28
C PRO C 80 -3.03 23.24 7.78
N GLU C 81 -4.16 23.54 8.42
CA GLU C 81 -5.07 22.49 8.92
C GLU C 81 -5.79 21.68 7.79
N ASP C 82 -5.68 22.11 6.53
CA ASP C 82 -6.49 21.57 5.41
C ASP C 82 -5.87 20.41 4.64
N PHE C 83 -4.60 20.09 4.94
CA PHE C 83 -3.97 18.96 4.29
C PHE C 83 -4.59 17.69 4.86
N ALA C 84 -5.13 16.89 3.95
CA ALA C 84 -6.06 15.83 4.32
C ALA C 84 -6.46 15.11 3.05
N THR C 85 -7.16 13.99 3.16
CA THR C 85 -7.75 13.34 2.00
C THR C 85 -9.24 13.66 1.94
N TYR C 86 -9.69 14.16 0.79
CA TYR C 86 -11.09 14.58 0.60
C TYR C 86 -11.86 13.57 -0.25
N TYR C 87 -13.10 13.30 0.15
CA TYR C 87 -13.95 12.27 -0.45
C TYR C 87 -15.28 12.85 -0.87
N CYS C 88 -15.70 12.64 -2.09
CA CYS C 88 -17.08 12.85 -2.39
C CYS C 88 -17.92 11.63 -1.95
N GLN C 89 -19.21 11.83 -1.72
CA GLN C 89 -20.11 10.74 -1.31
C GLN C 89 -21.55 11.11 -1.67
N GLN C 90 -22.26 10.19 -2.30
CA GLN C 90 -23.67 10.35 -2.51
C GLN C 90 -24.44 9.52 -1.51
N ASP C 91 -25.40 10.16 -0.86
CA ASP C 91 -26.32 9.50 0.05
C ASP C 91 -27.75 9.76 -0.40
N GLY C 92 -27.94 9.99 -1.69
CA GLY C 92 -29.25 10.09 -2.25
C GLY C 92 -29.84 8.75 -2.68
N TYR C 93 -28.97 7.82 -3.08
CA TYR C 93 -29.39 6.55 -3.69
C TYR C 93 -28.74 5.33 -3.02
N TYR C 94 -29.52 4.25 -2.85
CA TYR C 94 -29.07 3.10 -2.07
C TYR C 94 -28.35 2.15 -2.97
N PRO C 95 -27.13 1.72 -2.60
CA PRO C 95 -26.33 2.09 -1.41
C PRO C 95 -25.58 3.40 -1.53
N ALA C 96 -25.41 4.10 -0.42
CA ALA C 96 -24.49 5.23 -0.38
C ALA C 96 -23.13 4.75 -0.82
N THR C 97 -22.42 5.58 -1.56
CA THR C 97 -21.15 5.22 -2.15
C THR C 97 -20.22 6.42 -2.09
N PHE C 98 -18.93 6.13 -1.92
CA PHE C 98 -17.86 7.10 -1.89
C PHE C 98 -17.02 7.01 -3.15
N GLY C 99 -16.39 8.13 -3.50
CA GLY C 99 -15.30 8.16 -4.48
C GLY C 99 -14.01 7.78 -3.80
N GLN C 100 -12.92 7.67 -4.58
CA GLN C 100 -11.67 7.05 -4.10
C GLN C 100 -10.76 7.97 -3.28
N GLY C 101 -11.05 9.26 -3.31
CA GLY C 101 -10.33 10.20 -2.48
C GLY C 101 -9.42 11.08 -3.30
N THR C 102 -9.13 12.26 -2.75
CA THR C 102 -8.09 13.13 -3.26
C THR C 102 -7.25 13.57 -2.05
N LYS C 103 -5.97 13.17 -2.06
CA LYS C 103 -5.04 13.41 -0.97
C LYS C 103 -4.31 14.70 -1.30
N VAL C 104 -4.45 15.70 -0.44
CA VAL C 104 -3.77 16.99 -0.63
C VAL C 104 -2.65 17.03 0.40
N GLU C 105 -1.40 17.01 -0.09
CA GLU C 105 -0.22 16.97 0.77
C GLU C 105 0.64 18.23 0.57
N ILE C 106 1.48 18.51 1.57
CA ILE C 106 2.40 19.66 1.56
C ILE C 106 3.43 19.52 0.43
N ASP D 1 -24.11 17.59 18.00
CA ASP D 1 -23.74 16.46 17.07
C ASP D 1 -23.51 15.18 17.83
N ILE D 2 -23.91 14.11 17.19
CA ILE D 2 -23.79 12.82 17.77
C ILE D 2 -22.33 12.45 17.68
N GLN D 3 -21.71 12.27 18.84
CA GLN D 3 -20.35 11.75 18.97
C GLN D 3 -20.42 10.23 18.93
N MET D 4 -19.60 9.64 18.07
CA MET D 4 -19.47 8.20 17.92
C MET D 4 -18.16 7.76 18.52
N THR D 5 -18.17 6.71 19.34
CA THR D 5 -16.95 6.28 19.97
C THR D 5 -16.77 4.83 19.62
N GLN D 6 -15.66 4.54 18.96
CA GLN D 6 -15.34 3.23 18.45
C GLN D 6 -14.16 2.70 19.27
N SER D 7 -14.22 1.43 19.67
CA SER D 7 -13.05 0.75 20.23
C SER D 7 -13.03 -0.73 19.82
N PRO D 8 -11.82 -1.34 19.81
CA PRO D 8 -10.57 -0.69 20.12
C PRO D 8 -10.16 0.23 18.97
N SER D 9 -9.05 0.92 19.16
CA SER D 9 -8.47 1.75 18.12
C SER D 9 -7.70 0.85 17.13
N SER D 10 -7.01 -0.17 17.66
CA SER D 10 -6.40 -1.21 16.80
C SER D 10 -6.42 -2.59 17.47
N LEU D 11 -6.36 -3.62 16.63
CA LEU D 11 -6.29 -4.98 17.08
C LEU D 11 -5.53 -5.90 16.08
N SER D 12 -4.96 -6.97 16.64
CA SER D 12 -4.20 -7.97 15.91
C SER D 12 -4.94 -9.28 16.06
N ALA D 13 -4.94 -10.12 15.02
CA ALA D 13 -5.55 -11.46 15.12
C ALA D 13 -5.05 -12.28 13.94
N SER D 14 -5.33 -13.58 13.96
CA SER D 14 -4.90 -14.51 12.91
C SER D 14 -6.02 -14.79 11.91
N VAL D 15 -5.66 -15.13 10.69
CA VAL D 15 -6.63 -15.66 9.75
C VAL D 15 -7.45 -16.75 10.45
N GLY D 16 -8.77 -16.65 10.38
CA GLY D 16 -9.67 -17.63 11.02
C GLY D 16 -10.27 -17.22 12.36
N ASP D 17 -9.70 -16.17 13.02
CA ASP D 17 -10.24 -15.71 14.29
C ASP D 17 -11.56 -14.94 14.15
N ARG D 18 -12.25 -14.86 15.27
CA ARG D 18 -13.40 -14.02 15.43
C ARG D 18 -12.96 -12.78 16.15
N VAL D 19 -13.33 -11.64 15.59
CA VAL D 19 -13.05 -10.38 16.26
C VAL D 19 -14.24 -9.49 16.34
N THR D 20 -14.14 -8.57 17.29
CA THR D 20 -15.24 -7.77 17.70
C THR D 20 -14.86 -6.29 17.86
N ILE D 21 -15.62 -5.42 17.20
CA ILE D 21 -15.43 -4.00 17.20
C ILE D 21 -16.78 -3.42 17.65
N THR D 22 -16.65 -2.37 18.45
CA THR D 22 -17.74 -1.78 19.19
C THR D 22 -17.82 -0.31 18.83
N CYS D 23 -19.05 0.19 18.82
CA CYS D 23 -19.32 1.58 18.54
C CYS D 23 -20.44 2.06 19.48
N ARG D 24 -20.18 3.12 20.24
CA ARG D 24 -21.20 3.73 21.09
C ARG D 24 -21.60 5.13 20.52
N ALA D 25 -22.91 5.40 20.45
CA ALA D 25 -23.43 6.73 20.07
C ALA D 25 -23.71 7.54 21.37
N SER D 26 -23.39 8.82 21.36
CA SER D 26 -23.66 9.72 22.51
C SER D 26 -25.18 9.96 22.81
N GLN D 27 -26.07 9.69 21.87
CA GLN D 27 -27.49 9.54 22.17
C GLN D 27 -28.14 8.44 21.31
N ASP D 28 -29.40 8.14 21.57
CA ASP D 28 -30.06 6.98 21.01
C ASP D 28 -30.22 7.28 19.53
N ILE D 29 -29.80 6.39 18.65
CA ILE D 29 -29.93 6.61 17.20
C ILE D 29 -30.68 5.47 16.51
N ALA D 30 -31.48 4.73 17.28
CA ALA D 30 -32.26 3.61 16.78
C ALA D 30 -31.34 2.62 16.06
N ALA D 31 -31.67 2.22 14.84
CA ALA D 31 -30.78 1.36 14.03
C ALA D 31 -30.06 2.14 12.91
N ALA D 32 -30.00 3.47 12.99
CA ALA D 32 -29.39 4.29 11.92
C ALA D 32 -27.84 4.34 12.01
N LEU D 33 -27.21 3.19 11.88
CA LEU D 33 -25.78 3.03 12.16
C LEU D 33 -25.20 2.14 11.08
N ASN D 34 -24.17 2.62 10.37
CA ASN D 34 -23.57 1.92 9.23
C ASN D 34 -22.13 1.51 9.58
N TRP D 35 -21.65 0.44 8.96
CA TRP D 35 -20.26 0.01 9.07
C TRP D 35 -19.61 0.03 7.72
N TYR D 36 -18.42 0.61 7.70
CA TYR D 36 -17.63 0.71 6.50
C TYR D 36 -16.29 0.05 6.67
N GLN D 37 -15.76 -0.51 5.59
CA GLN D 37 -14.42 -1.03 5.56
C GLN D 37 -13.60 -0.16 4.64
N GLN D 38 -12.40 0.19 5.05
CA GLN D 38 -11.51 0.99 4.20
C GLN D 38 -10.15 0.35 4.12
N LYS D 39 -9.61 0.27 2.92
CA LYS D 39 -8.24 -0.20 2.68
C LYS D 39 -7.34 0.95 2.29
N PRO D 40 -6.01 0.85 2.55
CA PRO D 40 -5.07 1.93 2.29
C PRO D 40 -5.19 2.59 0.92
N GLY D 41 -5.45 3.90 0.92
CA GLY D 41 -5.52 4.65 -0.32
C GLY D 41 -6.75 4.35 -1.14
N LYS D 42 -7.73 3.71 -0.52
CA LYS D 42 -8.97 3.44 -1.19
C LYS D 42 -10.16 4.02 -0.44
N ALA D 43 -11.27 4.04 -1.16
CA ALA D 43 -12.51 4.63 -0.70
C ALA D 43 -13.16 3.73 0.32
N PRO D 44 -13.74 4.31 1.36
CA PRO D 44 -14.54 3.46 2.25
C PRO D 44 -15.64 2.73 1.48
N LYS D 45 -15.87 1.47 1.80
CA LYS D 45 -16.89 0.64 1.18
C LYS D 45 -17.91 0.24 2.26
N LEU D 46 -19.19 0.37 1.95
CA LEU D 46 -20.24 0.09 2.91
C LEU D 46 -20.41 -1.42 3.05
N LEU D 47 -20.34 -1.93 4.28
CA LEU D 47 -20.45 -3.38 4.52
C LEU D 47 -21.84 -3.76 5.03
N ILE D 48 -22.30 -2.94 5.98
CA ILE D 48 -23.49 -3.15 6.74
C ILE D 48 -24.25 -1.82 6.89
N TYR D 49 -25.52 -1.84 6.51
CA TYR D 49 -26.41 -0.70 6.59
C TYR D 49 -27.40 -0.90 7.71
N ALA D 50 -27.78 0.17 8.38
CA ALA D 50 -28.84 0.11 9.39
C ALA D 50 -28.57 -1.00 10.39
N SER D 51 -27.37 -1.02 10.94
CA SER D 51 -26.99 -1.92 12.03
C SER D 51 -26.73 -3.38 11.66
N SER D 52 -27.61 -4.01 10.88
CA SER D 52 -27.50 -5.44 10.55
C SER D 52 -27.76 -5.87 9.09
N TYR D 53 -28.08 -4.92 8.20
CA TYR D 53 -28.41 -5.21 6.79
C TYR D 53 -27.17 -5.29 5.89
N LEU D 54 -26.79 -6.52 5.59
CA LEU D 54 -25.56 -6.83 4.87
C LEU D 54 -25.70 -6.38 3.44
N GLN D 55 -24.68 -5.71 2.90
CA GLN D 55 -24.72 -5.20 1.52
C GLN D 55 -24.44 -6.33 0.50
N SER D 56 -24.85 -6.12 -0.76
CA SER D 56 -24.84 -7.26 -1.70
C SER D 56 -23.41 -7.65 -2.03
N GLY D 57 -23.18 -8.93 -2.17
CA GLY D 57 -21.83 -9.39 -2.36
C GLY D 57 -21.03 -9.46 -1.07
N VAL D 58 -21.43 -8.79 0.01
CA VAL D 58 -20.63 -8.84 1.27
C VAL D 58 -20.72 -10.18 2.06
N PRO D 59 -19.60 -10.81 2.35
CA PRO D 59 -19.71 -12.06 3.09
C PRO D 59 -20.42 -11.99 4.44
N SER D 60 -21.15 -13.05 4.76
CA SER D 60 -21.91 -13.14 6.00
C SER D 60 -21.05 -13.37 7.27
N ARG D 61 -19.75 -13.59 7.13
CA ARG D 61 -18.87 -13.62 8.28
C ARG D 61 -18.83 -12.25 9.00
N PHE D 62 -19.13 -11.19 8.28
CA PHE D 62 -19.48 -9.85 8.79
C PHE D 62 -20.91 -9.77 9.30
N SER D 63 -21.11 -9.54 10.60
CA SER D 63 -22.45 -9.27 11.09
C SER D 63 -22.45 -8.11 12.04
N GLY D 64 -23.49 -7.31 11.93
CA GLY D 64 -23.65 -6.18 12.82
C GLY D 64 -24.85 -6.47 13.69
N SER D 65 -24.86 -5.90 14.88
CA SER D 65 -26.03 -5.96 15.74
C SER D 65 -26.00 -4.77 16.68
N GLY D 66 -27.18 -4.48 17.25
CA GLY D 66 -27.37 -3.46 18.23
C GLY D 66 -28.44 -2.49 17.77
N SER D 67 -28.90 -1.65 18.70
CA SER D 67 -30.02 -0.77 18.45
C SER D 67 -30.12 0.13 19.67
N GLY D 68 -30.02 1.45 19.47
CA GLY D 68 -30.08 2.43 20.56
C GLY D 68 -28.78 3.20 20.60
N THR D 69 -27.93 2.90 21.55
CA THR D 69 -26.64 3.56 21.67
C THR D 69 -25.45 2.62 21.45
N ASP D 70 -25.67 1.31 21.41
CA ASP D 70 -24.58 0.34 21.48
C ASP D 70 -24.63 -0.65 20.34
N PHE D 71 -23.54 -0.71 19.60
CA PHE D 71 -23.51 -1.47 18.38
C PHE D 71 -22.23 -2.27 18.30
N THR D 72 -22.28 -3.39 17.59
CA THR D 72 -21.11 -4.24 17.45
C THR D 72 -21.02 -4.79 16.02
N LEU D 73 -19.80 -4.80 15.49
CA LEU D 73 -19.44 -5.52 14.30
C LEU D 73 -18.61 -6.74 14.68
N THR D 74 -19.06 -7.90 14.24
CA THR D 74 -18.32 -9.12 14.47
C THR D 74 -17.87 -9.69 13.14
N ILE D 75 -16.55 -9.89 13.01
CA ILE D 75 -16.00 -10.62 11.88
C ILE D 75 -15.65 -12.05 12.35
N SER D 76 -16.45 -13.01 11.97
CA SER D 76 -16.34 -14.31 12.62
C SER D 76 -15.23 -15.25 12.13
N SER D 77 -14.75 -15.12 10.90
CA SER D 77 -13.59 -15.96 10.52
C SER D 77 -12.70 -15.25 9.55
N LEU D 78 -11.85 -14.40 10.12
CA LEU D 78 -11.08 -13.42 9.38
C LEU D 78 -10.38 -14.03 8.20
N GLN D 79 -10.52 -13.38 7.08
CA GLN D 79 -9.84 -13.77 5.84
C GLN D 79 -8.76 -12.75 5.58
N PRO D 80 -7.76 -13.09 4.76
CA PRO D 80 -6.68 -12.16 4.41
C PRO D 80 -7.16 -10.81 3.94
N GLU D 81 -8.20 -10.81 3.13
CA GLU D 81 -8.71 -9.55 2.63
C GLU D 81 -9.41 -8.67 3.69
N ASP D 82 -9.66 -9.20 4.89
CA ASP D 82 -10.31 -8.41 5.99
C ASP D 82 -9.42 -7.52 6.81
N PHE D 83 -8.11 -7.66 6.68
CA PHE D 83 -7.19 -6.73 7.37
C PHE D 83 -7.27 -5.39 6.65
N ALA D 84 -7.66 -4.38 7.40
CA ALA D 84 -8.26 -3.15 6.88
C ALA D 84 -8.67 -2.30 8.09
N THR D 85 -9.21 -1.10 7.85
CA THR D 85 -9.77 -0.26 8.91
C THR D 85 -11.27 -0.26 8.75
N TYR D 86 -12.00 -0.29 9.87
CA TYR D 86 -13.44 -0.32 9.93
C TYR D 86 -13.94 0.90 10.67
N TYR D 87 -14.96 1.57 10.16
CA TYR D 87 -15.51 2.77 10.80
C TYR D 87 -17.01 2.55 10.96
N CYS D 88 -17.55 2.99 12.11
CA CYS D 88 -19.00 3.16 12.18
C CYS D 88 -19.41 4.59 11.85
N GLN D 89 -20.66 4.74 11.43
CA GLN D 89 -21.21 6.04 11.06
C GLN D 89 -22.68 6.10 11.41
N GLN D 90 -23.12 7.11 12.15
CA GLN D 90 -24.55 7.32 12.34
C GLN D 90 -25.04 8.20 11.19
N ASP D 91 -26.13 7.79 10.54
CA ASP D 91 -26.74 8.60 9.48
C ASP D 91 -28.18 8.92 9.83
N GLY D 92 -28.50 8.88 11.14
CA GLY D 92 -29.82 9.21 11.63
C GLY D 92 -30.11 10.68 11.79
N TYR D 93 -29.11 11.44 12.21
CA TYR D 93 -29.19 12.86 12.39
C TYR D 93 -28.12 13.57 11.61
N TYR D 94 -28.40 14.83 11.28
CA TYR D 94 -27.50 15.72 10.54
C TYR D 94 -26.65 16.50 11.52
N PRO D 95 -25.32 16.58 11.30
CA PRO D 95 -24.57 15.92 10.26
C PRO D 95 -24.29 14.46 10.61
N ALA D 96 -24.19 13.62 9.58
CA ALA D 96 -23.70 12.27 9.75
C ALA D 96 -22.28 12.35 10.35
N THR D 97 -21.98 11.42 11.27
CA THR D 97 -20.73 11.42 12.01
C THR D 97 -20.15 10.00 12.07
N PHE D 98 -18.81 9.94 12.02
CA PHE D 98 -18.08 8.67 11.95
C PHE D 98 -17.38 8.46 13.27
N GLY D 99 -17.22 7.19 13.64
CA GLY D 99 -16.24 6.77 14.62
C GLY D 99 -14.81 6.96 14.19
N GLN D 100 -13.85 6.71 15.08
CA GLN D 100 -12.44 7.11 14.84
C GLN D 100 -11.73 6.04 14.03
N GLY D 101 -12.35 4.88 13.95
CA GLY D 101 -11.85 3.80 13.18
C GLY D 101 -11.15 2.79 14.04
N THR D 102 -11.16 1.53 13.61
CA THR D 102 -10.41 0.44 14.24
C THR D 102 -9.65 -0.32 13.18
N LYS D 103 -8.32 -0.31 13.28
CA LYS D 103 -7.46 -0.99 12.35
C LYS D 103 -7.29 -2.44 12.80
N VAL D 104 -7.62 -3.38 11.91
CA VAL D 104 -7.45 -4.78 12.13
C VAL D 104 -6.26 -5.32 11.36
N GLU D 105 -5.32 -5.86 12.12
CA GLU D 105 -4.00 -6.23 11.60
C GLU D 105 -3.67 -7.69 11.88
N ILE D 106 -2.77 -8.23 11.07
CA ILE D 106 -2.40 -9.64 11.14
C ILE D 106 -1.50 -9.84 12.32
N LYS D 107 -1.75 -10.91 13.07
CA LYS D 107 -0.90 -11.28 14.20
C LYS D 107 0.42 -11.84 13.71
N ARG D 108 1.52 -11.45 14.36
CA ARG D 108 2.82 -12.06 14.10
C ARG D 108 3.02 -13.38 14.83
N ALA D 109 4.03 -14.11 14.35
CA ALA D 109 4.89 -15.05 15.12
C ALA D 109 4.67 -16.47 14.69
N ASP E 1 5.33 38.87 -20.67
CA ASP E 1 4.99 37.82 -21.66
C ASP E 1 3.62 38.14 -22.26
N ILE E 2 3.35 37.65 -23.47
CA ILE E 2 2.12 37.99 -24.13
C ILE E 2 1.04 37.03 -23.66
N GLN E 3 -0.01 37.59 -23.05
CA GLN E 3 -1.18 36.84 -22.54
C GLN E 3 -2.22 36.73 -23.65
N MET E 4 -2.56 35.48 -24.00
CA MET E 4 -3.52 35.13 -25.03
C MET E 4 -4.73 34.59 -24.31
N THR E 5 -5.88 35.15 -24.64
CA THR E 5 -7.14 34.86 -23.96
C THR E 5 -8.16 34.36 -24.99
N GLN E 6 -8.67 33.14 -24.81
CA GLN E 6 -9.63 32.56 -25.74
C GLN E 6 -11.00 32.48 -25.11
N SER E 7 -12.01 32.50 -25.96
CA SER E 7 -13.34 32.29 -25.49
C SER E 7 -14.21 31.88 -26.69
N PRO E 8 -15.28 31.15 -26.43
CA PRO E 8 -15.59 30.62 -25.10
C PRO E 8 -14.55 29.60 -24.61
N SER E 9 -14.56 29.28 -23.32
CA SER E 9 -13.74 28.18 -22.79
C SER E 9 -14.23 26.82 -23.33
N SER E 10 -15.54 26.62 -23.32
CA SER E 10 -16.13 25.36 -23.76
C SER E 10 -17.26 25.68 -24.72
N LEU E 11 -17.49 24.85 -25.72
CA LEU E 11 -18.66 25.01 -26.59
C LEU E 11 -19.24 23.65 -26.96
N SER E 12 -20.56 23.53 -26.78
CA SER E 12 -21.31 22.30 -27.06
C SER E 12 -22.05 22.54 -28.38
N ALA E 13 -21.91 21.65 -29.34
CA ALA E 13 -22.49 21.90 -30.65
C ALA E 13 -22.68 20.63 -31.46
N SER E 14 -23.45 20.77 -32.55
CA SER E 14 -23.93 19.62 -33.32
C SER E 14 -23.21 19.56 -34.65
N VAL E 15 -23.09 18.37 -35.22
CA VAL E 15 -22.65 18.22 -36.61
C VAL E 15 -23.41 19.19 -37.51
N GLY E 16 -22.70 19.92 -38.36
CA GLY E 16 -23.29 20.88 -39.28
C GLY E 16 -23.42 22.29 -38.74
N ASP E 17 -23.08 22.51 -37.48
CA ASP E 17 -23.11 23.86 -36.97
C ASP E 17 -21.94 24.68 -37.51
N ARG E 18 -22.19 25.98 -37.66
CA ARG E 18 -21.15 26.96 -37.92
C ARG E 18 -20.66 27.41 -36.56
N VAL E 19 -19.34 27.35 -36.35
CA VAL E 19 -18.69 27.62 -35.07
C VAL E 19 -17.71 28.77 -35.24
N THR E 20 -17.70 29.70 -34.30
CA THR E 20 -16.81 30.86 -34.29
C THR E 20 -16.15 30.97 -32.90
N ILE E 21 -14.83 30.89 -32.85
CA ILE E 21 -14.01 30.89 -31.62
C ILE E 21 -13.12 32.14 -31.72
N THR E 22 -12.94 32.86 -30.63
CA THR E 22 -12.10 34.07 -30.63
C THR E 22 -10.89 33.95 -29.72
N CYS E 23 -9.87 34.74 -30.04
CA CYS E 23 -8.59 34.78 -29.33
C CYS E 23 -8.18 36.25 -29.28
N ARG E 24 -7.79 36.70 -28.10
CA ARG E 24 -7.37 38.10 -27.87
C ARG E 24 -5.94 38.07 -27.34
N ALA E 25 -5.10 38.97 -27.85
CA ALA E 25 -3.71 39.10 -27.41
C ALA E 25 -3.53 40.33 -26.50
N SER E 26 -2.77 40.19 -25.43
CA SER E 26 -2.55 41.28 -24.49
C SER E 26 -1.89 42.50 -25.15
N GLN E 27 -1.18 42.31 -26.27
CA GLN E 27 -0.70 43.43 -27.07
C GLN E 27 -0.77 43.11 -28.55
N ASP E 28 -0.42 44.09 -29.39
CA ASP E 28 -0.48 43.97 -30.81
C ASP E 28 0.56 42.98 -31.30
N ILE E 29 0.14 41.96 -32.06
CA ILE E 29 1.07 40.98 -32.64
C ILE E 29 0.87 40.85 -34.16
N ALA E 30 0.23 41.85 -34.77
CA ALA E 30 -0.09 41.85 -36.20
C ALA E 30 -0.81 40.56 -36.49
N ALA E 31 -0.35 39.81 -37.48
CA ALA E 31 -1.00 38.57 -37.89
C ALA E 31 -0.17 37.32 -37.49
N ALA E 32 0.68 37.47 -36.47
CA ALA E 32 1.59 36.38 -36.07
C ALA E 32 0.93 35.40 -35.12
N LEU E 33 -0.15 34.79 -35.56
CA LEU E 33 -1.03 34.05 -34.65
C LEU E 33 -1.40 32.74 -35.30
N ASN E 34 -1.20 31.65 -34.56
CA ASN E 34 -1.46 30.34 -35.09
C ASN E 34 -2.59 29.69 -34.38
N TRP E 35 -3.30 28.79 -35.07
CA TRP E 35 -4.28 27.94 -34.44
C TRP E 35 -3.89 26.49 -34.52
N TYR E 36 -3.95 25.83 -33.36
CA TYR E 36 -3.67 24.43 -33.22
C TYR E 36 -4.91 23.67 -32.86
N GLN E 37 -4.98 22.43 -33.34
CA GLN E 37 -6.03 21.54 -33.00
C GLN E 37 -5.47 20.39 -32.18
N GLN E 38 -6.13 20.08 -31.08
CA GLN E 38 -5.75 18.91 -30.30
C GLN E 38 -6.93 18.05 -29.95
N LYS E 39 -6.89 16.81 -30.42
CA LYS E 39 -7.86 15.76 -30.05
C LYS E 39 -7.35 15.04 -28.81
N PRO E 40 -8.23 14.38 -28.04
CA PRO E 40 -7.77 13.76 -26.80
C PRO E 40 -6.74 12.64 -26.97
N GLY E 41 -5.72 12.64 -26.12
CA GLY E 41 -4.62 11.69 -26.22
C GLY E 41 -3.65 12.00 -27.34
N LYS E 42 -3.81 13.14 -28.00
CA LYS E 42 -3.01 13.41 -29.19
C LYS E 42 -2.22 14.69 -29.01
N ALA E 43 -1.17 14.83 -29.80
CA ALA E 43 -0.38 16.05 -29.89
C ALA E 43 -1.20 17.19 -30.50
N PRO E 44 -0.81 18.44 -30.22
CA PRO E 44 -1.39 19.56 -30.98
C PRO E 44 -0.96 19.54 -32.45
N LYS E 45 -1.90 19.72 -33.37
CA LYS E 45 -1.60 19.79 -34.81
C LYS E 45 -1.81 21.22 -35.30
N LEU E 46 -0.82 21.80 -35.96
CA LEU E 46 -0.97 23.14 -36.53
C LEU E 46 -2.05 23.13 -37.62
N LEU E 47 -3.14 23.87 -37.42
CA LEU E 47 -4.21 24.03 -38.40
C LEU E 47 -4.01 25.26 -39.32
N ILE E 48 -3.69 26.39 -38.69
CA ILE E 48 -3.59 27.66 -39.41
C ILE E 48 -2.36 28.44 -38.96
N TYR E 49 -1.56 28.92 -39.92
CA TYR E 49 -0.36 29.66 -39.62
C TYR E 49 -0.59 31.12 -39.94
N ALA E 50 -0.15 31.99 -39.04
CA ALA E 50 -0.06 33.43 -39.33
C ALA E 50 -1.42 33.97 -39.73
N SER E 51 -2.38 33.70 -38.86
CA SER E 51 -3.76 34.12 -38.91
C SER E 51 -4.64 33.41 -39.93
N SER E 52 -4.14 33.24 -41.15
CA SER E 52 -5.02 32.73 -42.21
C SER E 52 -4.52 31.54 -43.00
N TYR E 53 -3.25 31.13 -42.84
CA TYR E 53 -2.68 30.14 -43.78
C TYR E 53 -2.98 28.71 -43.33
N LEU E 54 -3.95 28.08 -43.99
CA LEU E 54 -4.32 26.68 -43.71
C LEU E 54 -3.20 25.74 -44.01
N GLN E 55 -3.00 24.73 -43.18
CA GLN E 55 -1.96 23.75 -43.51
C GLN E 55 -2.46 22.69 -44.49
N SER E 56 -1.51 21.98 -45.08
CA SER E 56 -1.83 20.95 -46.07
C SER E 56 -2.79 19.98 -45.41
N GLY E 57 -3.77 19.53 -46.15
CA GLY E 57 -4.78 18.62 -45.65
C GLY E 57 -5.92 19.22 -44.84
N VAL E 58 -5.82 20.48 -44.42
CA VAL E 58 -6.87 21.06 -43.58
C VAL E 58 -8.04 21.45 -44.51
N PRO E 59 -9.25 20.94 -44.23
CA PRO E 59 -10.36 21.21 -45.20
C PRO E 59 -10.81 22.66 -45.16
N SER E 60 -11.24 23.17 -46.31
CA SER E 60 -11.49 24.61 -46.49
C SER E 60 -12.64 25.15 -45.63
N ARG E 61 -13.28 24.27 -44.85
CA ARG E 61 -14.31 24.71 -43.91
C ARG E 61 -13.74 25.44 -42.70
N PHE E 62 -12.43 25.34 -42.49
CA PHE E 62 -11.71 26.13 -41.47
C PHE E 62 -11.21 27.45 -42.08
N SER E 63 -11.40 28.55 -41.38
CA SER E 63 -10.76 29.78 -41.81
C SER E 63 -10.37 30.56 -40.60
N GLY E 64 -9.32 31.36 -40.75
CA GLY E 64 -8.90 32.24 -39.70
C GLY E 64 -8.77 33.63 -40.27
N SER E 65 -8.90 34.62 -39.41
CA SER E 65 -8.70 35.99 -39.79
C SER E 65 -8.39 36.81 -38.54
N GLY E 66 -8.00 38.05 -38.76
CA GLY E 66 -7.54 38.91 -37.66
C GLY E 66 -6.11 39.41 -37.82
N SER E 67 -5.91 40.64 -37.36
CA SER E 67 -4.64 41.28 -37.36
C SER E 67 -4.69 42.34 -36.27
N GLY E 68 -3.76 42.27 -35.33
CA GLY E 68 -3.68 43.26 -34.26
C GLY E 68 -3.79 42.54 -32.95
N THR E 69 -4.95 42.63 -32.30
CA THR E 69 -5.17 41.98 -31.02
C THR E 69 -6.27 40.90 -31.06
N ASP E 70 -7.15 40.92 -32.06
CA ASP E 70 -8.34 40.08 -32.06
C ASP E 70 -8.38 39.14 -33.25
N PHE E 71 -8.66 37.87 -32.99
CA PHE E 71 -8.54 36.82 -34.02
C PHE E 71 -9.68 35.87 -33.94
N THR E 72 -10.05 35.26 -35.07
CA THR E 72 -11.22 34.39 -35.11
C THR E 72 -10.95 33.17 -35.96
N LEU E 73 -11.29 32.01 -35.39
CA LEU E 73 -11.33 30.77 -36.10
C LEU E 73 -12.80 30.42 -36.29
N THR E 74 -13.14 30.09 -37.51
CA THR E 74 -14.49 29.77 -37.89
C THR E 74 -14.43 28.40 -38.49
N ILE E 75 -15.37 27.53 -38.10
CA ILE E 75 -15.60 26.25 -38.75
C ILE E 75 -16.99 26.33 -39.40
N SER E 76 -17.06 26.44 -40.73
CA SER E 76 -18.35 26.75 -41.40
C SER E 76 -19.44 25.68 -41.22
N SER E 77 -19.04 24.42 -41.11
CA SER E 77 -19.98 23.31 -40.93
C SER E 77 -19.29 22.17 -40.17
N LEU E 78 -19.51 22.14 -38.86
CA LEU E 78 -18.76 21.26 -37.93
C LEU E 78 -18.95 19.80 -38.26
N GLN E 79 -17.85 19.11 -38.49
CA GLN E 79 -17.88 17.68 -38.77
C GLN E 79 -17.44 16.90 -37.54
N PRO E 80 -17.83 15.63 -37.46
CA PRO E 80 -17.39 14.77 -36.34
C PRO E 80 -15.89 14.83 -36.11
N GLU E 81 -15.10 14.78 -37.18
CA GLU E 81 -13.65 14.84 -37.06
C GLU E 81 -13.17 16.07 -36.27
N ASP E 82 -14.01 17.11 -36.14
CA ASP E 82 -13.58 18.42 -35.62
C ASP E 82 -13.77 18.63 -34.13
N PHE E 83 -14.33 17.64 -33.45
CA PHE E 83 -14.47 17.73 -32.02
C PHE E 83 -13.08 17.60 -31.44
N ALA E 84 -12.72 18.55 -30.56
CA ALA E 84 -11.35 18.75 -30.14
C ALA E 84 -11.21 20.01 -29.29
N THR E 85 -9.99 20.29 -28.86
CA THR E 85 -9.67 21.55 -28.25
C THR E 85 -8.82 22.33 -29.25
N TYR E 86 -9.19 23.59 -29.48
CA TYR E 86 -8.46 24.48 -30.38
C TYR E 86 -7.73 25.51 -29.56
N TYR E 87 -6.43 25.64 -29.85
CA TYR E 87 -5.56 26.60 -29.15
C TYR E 87 -5.06 27.66 -30.12
N CYS E 88 -5.06 28.91 -29.68
CA CYS E 88 -4.27 29.90 -30.38
C CYS E 88 -2.88 30.01 -29.75
N GLN E 89 -1.92 30.39 -30.58
CA GLN E 89 -0.55 30.59 -30.14
C GLN E 89 0.07 31.72 -30.96
N GLN E 90 0.63 32.70 -30.26
CA GLN E 90 1.43 33.75 -30.89
C GLN E 90 2.89 33.34 -30.88
N ASP E 91 3.63 33.54 -31.97
CA ASP E 91 5.07 33.15 -32.01
C ASP E 91 5.93 34.24 -32.62
N GLY E 92 5.45 35.46 -32.65
CA GLY E 92 6.22 36.58 -33.20
C GLY E 92 7.15 37.16 -32.16
N TYR E 93 6.84 36.87 -30.90
CA TYR E 93 7.54 37.45 -29.78
C TYR E 93 7.95 36.38 -28.81
N TYR E 94 9.20 36.45 -28.40
CA TYR E 94 9.74 35.49 -27.48
C TYR E 94 9.31 35.88 -26.08
N PRO E 95 8.78 34.91 -25.30
CA PRO E 95 8.54 33.51 -25.68
C PRO E 95 7.18 33.33 -26.33
N ALA E 96 7.10 32.40 -27.28
CA ALA E 96 5.82 31.93 -27.83
C ALA E 96 4.89 31.57 -26.70
N THR E 97 3.60 31.93 -26.83
CA THR E 97 2.61 31.66 -25.79
C THR E 97 1.28 31.23 -26.34
N PHE E 98 0.64 30.33 -25.59
CA PHE E 98 -0.62 29.69 -25.94
C PHE E 98 -1.77 30.29 -25.17
N GLY E 99 -2.95 30.30 -25.78
CA GLY E 99 -4.17 30.54 -25.02
C GLY E 99 -4.61 29.26 -24.34
N GLN E 100 -5.67 29.32 -23.53
CA GLN E 100 -6.13 28.15 -22.75
C GLN E 100 -7.19 27.36 -23.52
N GLY E 101 -7.47 27.75 -24.74
CA GLY E 101 -8.21 26.84 -25.59
C GLY E 101 -9.72 26.91 -25.52
N THR E 102 -10.35 26.50 -26.61
CA THR E 102 -11.78 26.35 -26.65
C THR E 102 -12.03 24.88 -26.89
N LYS E 103 -12.74 24.23 -25.96
CA LYS E 103 -13.10 22.81 -26.10
C LYS E 103 -14.41 22.74 -26.89
N VAL E 104 -14.38 22.14 -28.07
CA VAL E 104 -15.59 21.94 -28.86
C VAL E 104 -16.04 20.50 -28.66
N GLU E 105 -17.20 20.32 -28.02
CA GLU E 105 -17.69 18.97 -27.68
C GLU E 105 -19.11 18.74 -28.24
N ILE E 106 -19.55 17.48 -28.27
CA ILE E 106 -20.81 17.08 -28.95
C ILE E 106 -22.07 17.48 -28.18
N ASP F 1 7.35 17.40 -44.33
CA ASP F 1 7.14 17.78 -42.90
C ASP F 1 8.01 16.95 -41.93
N ILE F 2 8.87 17.63 -41.17
CA ILE F 2 9.73 16.96 -40.16
C ILE F 2 8.87 16.14 -39.20
N GLN F 3 9.22 14.87 -39.02
CA GLN F 3 8.48 13.96 -38.16
C GLN F 3 9.34 13.77 -36.93
N MET F 4 8.72 13.97 -35.76
CA MET F 4 9.40 13.89 -34.48
C MET F 4 8.86 12.67 -33.76
N THR F 5 9.76 11.77 -33.38
CA THR F 5 9.45 10.51 -32.74
C THR F 5 9.94 10.64 -31.32
N GLN F 6 9.01 10.59 -30.38
CA GLN F 6 9.27 10.73 -28.94
C GLN F 6 9.10 9.40 -28.26
N SER F 7 10.00 9.06 -27.36
CA SER F 7 9.81 7.87 -26.55
C SER F 7 10.19 8.09 -25.09
N PRO F 8 9.63 7.27 -24.19
CA PRO F 8 8.55 6.32 -24.48
C PRO F 8 7.22 7.06 -24.55
N SER F 9 6.17 6.36 -24.95
CA SER F 9 4.85 6.98 -25.10
C SER F 9 4.34 7.44 -23.74
N SER F 10 4.72 6.69 -22.70
CA SER F 10 4.21 6.81 -21.33
C SER F 10 5.29 6.30 -20.35
N LEU F 11 5.42 6.86 -19.14
CA LEU F 11 6.28 6.23 -18.11
C LEU F 11 5.83 6.57 -16.70
N SER F 12 6.04 5.64 -15.77
CA SER F 12 5.80 5.87 -14.33
C SER F 12 7.16 5.90 -13.61
N ALA F 13 7.28 6.79 -12.63
CA ALA F 13 8.39 6.76 -11.70
C ALA F 13 7.89 7.38 -10.42
N SER F 14 8.64 7.28 -9.33
CA SER F 14 8.18 7.88 -8.08
C SER F 14 8.86 9.23 -7.81
N VAL F 15 8.37 9.94 -6.80
CA VAL F 15 9.00 11.17 -6.38
C VAL F 15 10.49 10.94 -6.18
N GLY F 16 11.31 11.83 -6.71
CA GLY F 16 12.74 11.77 -6.47
C GLY F 16 13.51 11.08 -7.58
N ASP F 17 12.83 10.28 -8.40
CA ASP F 17 13.49 9.57 -9.52
C ASP F 17 14.03 10.55 -10.59
N ARG F 18 15.10 10.15 -11.28
CA ARG F 18 15.56 10.77 -12.53
C ARG F 18 14.75 10.16 -13.68
N VAL F 19 14.15 11.00 -14.52
CA VAL F 19 13.48 10.50 -15.71
C VAL F 19 14.02 11.17 -16.98
N THR F 20 14.11 10.36 -18.03
CA THR F 20 14.73 10.76 -19.27
C THR F 20 13.76 10.46 -20.38
N ILE F 21 13.57 11.47 -21.23
CA ILE F 21 12.59 11.46 -22.31
C ILE F 21 13.37 11.78 -23.58
N THR F 22 13.15 11.02 -24.64
CA THR F 22 13.90 11.12 -25.88
C THR F 22 13.02 11.64 -27.00
N CYS F 23 13.60 12.38 -27.92
CA CYS F 23 12.91 12.83 -29.12
C CYS F 23 13.92 12.71 -30.26
N ARG F 24 13.53 12.05 -31.36
CA ARG F 24 14.36 11.99 -32.57
C ARG F 24 13.66 12.66 -33.76
N ALA F 25 14.41 13.50 -34.47
CA ALA F 25 13.91 14.22 -35.63
C ALA F 25 14.23 13.39 -36.84
N SER F 26 13.37 13.45 -37.83
CA SER F 26 13.54 12.66 -39.04
C SER F 26 14.68 13.23 -39.88
N GLN F 27 15.06 14.50 -39.65
CA GLN F 27 16.28 15.05 -40.24
C GLN F 27 16.95 16.04 -39.32
N ASP F 28 18.15 16.46 -39.67
CA ASP F 28 18.90 17.37 -38.80
C ASP F 28 18.13 18.69 -38.63
N ILE F 29 17.87 19.09 -37.40
CA ILE F 29 17.15 20.34 -37.16
C ILE F 29 18.01 21.30 -36.28
N ALA F 30 19.31 21.09 -36.33
CA ALA F 30 20.29 21.84 -35.52
C ALA F 30 19.80 21.81 -34.09
N ALA F 31 19.73 22.96 -33.40
CA ALA F 31 19.15 23.02 -32.07
C ALA F 31 17.76 23.65 -32.05
N ALA F 32 17.03 23.58 -33.17
CA ALA F 32 15.64 24.15 -33.23
C ALA F 32 14.51 23.20 -32.74
N LEU F 33 14.58 22.88 -31.45
CA LEU F 33 13.74 21.89 -30.77
C LEU F 33 13.36 22.49 -29.43
N ASN F 34 12.09 22.40 -29.08
CA ASN F 34 11.54 22.99 -27.89
C ASN F 34 10.82 21.91 -27.14
N TRP F 35 10.72 22.06 -25.81
CA TRP F 35 9.97 21.11 -24.96
C TRP F 35 8.84 21.80 -24.28
N TYR F 36 7.70 21.11 -24.26
CA TYR F 36 6.49 21.63 -23.66
C TYR F 36 5.97 20.70 -22.60
N GLN F 37 5.31 21.29 -21.61
CA GLN F 37 4.67 20.53 -20.56
C GLN F 37 3.21 20.85 -20.64
N GLN F 38 2.35 19.84 -20.78
CA GLN F 38 0.88 20.02 -20.75
C GLN F 38 0.22 19.27 -19.61
N LYS F 39 -0.42 20.00 -18.68
CA LYS F 39 -1.28 19.39 -17.65
C LYS F 39 -2.70 19.14 -18.17
N PRO F 40 -3.45 18.22 -17.52
CA PRO F 40 -4.84 17.95 -17.93
C PRO F 40 -5.75 19.18 -17.93
N GLY F 41 -6.46 19.37 -19.04
CA GLY F 41 -7.35 20.51 -19.23
C GLY F 41 -6.65 21.86 -19.37
N LYS F 42 -5.33 21.85 -19.57
CA LYS F 42 -4.55 23.08 -19.66
C LYS F 42 -3.73 23.10 -20.96
N ALA F 43 -3.24 24.28 -21.30
CA ALA F 43 -2.50 24.50 -22.54
C ALA F 43 -1.03 24.10 -22.34
N PRO F 44 -0.33 23.75 -23.42
CA PRO F 44 1.09 23.48 -23.26
C PRO F 44 1.79 24.74 -22.79
N LYS F 45 2.81 24.55 -21.96
CA LYS F 45 3.70 25.62 -21.46
C LYS F 45 5.10 25.24 -21.94
N LEU F 46 5.78 26.22 -22.54
CA LEU F 46 7.15 26.05 -22.99
C LEU F 46 8.03 25.81 -21.77
N LEU F 47 8.74 24.69 -21.66
CA LEU F 47 9.73 24.54 -20.58
C LEU F 47 11.14 24.91 -21.02
N ILE F 48 11.51 24.48 -22.22
CA ILE F 48 12.87 24.65 -22.75
C ILE F 48 12.83 25.09 -24.20
N TYR F 49 13.48 26.23 -24.48
CA TYR F 49 13.65 26.75 -25.82
C TYR F 49 14.96 26.30 -26.40
N ALA F 50 14.92 25.91 -27.67
CA ALA F 50 16.10 25.71 -28.48
C ALA F 50 17.03 24.71 -27.82
N SER F 51 16.45 23.56 -27.47
CA SER F 51 17.18 22.40 -26.93
C SER F 51 17.61 22.57 -25.47
N SER F 52 18.21 23.70 -25.09
CA SER F 52 18.75 23.82 -23.73
C SER F 52 18.35 25.04 -22.90
N TYR F 53 17.55 25.96 -23.44
CA TYR F 53 17.28 27.23 -22.77
C TYR F 53 16.05 27.11 -21.86
N LEU F 54 16.30 27.06 -20.56
CA LEU F 54 15.24 26.97 -19.56
C LEU F 54 14.40 28.24 -19.50
N GLN F 55 13.09 28.13 -19.68
CA GLN F 55 12.21 29.30 -19.53
C GLN F 55 12.17 29.83 -18.10
N SER F 56 11.92 31.13 -17.95
CA SER F 56 11.91 31.78 -16.65
C SER F 56 10.87 31.11 -15.78
N GLY F 57 11.22 30.87 -14.51
CA GLY F 57 10.32 30.29 -13.53
C GLY F 57 10.35 28.76 -13.49
N VAL F 58 11.01 28.15 -14.46
CA VAL F 58 11.05 26.68 -14.54
C VAL F 58 12.21 26.18 -13.66
N PRO F 59 11.94 25.19 -12.79
CA PRO F 59 12.94 24.67 -11.83
C PRO F 59 14.14 23.99 -12.50
N SER F 60 15.31 24.05 -11.85
CA SER F 60 16.57 23.62 -12.45
C SER F 60 16.73 22.11 -12.60
N ARG F 61 15.80 21.34 -12.03
CA ARG F 61 15.80 19.89 -12.20
C ARG F 61 15.40 19.49 -13.64
N PHE F 62 14.84 20.45 -14.38
CA PHE F 62 14.57 20.28 -15.80
C PHE F 62 15.77 20.69 -16.65
N SER F 63 16.13 19.86 -17.64
CA SER F 63 17.23 20.21 -18.54
C SER F 63 17.09 19.47 -19.86
N GLY F 64 17.43 20.15 -20.94
CA GLY F 64 17.40 19.53 -22.24
C GLY F 64 18.78 19.57 -22.86
N SER F 65 19.12 18.57 -23.65
CA SER F 65 20.36 18.62 -24.44
C SER F 65 20.15 17.93 -25.78
N GLY F 66 21.16 18.06 -26.63
CA GLY F 66 21.15 17.50 -27.97
C GLY F 66 21.21 18.58 -29.02
N SER F 67 21.64 18.17 -30.20
CA SER F 67 21.64 19.03 -31.38
C SER F 67 21.71 18.05 -32.55
N GLY F 68 21.08 18.40 -33.66
CA GLY F 68 21.06 17.55 -34.83
C GLY F 68 19.76 16.78 -34.91
N THR F 69 19.81 15.48 -34.60
CA THR F 69 18.63 14.64 -34.68
C THR F 69 18.16 14.07 -33.33
N ASP F 70 19.00 14.09 -32.31
CA ASP F 70 18.71 13.36 -31.07
C ASP F 70 18.72 14.33 -29.91
N PHE F 71 17.65 14.27 -29.12
CA PHE F 71 17.39 15.26 -28.08
C PHE F 71 16.87 14.58 -26.83
N THR F 72 17.13 15.17 -25.68
CA THR F 72 16.79 14.59 -24.40
C THR F 72 16.27 15.66 -23.47
N LEU F 73 15.20 15.34 -22.75
CA LEU F 73 14.73 16.15 -21.62
C LEU F 73 14.91 15.29 -20.41
N THR F 74 15.59 15.82 -19.42
CA THR F 74 15.83 15.07 -18.22
C THR F 74 15.17 15.82 -17.10
N ILE F 75 14.50 15.07 -16.23
CA ILE F 75 13.96 15.62 -14.98
C ILE F 75 14.79 14.95 -13.92
N SER F 76 15.52 15.74 -13.15
CA SER F 76 16.62 15.19 -12.34
C SER F 76 16.12 14.59 -11.02
N SER F 77 15.02 15.16 -10.50
CA SER F 77 14.39 14.67 -9.26
C SER F 77 12.86 14.94 -9.29
N LEU F 78 12.12 13.96 -9.81
CA LEU F 78 10.69 14.11 -10.11
C LEU F 78 9.93 14.59 -8.88
N GLN F 79 9.08 15.59 -9.08
CA GLN F 79 8.20 16.10 -8.04
C GLN F 79 6.76 15.88 -8.51
N PRO F 80 5.78 15.89 -7.58
CA PRO F 80 4.36 15.66 -7.90
C PRO F 80 3.80 16.61 -8.95
N GLU F 81 4.08 17.89 -8.77
CA GLU F 81 3.82 18.94 -9.77
C GLU F 81 4.23 18.56 -11.21
N ASP F 82 5.17 17.63 -11.37
CA ASP F 82 5.70 17.28 -12.69
C ASP F 82 4.88 16.25 -13.46
N PHE F 83 3.88 15.64 -12.83
CA PHE F 83 3.14 14.60 -13.54
C PHE F 83 2.34 15.35 -14.62
N ALA F 84 2.46 14.91 -15.87
CA ALA F 84 2.01 15.69 -17.02
C ALA F 84 2.39 15.01 -18.32
N THR F 85 1.95 15.58 -19.46
CA THR F 85 2.40 15.11 -20.77
C THR F 85 3.39 16.09 -21.33
N TYR F 86 4.56 15.60 -21.72
CA TYR F 86 5.64 16.41 -22.25
C TYR F 86 5.72 16.20 -23.75
N TYR F 87 5.94 17.29 -24.51
CA TYR F 87 6.03 17.21 -25.97
C TYR F 87 7.29 17.91 -26.44
N CYS F 88 7.95 17.34 -27.44
CA CYS F 88 8.95 18.09 -28.19
C CYS F 88 8.30 18.73 -29.42
N GLN F 89 8.88 19.86 -29.85
CA GLN F 89 8.42 20.57 -31.03
C GLN F 89 9.60 21.17 -31.73
N GLN F 90 9.70 20.90 -33.03
CA GLN F 90 10.73 21.51 -33.86
C GLN F 90 10.10 22.69 -34.50
N ASP F 91 10.81 23.83 -34.46
CA ASP F 91 10.25 25.08 -34.96
C ASP F 91 11.16 25.73 -35.98
N GLY F 92 12.14 24.97 -36.46
CA GLY F 92 13.09 25.46 -37.47
C GLY F 92 12.57 25.31 -38.88
N TYR F 93 11.74 24.30 -39.17
CA TYR F 93 11.20 24.11 -40.52
C TYR F 93 9.68 24.26 -40.55
N TYR F 94 9.19 25.01 -41.51
CA TYR F 94 7.77 25.29 -41.60
C TYR F 94 7.09 24.11 -42.30
N PRO F 95 5.98 23.59 -41.74
CA PRO F 95 5.34 23.92 -40.45
C PRO F 95 6.01 23.30 -39.25
N ALA F 96 6.01 24.02 -38.14
CA ALA F 96 6.43 23.48 -36.85
C ALA F 96 5.65 22.20 -36.53
N THR F 97 6.35 21.16 -36.05
CA THR F 97 5.69 19.88 -35.73
C THR F 97 6.05 19.35 -34.33
N PHE F 98 5.10 18.65 -33.75
CA PHE F 98 5.14 18.14 -32.38
C PHE F 98 5.33 16.63 -32.42
N GLY F 99 6.10 16.11 -31.46
CA GLY F 99 6.10 14.68 -31.14
C GLY F 99 4.76 14.21 -30.62
N GLN F 100 4.63 12.88 -30.46
CA GLN F 100 3.40 12.24 -29.95
C GLN F 100 3.25 12.41 -28.44
N GLY F 101 4.32 12.75 -27.74
CA GLY F 101 4.25 13.08 -26.31
C GLY F 101 4.67 11.93 -25.40
N THR F 102 5.11 12.27 -24.21
CA THR F 102 5.39 11.29 -23.16
C THR F 102 4.53 11.64 -21.93
N LYS F 103 3.64 10.72 -21.54
CA LYS F 103 2.84 10.91 -20.33
C LYS F 103 3.67 10.40 -19.15
N VAL F 104 3.98 11.30 -18.22
CA VAL F 104 4.70 10.96 -17.00
C VAL F 104 3.65 10.82 -15.90
N GLU F 105 3.30 9.55 -15.61
CA GLU F 105 2.13 9.16 -14.76
C GLU F 105 2.55 8.64 -13.40
N ASP G 1 23.47 -25.99 -20.37
CA ASP G 1 22.97 -24.94 -19.42
C ASP G 1 22.22 -25.59 -18.27
N ILE G 2 22.64 -25.28 -17.05
CA ILE G 2 22.22 -25.99 -15.85
C ILE G 2 20.80 -25.66 -15.44
N GLN G 3 19.91 -26.64 -15.60
CA GLN G 3 18.50 -26.46 -15.36
C GLN G 3 18.19 -26.69 -13.87
N MET G 4 17.46 -25.74 -13.30
CA MET G 4 17.12 -25.73 -11.88
C MET G 4 15.64 -25.98 -11.72
N THR G 5 15.29 -27.00 -10.92
CA THR G 5 13.89 -27.36 -10.68
C THR G 5 13.54 -27.20 -9.19
N GLN G 6 12.41 -26.53 -8.93
CA GLN G 6 11.96 -26.28 -7.57
C GLN G 6 10.63 -26.92 -7.35
N SER G 7 10.37 -27.35 -6.12
CA SER G 7 9.06 -27.82 -5.76
C SER G 7 8.74 -27.55 -4.29
N PRO G 8 7.46 -27.33 -3.99
CA PRO G 8 6.35 -27.23 -4.96
C PRO G 8 6.43 -25.91 -5.73
N SER G 9 5.66 -25.80 -6.82
CA SER G 9 5.57 -24.51 -7.53
C SER G 9 4.82 -23.52 -6.65
N SER G 10 3.90 -24.01 -5.83
CA SER G 10 3.16 -23.12 -4.95
C SER G 10 2.84 -23.79 -3.62
N LEU G 11 2.78 -22.97 -2.59
CA LEU G 11 2.59 -23.42 -1.22
C LEU G 11 1.62 -22.48 -0.55
N SER G 12 0.63 -23.07 0.07
CA SER G 12 -0.35 -22.38 0.86
C SER G 12 0.08 -22.61 2.30
N ALA G 13 0.12 -21.57 3.09
CA ALA G 13 0.76 -21.65 4.41
C ALA G 13 0.24 -20.53 5.26
N SER G 14 0.28 -20.73 6.59
CA SER G 14 -0.18 -19.78 7.61
C SER G 14 0.97 -19.21 8.42
N VAL G 15 0.77 -17.98 8.92
CA VAL G 15 1.74 -17.37 9.79
C VAL G 15 2.05 -18.38 10.88
N GLY G 16 3.33 -18.56 11.19
CA GLY G 16 3.75 -19.50 12.24
C GLY G 16 4.15 -20.86 11.71
N ASP G 17 3.84 -21.15 10.46
CA ASP G 17 4.17 -22.46 9.87
C ASP G 17 5.68 -22.56 9.58
N ARG G 18 6.12 -23.81 9.54
CA ARG G 18 7.39 -24.19 9.04
C ARG G 18 7.23 -24.36 7.52
N VAL G 19 8.03 -23.64 6.74
CA VAL G 19 8.03 -23.80 5.27
C VAL G 19 9.36 -24.48 4.87
N THR G 20 9.25 -25.50 4.02
CA THR G 20 10.40 -26.14 3.40
C THR G 20 10.16 -26.10 1.89
N ILE G 21 11.18 -25.71 1.14
CA ILE G 21 11.12 -25.61 -0.32
C ILE G 21 12.36 -26.29 -0.89
N THR G 22 12.20 -27.01 -1.99
CA THR G 22 13.24 -27.88 -2.52
C THR G 22 13.69 -27.40 -3.88
N CYS G 23 14.99 -27.56 -4.17
CA CYS G 23 15.57 -27.20 -5.46
C CYS G 23 16.45 -28.35 -5.93
N ARG G 24 16.34 -28.70 -7.22
CA ARG G 24 17.13 -29.79 -7.82
C ARG G 24 17.92 -29.26 -9.01
N ALA G 25 19.24 -29.37 -8.97
CA ALA G 25 20.08 -28.98 -10.11
C ALA G 25 20.25 -30.19 -11.02
N SER G 26 20.25 -29.96 -12.33
CA SER G 26 20.28 -31.05 -13.31
C SER G 26 21.69 -31.58 -13.57
N GLN G 27 22.70 -30.88 -13.04
CA GLN G 27 24.08 -31.36 -12.99
C GLN G 27 24.54 -31.07 -11.56
N ASP G 28 25.60 -31.73 -11.10
CA ASP G 28 26.16 -31.47 -9.77
C ASP G 28 26.83 -30.09 -9.73
N ILE G 29 26.55 -29.31 -8.69
CA ILE G 29 27.07 -27.95 -8.58
C ILE G 29 27.71 -27.65 -7.24
N ALA G 30 28.12 -28.69 -6.52
CA ALA G 30 28.66 -28.52 -5.18
C ALA G 30 27.69 -27.73 -4.26
N ALA G 31 28.14 -26.62 -3.68
CA ALA G 31 27.32 -25.80 -2.81
C ALA G 31 26.98 -24.44 -3.44
N ALA G 32 27.17 -24.29 -4.75
CA ALA G 32 27.00 -22.99 -5.40
C ALA G 32 25.54 -22.71 -5.74
N LEU G 33 24.70 -22.68 -4.72
CA LEU G 33 23.27 -22.47 -4.89
C LEU G 33 22.78 -21.34 -3.97
N ASN G 34 22.02 -20.42 -4.54
CA ASN G 34 21.58 -19.25 -3.82
C ASN G 34 20.08 -19.21 -3.77
N TRP G 35 19.57 -18.51 -2.76
CA TRP G 35 18.14 -18.35 -2.58
C TRP G 35 17.76 -16.91 -2.56
N TYR G 36 16.91 -16.52 -3.50
CA TYR G 36 16.36 -15.18 -3.57
C TYR G 36 14.90 -15.14 -3.16
N GLN G 37 14.47 -14.03 -2.57
CA GLN G 37 13.08 -13.72 -2.32
C GLN G 37 12.61 -12.53 -3.16
N GLN G 38 11.49 -12.72 -3.86
CA GLN G 38 10.87 -11.66 -4.66
C GLN G 38 9.43 -11.45 -4.21
N LYS G 39 9.11 -10.24 -3.76
CA LYS G 39 7.74 -9.84 -3.46
C LYS G 39 7.12 -9.35 -4.76
N PRO G 40 5.78 -9.38 -4.87
CA PRO G 40 5.25 -8.98 -6.17
C PRO G 40 5.46 -7.49 -6.37
N GLY G 41 5.94 -7.11 -7.55
CA GLY G 41 6.20 -5.71 -7.87
C GLY G 41 7.55 -5.19 -7.45
N LYS G 42 8.36 -6.08 -6.83
CA LYS G 42 9.67 -5.72 -6.33
C LYS G 42 10.80 -6.60 -6.92
N ALA G 43 12.03 -6.17 -6.67
CA ALA G 43 13.24 -6.86 -7.13
C ALA G 43 13.54 -8.08 -6.27
N PRO G 44 13.96 -9.18 -6.89
CA PRO G 44 14.47 -10.30 -6.11
C PRO G 44 15.60 -9.86 -5.17
N LYS G 45 15.61 -10.46 -3.97
CA LYS G 45 16.54 -10.06 -2.91
C LYS G 45 17.28 -11.31 -2.48
N LEU G 46 18.62 -11.23 -2.42
CA LEU G 46 19.44 -12.37 -2.05
C LEU G 46 19.33 -12.67 -0.56
N LEU G 47 18.83 -13.85 -0.19
CA LEU G 47 18.70 -14.23 1.24
C LEU G 47 19.88 -15.07 1.75
N ILE G 48 20.28 -16.04 0.93
CA ILE G 48 21.27 -17.06 1.31
C ILE G 48 22.18 -17.32 0.13
N TYR G 49 23.47 -17.36 0.42
CA TYR G 49 24.48 -17.55 -0.63
C TYR G 49 25.17 -18.87 -0.37
N ALA G 50 25.44 -19.62 -1.44
CA ALA G 50 26.24 -20.86 -1.37
C ALA G 50 25.63 -21.87 -0.41
N SER G 51 24.36 -22.16 -0.63
CA SER G 51 23.61 -23.15 0.16
C SER G 51 23.17 -22.65 1.54
N SER G 52 24.08 -22.06 2.32
CA SER G 52 23.81 -21.79 3.74
C SER G 52 24.32 -20.49 4.34
N TYR G 53 24.99 -19.63 3.56
CA TYR G 53 25.45 -18.36 4.13
C TYR G 53 24.31 -17.32 4.13
N LEU G 54 23.71 -17.12 5.30
CA LEU G 54 22.64 -16.15 5.49
C LEU G 54 23.24 -14.77 5.35
N GLN G 55 22.64 -13.95 4.51
CA GLN G 55 23.17 -12.64 4.21
C GLN G 55 22.77 -11.73 5.35
N SER G 56 23.58 -10.73 5.61
CA SER G 56 23.34 -9.86 6.77
C SER G 56 22.06 -9.11 6.53
N GLY G 57 21.34 -8.88 7.62
CA GLY G 57 20.04 -8.26 7.61
C GLY G 57 18.92 -9.28 7.55
N VAL G 58 19.22 -10.46 7.02
CA VAL G 58 18.17 -11.45 6.75
C VAL G 58 17.82 -12.24 8.01
N PRO G 59 16.53 -12.33 8.33
CA PRO G 59 16.21 -12.94 9.62
C PRO G 59 16.68 -14.39 9.73
N SER G 60 17.02 -14.77 10.96
CA SER G 60 17.60 -16.07 11.25
C SER G 60 16.58 -17.22 11.23
N ARG G 61 15.31 -16.92 10.94
CA ARG G 61 14.34 -17.97 10.65
C ARG G 61 14.54 -18.59 9.26
N PHE G 62 15.29 -17.92 8.41
CA PHE G 62 15.67 -18.50 7.12
C PHE G 62 16.94 -19.33 7.29
N SER G 63 16.98 -20.49 6.64
CA SER G 63 18.19 -21.30 6.54
C SER G 63 18.19 -22.21 5.30
N GLY G 64 19.38 -22.54 4.83
CA GLY G 64 19.52 -23.42 3.69
C GLY G 64 20.50 -24.54 3.94
N SER G 65 20.28 -25.64 3.23
CA SER G 65 21.08 -26.86 3.38
C SER G 65 21.22 -27.40 1.98
N GLY G 66 22.18 -28.32 1.79
CA GLY G 66 22.37 -29.04 0.52
C GLY G 66 23.75 -28.94 -0.10
N SER G 67 24.23 -30.03 -0.68
CA SER G 67 25.40 -30.01 -1.58
C SER G 67 25.16 -31.04 -2.67
N GLY G 68 25.57 -30.70 -3.87
CA GLY G 68 25.49 -31.60 -5.01
C GLY G 68 24.40 -31.15 -5.94
N THR G 69 23.25 -31.81 -5.84
CA THR G 69 22.14 -31.57 -6.74
C THR G 69 20.86 -31.18 -6.01
N ASP G 70 20.79 -31.42 -4.70
CA ASP G 70 19.55 -31.23 -3.94
C ASP G 70 19.79 -30.25 -2.78
N PHE G 71 18.87 -29.30 -2.66
CA PHE G 71 19.03 -28.18 -1.74
C PHE G 71 17.70 -27.81 -1.13
N THR G 72 17.77 -27.18 0.03
CA THR G 72 16.54 -26.91 0.78
C THR G 72 16.59 -25.56 1.44
N LEU G 73 15.53 -24.79 1.26
CA LEU G 73 15.30 -23.53 1.98
C LEU G 73 14.25 -23.82 3.02
N THR G 74 14.50 -23.36 4.24
CA THR G 74 13.59 -23.57 5.37
C THR G 74 13.30 -22.24 6.09
N ILE G 75 12.01 -21.99 6.32
CA ILE G 75 11.59 -20.88 7.14
C ILE G 75 10.98 -21.51 8.38
N SER G 76 11.66 -21.36 9.51
CA SER G 76 11.31 -22.15 10.70
C SER G 76 9.93 -21.78 11.22
N SER G 77 9.56 -20.51 11.06
CA SER G 77 8.28 -19.97 11.54
C SER G 77 7.92 -18.75 10.69
N LEU G 78 6.89 -18.89 9.87
CA LEU G 78 6.63 -17.94 8.81
C LEU G 78 6.03 -16.64 9.37
N GLN G 79 6.58 -15.51 8.94
CA GLN G 79 6.01 -14.21 9.24
C GLN G 79 5.26 -13.66 8.02
N PRO G 80 4.42 -12.65 8.23
CA PRO G 80 3.57 -12.18 7.13
C PRO G 80 4.31 -11.48 6.00
N GLU G 81 5.45 -10.86 6.29
CA GLU G 81 6.29 -10.33 5.23
C GLU G 81 6.97 -11.43 4.36
N ASP G 82 6.80 -12.68 4.71
CA ASP G 82 7.53 -13.75 4.05
C ASP G 82 6.74 -14.29 2.88
N PHE G 83 5.49 -13.85 2.74
CA PHE G 83 4.63 -14.31 1.67
C PHE G 83 5.18 -13.73 0.40
N ALA G 84 5.78 -14.58 -0.43
CA ALA G 84 6.52 -14.14 -1.60
C ALA G 84 6.82 -15.29 -2.52
N THR G 85 7.53 -15.01 -3.61
CA THR G 85 8.07 -16.09 -4.44
C THR G 85 9.55 -16.25 -4.09
N TYR G 86 9.98 -17.50 -3.93
CA TYR G 86 11.39 -17.82 -3.60
C TYR G 86 11.99 -18.50 -4.79
N TYR G 87 13.19 -18.11 -5.19
CA TYR G 87 13.86 -18.71 -6.34
C TYR G 87 15.20 -19.24 -5.89
N CYS G 88 15.57 -20.43 -6.37
CA CYS G 88 16.96 -20.88 -6.26
C CYS G 88 17.68 -20.43 -7.53
N GLN G 89 19.00 -20.32 -7.44
CA GLN G 89 19.83 -19.86 -8.52
C GLN G 89 21.25 -20.38 -8.30
N GLN G 90 21.79 -21.11 -9.27
CA GLN G 90 23.23 -21.45 -9.27
C GLN G 90 24.03 -20.33 -9.91
N ASP G 91 25.12 -19.91 -9.25
CA ASP G 91 26.07 -18.97 -9.85
C ASP G 91 27.50 -19.53 -9.92
N GLY G 92 27.64 -20.87 -9.94
CA GLY G 92 28.96 -21.50 -10.07
C GLY G 92 29.44 -21.73 -11.51
N TYR G 93 28.50 -21.73 -12.46
CA TYR G 93 28.75 -22.13 -13.82
C TYR G 93 28.08 -21.20 -14.81
N TYR G 94 28.75 -20.97 -15.94
CA TYR G 94 28.30 -20.01 -16.91
C TYR G 94 27.37 -20.75 -17.84
N PRO G 95 26.14 -20.23 -18.02
CA PRO G 95 25.58 -19.02 -17.40
C PRO G 95 24.78 -19.28 -16.13
N ALA G 96 24.68 -18.28 -15.26
CA ALA G 96 23.89 -18.43 -14.05
C ALA G 96 22.45 -18.68 -14.46
N THR G 97 21.78 -19.58 -13.75
CA THR G 97 20.40 -19.95 -14.07
C THR G 97 19.57 -19.97 -12.79
N PHE G 98 18.31 -19.55 -12.93
CA PHE G 98 17.31 -19.56 -11.86
C PHE G 98 16.34 -20.75 -11.96
N GLY G 99 15.89 -21.25 -10.81
CA GLY G 99 14.75 -22.14 -10.78
C GLY G 99 13.47 -21.44 -11.19
N GLN G 100 12.42 -22.24 -11.36
CA GLN G 100 11.10 -21.77 -11.79
C GLN G 100 10.36 -21.06 -10.66
N GLY G 101 10.76 -21.33 -9.42
CA GLY G 101 10.28 -20.54 -8.27
C GLY G 101 9.04 -21.09 -7.60
N THR G 102 9.00 -20.96 -6.27
CA THR G 102 7.89 -21.41 -5.45
C THR G 102 7.16 -20.21 -4.85
N LYS G 103 5.89 -20.04 -5.17
CA LYS G 103 5.08 -18.96 -4.62
C LYS G 103 4.50 -19.38 -3.27
N VAL G 104 4.90 -18.72 -2.20
CA VAL G 104 4.35 -18.99 -0.86
C VAL G 104 3.20 -18.01 -0.56
N GLU G 105 2.01 -18.57 -0.32
CA GLU G 105 0.74 -17.83 -0.30
C GLU G 105 0.00 -18.01 1.03
N ILE G 106 -0.60 -16.93 1.51
CA ILE G 106 -1.34 -16.99 2.75
C ILE G 106 -2.53 -17.96 2.58
N LYS G 107 -2.58 -18.98 3.41
CA LYS G 107 -3.74 -19.84 3.52
C LYS G 107 -4.98 -19.08 4.00
N ARG G 108 -6.11 -19.34 3.35
CA ARG G 108 -7.42 -18.83 3.70
C ARG G 108 -8.00 -19.60 4.91
N ALA G 109 -9.03 -19.03 5.56
CA ALA G 109 -9.83 -19.69 6.59
C ALA G 109 -10.87 -20.63 5.95
N ASP H 1 27.78 -2.23 0.24
CA ASP H 1 26.48 -2.52 -0.41
C ASP H 1 26.14 -1.60 -1.59
N ILE H 2 26.15 -2.19 -2.78
CA ILE H 2 25.84 -1.48 -4.04
C ILE H 2 24.32 -1.34 -4.21
N GLN H 3 23.84 -0.10 -4.35
CA GLN H 3 22.45 0.14 -4.72
C GLN H 3 22.37 0.39 -6.21
N MET H 4 21.37 -0.23 -6.82
CA MET H 4 21.14 -0.20 -8.26
C MET H 4 19.80 0.48 -8.51
N THR H 5 19.83 1.56 -9.28
CA THR H 5 18.67 2.38 -9.53
C THR H 5 18.35 2.29 -11.00
N GLN H 6 17.20 1.70 -11.31
CA GLN H 6 16.64 1.61 -12.66
C GLN H 6 15.64 2.73 -12.91
N SER H 7 15.57 3.19 -14.15
CA SER H 7 14.51 4.10 -14.57
C SER H 7 14.18 3.83 -16.04
N PRO H 8 12.92 3.98 -16.44
CA PRO H 8 11.80 4.32 -15.57
C PRO H 8 11.33 3.08 -14.80
N SER H 9 10.36 3.22 -13.90
CA SER H 9 9.77 2.04 -13.21
C SER H 9 8.85 1.27 -14.14
N SER H 10 8.18 2.00 -15.02
CA SER H 10 7.32 1.38 -16.05
C SER H 10 7.31 2.31 -17.27
N LEU H 11 7.10 1.73 -18.44
CA LEU H 11 6.86 2.52 -19.63
C LEU H 11 5.93 1.74 -20.55
N SER H 12 5.20 2.49 -21.36
CA SER H 12 4.31 1.96 -22.39
C SER H 12 4.99 2.17 -23.73
N ALA H 13 4.62 1.35 -24.71
CA ALA H 13 5.30 1.34 -25.99
C ALA H 13 4.57 0.45 -26.99
N SER H 14 4.59 0.83 -28.26
CA SER H 14 3.94 0.01 -29.30
C SER H 14 4.98 -0.90 -29.97
N VAL H 15 4.55 -2.00 -30.58
CA VAL H 15 5.50 -2.85 -31.28
C VAL H 15 6.20 -1.94 -32.30
N GLY H 16 7.52 -2.13 -32.45
CA GLY H 16 8.30 -1.34 -33.41
C GLY H 16 9.06 -0.16 -32.83
N ASP H 17 8.72 0.29 -31.63
CA ASP H 17 9.44 1.42 -31.02
C ASP H 17 10.81 0.98 -30.51
N ARG H 18 11.74 1.93 -30.48
CA ARG H 18 12.97 1.82 -29.69
C ARG H 18 12.60 2.08 -28.25
N VAL H 19 13.06 1.22 -27.33
CA VAL H 19 12.92 1.47 -25.88
C VAL H 19 14.28 1.39 -25.23
N THR H 20 14.50 2.30 -24.26
CA THR H 20 15.77 2.48 -23.60
C THR H 20 15.48 2.47 -22.10
N ILE H 21 16.05 1.49 -21.41
CA ILE H 21 15.97 1.36 -19.98
C ILE H 21 17.38 1.63 -19.48
N THR H 22 17.47 2.29 -18.35
CA THR H 22 18.70 2.73 -17.79
C THR H 22 18.86 2.07 -16.44
N CYS H 23 20.10 1.95 -15.96
CA CYS H 23 20.42 1.42 -14.66
C CYS H 23 21.67 2.15 -14.21
N ARG H 24 21.61 2.75 -13.02
CA ARG H 24 22.74 3.45 -12.43
C ARG H 24 23.15 2.80 -11.11
N ALA H 25 24.45 2.50 -10.98
CA ALA H 25 25.01 1.96 -9.75
C ALA H 25 25.50 3.07 -8.83
N SER H 26 25.45 2.81 -7.52
CA SER H 26 25.92 3.79 -6.53
C SER H 26 27.44 3.82 -6.40
N GLN H 27 28.15 2.89 -7.05
CA GLN H 27 29.61 2.94 -7.20
C GLN H 27 29.98 2.34 -8.55
N ASP H 28 31.19 2.62 -8.99
CA ASP H 28 31.74 2.00 -10.19
C ASP H 28 31.76 0.47 -10.06
N ILE H 29 31.05 -0.22 -10.95
CA ILE H 29 31.07 -1.69 -10.94
C ILE H 29 31.75 -2.26 -12.17
N ALA H 30 32.55 -1.43 -12.85
CA ALA H 30 33.19 -1.79 -14.10
C ALA H 30 32.12 -2.32 -15.05
N ALA H 31 32.27 -3.53 -15.58
CA ALA H 31 31.27 -4.09 -16.50
C ALA H 31 30.46 -5.23 -15.88
N ALA H 32 30.49 -5.38 -14.56
CA ALA H 32 29.85 -6.54 -13.89
C ALA H 32 28.39 -6.23 -13.62
N LEU H 33 27.63 -6.15 -14.72
CA LEU H 33 26.22 -5.78 -14.72
C LEU H 33 25.53 -6.72 -15.70
N ASN H 34 24.43 -7.33 -15.26
CA ASN H 34 23.68 -8.23 -16.11
C ASN H 34 22.28 -7.66 -16.29
N TRP H 35 21.60 -8.06 -17.36
CA TRP H 35 20.19 -7.75 -17.53
C TRP H 35 19.38 -9.00 -17.64
N TYR H 36 18.27 -9.04 -16.90
CA TYR H 36 17.38 -10.18 -16.90
C TYR H 36 16.06 -9.74 -17.45
N GLN H 37 15.40 -10.63 -18.18
CA GLN H 37 14.00 -10.47 -18.56
C GLN H 37 13.15 -11.34 -17.63
N GLN H 38 12.00 -10.84 -17.18
CA GLN H 38 11.06 -11.65 -16.40
C GLN H 38 9.60 -11.46 -16.84
N LYS H 39 8.97 -12.57 -17.21
CA LYS H 39 7.55 -12.63 -17.56
C LYS H 39 6.74 -13.10 -16.35
N PRO H 40 5.45 -12.76 -16.28
CA PRO H 40 4.67 -13.10 -15.10
C PRO H 40 4.53 -14.61 -14.87
N GLY H 41 4.55 -15.00 -13.61
CA GLY H 41 4.52 -16.41 -13.23
C GLY H 41 5.77 -17.20 -13.57
N LYS H 42 6.73 -16.53 -14.22
CA LYS H 42 7.97 -17.18 -14.68
C LYS H 42 9.15 -16.49 -14.05
N ALA H 43 10.27 -17.21 -14.01
CA ALA H 43 11.48 -16.77 -13.35
C ALA H 43 12.36 -15.84 -14.23
N PRO H 44 13.26 -15.05 -13.60
CA PRO H 44 14.19 -14.21 -14.33
C PRO H 44 15.05 -15.02 -15.31
N LYS H 45 15.18 -14.55 -16.55
CA LYS H 45 16.04 -15.20 -17.57
C LYS H 45 17.18 -14.23 -17.91
N LEU H 46 18.42 -14.73 -17.91
CA LEU H 46 19.55 -13.89 -18.25
C LEU H 46 19.49 -13.53 -19.73
N LEU H 47 19.48 -12.22 -20.03
CA LEU H 47 19.53 -11.71 -21.41
C LEU H 47 20.91 -11.26 -21.82
N ILE H 48 21.56 -10.45 -20.99
CA ILE H 48 22.89 -9.92 -21.29
C ILE H 48 23.79 -10.07 -20.06
N TYR H 49 24.99 -10.60 -20.29
CA TYR H 49 26.00 -10.78 -19.25
C TYR H 49 27.07 -9.72 -19.42
N ALA H 50 27.59 -9.23 -18.30
CA ALA H 50 28.70 -8.28 -18.29
C ALA H 50 28.46 -7.12 -19.26
N SER H 51 27.33 -6.47 -19.10
CA SER H 51 27.01 -5.20 -19.79
C SER H 51 26.60 -5.35 -21.23
N SER H 52 27.29 -6.17 -22.00
CA SER H 52 27.01 -6.24 -23.43
C SER H 52 27.07 -7.63 -24.08
N TYR H 53 27.13 -8.71 -23.29
CA TYR H 53 27.25 -10.06 -23.85
C TYR H 53 25.90 -10.72 -23.99
N LEU H 54 25.39 -10.72 -25.20
CA LEU H 54 24.07 -11.27 -25.53
C LEU H 54 24.10 -12.78 -25.35
N GLN H 55 23.16 -13.32 -24.57
CA GLN H 55 23.12 -14.75 -24.30
C GLN H 55 22.62 -15.58 -25.50
N SER H 56 22.97 -16.86 -25.55
CA SER H 56 22.55 -17.73 -26.67
C SER H 56 21.04 -17.65 -26.88
N GLY H 57 20.63 -17.41 -28.11
CA GLY H 57 19.19 -17.40 -28.45
C GLY H 57 18.44 -16.13 -28.12
N VAL H 58 19.18 -15.06 -27.83
CA VAL H 58 18.59 -13.75 -27.57
C VAL H 58 18.69 -12.89 -28.83
N PRO H 59 17.56 -12.38 -29.33
CA PRO H 59 17.55 -11.66 -30.60
C PRO H 59 18.45 -10.43 -30.62
N SER H 60 19.04 -10.16 -31.79
CA SER H 60 20.00 -9.08 -31.99
C SER H 60 19.43 -7.74 -31.57
N ARG H 61 18.10 -7.62 -31.58
CA ARG H 61 17.45 -6.36 -31.26
C ARG H 61 17.68 -5.88 -29.82
N PHE H 62 18.04 -6.81 -28.95
CA PHE H 62 18.49 -6.46 -27.61
C PHE H 62 19.97 -6.12 -27.69
N SER H 63 20.39 -5.07 -26.99
CA SER H 63 21.79 -4.74 -26.81
C SER H 63 22.00 -4.00 -25.50
N GLY H 64 23.21 -4.11 -24.97
CA GLY H 64 23.54 -3.53 -23.67
C GLY H 64 24.81 -2.72 -23.81
N SER H 65 24.85 -1.57 -23.12
CA SER H 65 26.07 -0.77 -23.12
C SER H 65 26.35 -0.12 -21.76
N GLY H 66 27.60 0.29 -21.59
CA GLY H 66 28.05 0.99 -20.40
C GLY H 66 29.14 0.23 -19.69
N SER H 67 29.86 0.97 -18.87
CA SER H 67 30.90 0.44 -18.00
C SER H 67 31.13 1.55 -17.00
N GLY H 68 31.20 1.20 -15.72
CA GLY H 68 31.34 2.21 -14.68
C GLY H 68 30.10 2.24 -13.81
N THR H 69 29.35 3.35 -13.87
CA THR H 69 28.15 3.52 -13.04
C THR H 69 26.85 3.59 -13.84
N ASP H 70 26.93 3.90 -15.14
CA ASP H 70 25.72 4.07 -15.96
C ASP H 70 25.65 3.00 -17.03
N PHE H 71 24.47 2.38 -17.15
CA PHE H 71 24.25 1.27 -18.07
C PHE H 71 22.92 1.40 -18.81
N THR H 72 22.86 0.86 -20.01
CA THR H 72 21.67 1.01 -20.84
C THR H 72 21.29 -0.31 -21.50
N LEU H 73 20.02 -0.68 -21.40
CA LEU H 73 19.46 -1.77 -22.22
C LEU H 73 18.58 -1.12 -23.28
N THR H 74 18.87 -1.39 -24.54
CA THR H 74 18.09 -0.86 -25.65
C THR H 74 17.44 -2.01 -26.38
N ILE H 75 16.16 -1.85 -26.71
CA ILE H 75 15.47 -2.77 -27.62
C ILE H 75 15.17 -1.96 -28.88
N SER H 76 15.75 -2.35 -30.01
CA SER H 76 15.42 -1.77 -31.31
C SER H 76 14.22 -2.50 -31.92
N SER H 77 13.10 -1.82 -32.17
CA SER H 77 11.90 -2.49 -32.70
C SER H 77 11.34 -3.50 -31.68
N LEU H 78 10.61 -2.99 -30.71
CA LEU H 78 9.98 -3.84 -29.71
C LEU H 78 9.00 -4.78 -30.39
N GLN H 79 9.03 -6.05 -29.98
CA GLN H 79 8.11 -7.07 -30.50
C GLN H 79 7.14 -7.50 -29.40
N PRO H 80 6.04 -8.22 -29.76
CA PRO H 80 5.12 -8.71 -28.74
C PRO H 80 5.79 -9.53 -27.64
N GLU H 81 6.66 -10.46 -28.03
CA GLU H 81 7.42 -11.31 -27.09
C GLU H 81 8.20 -10.53 -25.99
N ASP H 82 8.46 -9.25 -26.19
CA ASP H 82 9.32 -8.45 -25.34
C ASP H 82 8.59 -7.74 -24.20
N PHE H 83 7.26 -7.74 -24.21
CA PHE H 83 6.54 -7.06 -23.12
C PHE H 83 6.75 -7.90 -21.86
N ALA H 84 7.44 -7.30 -20.88
CA ALA H 84 7.94 -8.03 -19.73
C ALA H 84 8.43 -7.03 -18.70
N THR H 85 9.04 -7.52 -17.62
CA THR H 85 9.76 -6.66 -16.66
C THR H 85 11.25 -6.96 -16.79
N TYR H 86 12.04 -5.92 -17.01
CA TYR H 86 13.48 -6.05 -17.21
C TYR H 86 14.14 -5.61 -15.90
N TYR H 87 15.21 -6.28 -15.49
CA TYR H 87 15.98 -6.01 -14.26
C TYR H 87 17.45 -6.00 -14.57
N CYS H 88 18.19 -5.01 -14.04
CA CYS H 88 19.64 -5.11 -14.02
C CYS H 88 20.11 -5.72 -12.70
N GLN H 89 21.30 -6.31 -12.72
CA GLN H 89 21.89 -6.96 -11.54
C GLN H 89 23.36 -6.76 -11.55
N GLN H 90 23.91 -6.18 -10.50
CA GLN H 90 25.37 -6.17 -10.42
C GLN H 90 25.76 -7.46 -9.71
N ASP H 91 26.82 -8.11 -10.21
CA ASP H 91 27.34 -9.34 -9.61
C ASP H 91 28.85 -9.25 -9.35
N GLY H 92 29.38 -8.05 -9.35
CA GLY H 92 30.78 -7.82 -9.04
C GLY H 92 31.07 -7.83 -7.55
N TYR H 93 30.15 -7.34 -6.73
CA TYR H 93 30.33 -7.27 -5.27
C TYR H 93 29.31 -8.07 -4.47
N TYR H 94 29.77 -8.67 -3.38
CA TYR H 94 28.94 -9.48 -2.50
C TYR H 94 28.24 -8.52 -1.54
N PRO H 95 26.90 -8.62 -1.43
CA PRO H 95 26.02 -9.54 -2.17
C PRO H 95 25.57 -8.95 -3.51
N ALA H 96 25.32 -9.82 -4.50
CA ALA H 96 24.70 -9.38 -5.76
C ALA H 96 23.39 -8.65 -5.49
N THR H 97 23.13 -7.59 -6.26
CA THR H 97 21.95 -6.73 -6.03
C THR H 97 21.21 -6.40 -7.33
N PHE H 98 19.89 -6.39 -7.27
CA PHE H 98 19.05 -6.14 -8.43
C PHE H 98 18.53 -4.71 -8.32
N GLY H 99 18.33 -4.07 -9.47
CA GLY H 99 17.52 -2.87 -9.60
C GLY H 99 16.05 -3.19 -9.34
N GLN H 100 15.25 -2.14 -9.16
CA GLN H 100 13.84 -2.26 -8.76
C GLN H 100 12.93 -2.60 -9.96
N GLY H 101 13.50 -2.76 -11.16
CA GLY H 101 12.78 -3.32 -12.33
C GLY H 101 12.23 -2.23 -13.27
N THR H 102 12.13 -2.52 -14.57
CA THR H 102 11.30 -1.70 -15.46
C THR H 102 10.26 -2.55 -16.19
N LYS H 103 8.98 -2.31 -15.92
CA LYS H 103 7.88 -3.03 -16.61
C LYS H 103 7.63 -2.41 -17.96
N VAL H 104 7.92 -3.14 -19.02
CA VAL H 104 7.59 -2.68 -20.38
C VAL H 104 6.20 -3.24 -20.78
N GLU H 105 5.17 -2.40 -20.78
CA GLU H 105 3.80 -2.86 -20.96
C GLU H 105 3.10 -2.29 -22.21
N ILE H 106 1.94 -2.86 -22.54
CA ILE H 106 1.21 -2.48 -23.77
C ILE H 106 0.59 -1.09 -23.61
N LYS H 107 0.55 -0.33 -24.71
CA LYS H 107 -0.05 1.01 -24.72
C LYS H 107 -1.57 0.91 -24.69
N LYS I 1 -18.29 -17.93 51.36
CA LYS I 1 -16.83 -18.28 51.26
C LYS I 1 -16.57 -19.13 50.02
N VAL I 2 -15.39 -18.99 49.42
CA VAL I 2 -15.01 -19.84 48.30
C VAL I 2 -13.89 -20.74 48.74
N PHE I 3 -14.10 -22.04 48.65
CA PHE I 3 -13.08 -23.01 49.09
C PHE I 3 -12.07 -23.24 48.00
N GLY I 4 -10.85 -23.48 48.45
CA GLY I 4 -9.85 -24.13 47.63
C GLY I 4 -10.13 -25.62 47.51
N ARG I 5 -9.57 -26.20 46.47
CA ARG I 5 -9.69 -27.64 46.17
C ARG I 5 -9.34 -28.55 47.34
N CYS I 6 -8.13 -28.41 47.85
CA CYS I 6 -7.65 -29.20 48.98
C CYS I 6 -8.30 -28.82 50.29
N GLU I 7 -8.68 -27.56 50.44
CA GLU I 7 -9.43 -27.12 51.62
C GLU I 7 -10.79 -27.82 51.67
N LEU I 8 -11.45 -27.92 50.52
CA LEU I 8 -12.76 -28.59 50.46
C LEU I 8 -12.64 -30.10 50.65
N ALA I 9 -11.66 -30.73 50.01
CA ALA I 9 -11.43 -32.17 50.17
C ALA I 9 -11.25 -32.54 51.66
N ALA I 10 -10.35 -31.81 52.33
CA ALA I 10 -10.07 -32.04 53.74
C ALA I 10 -11.32 -31.87 54.59
N ALA I 11 -12.08 -30.81 54.35
CA ALA I 11 -13.33 -30.60 55.09
C ALA I 11 -14.31 -31.77 54.88
N MET I 12 -14.57 -32.09 53.60
CA MET I 12 -15.44 -33.21 53.23
C MET I 12 -15.02 -34.59 53.76
N LYS I 13 -13.72 -34.83 53.87
CA LYS I 13 -13.20 -36.11 54.37
C LYS I 13 -13.43 -36.24 55.88
N ARG I 14 -13.24 -35.15 56.62
CA ARG I 14 -13.57 -35.11 58.04
C ARG I 14 -15.04 -35.37 58.21
N HIS I 15 -15.85 -34.88 57.29
CA HIS I 15 -17.31 -35.06 57.40
C HIS I 15 -17.77 -36.38 56.85
N GLY I 16 -16.83 -37.26 56.52
CA GLY I 16 -17.17 -38.63 56.21
C GLY I 16 -17.75 -38.90 54.82
N LEU I 17 -17.49 -38.01 53.87
CA LEU I 17 -17.87 -38.25 52.48
C LEU I 17 -16.88 -39.17 51.75
N ASP I 18 -15.67 -39.34 52.29
CA ASP I 18 -14.72 -40.22 51.63
C ASP I 18 -15.24 -41.65 51.64
N ASN I 19 -15.60 -42.14 50.47
CA ASN I 19 -16.16 -43.49 50.26
C ASN I 19 -17.60 -43.69 50.72
N TYR I 20 -18.26 -42.58 51.05
CA TYR I 20 -19.64 -42.66 51.51
C TYR I 20 -20.48 -43.30 50.41
N ARG I 21 -21.07 -44.45 50.73
CA ARG I 21 -21.84 -45.24 49.77
C ARG I 21 -20.98 -45.70 48.58
N GLY I 22 -19.70 -45.94 48.82
CA GLY I 22 -18.79 -46.36 47.76
C GLY I 22 -18.42 -45.25 46.76
N TYR I 23 -18.76 -44.02 47.11
CA TYR I 23 -18.30 -42.87 46.34
C TYR I 23 -17.02 -42.26 46.90
N SER I 24 -15.92 -42.43 46.19
CA SER I 24 -14.65 -41.85 46.58
C SER I 24 -14.70 -40.31 46.61
N LEU I 25 -13.85 -39.74 47.47
CA LEU I 25 -13.83 -38.31 47.82
C LEU I 25 -13.76 -37.37 46.61
N GLY I 26 -12.92 -37.69 45.64
CA GLY I 26 -12.85 -36.89 44.39
C GLY I 26 -14.19 -36.66 43.68
N ASN I 27 -15.10 -37.62 43.81
CA ASN I 27 -16.43 -37.46 43.22
C ASN I 27 -17.12 -36.23 43.79
N TRP I 28 -17.04 -36.06 45.11
CA TRP I 28 -17.80 -34.99 45.75
C TRP I 28 -17.19 -33.67 45.44
N VAL I 29 -15.86 -33.61 45.39
CA VAL I 29 -15.17 -32.37 45.08
C VAL I 29 -15.46 -31.95 43.66
N CYS I 30 -15.38 -32.89 42.72
CA CYS I 30 -15.72 -32.65 41.31
C CYS I 30 -17.13 -32.07 41.17
N ALA I 31 -18.08 -32.68 41.86
CA ALA I 31 -19.46 -32.21 41.85
C ALA I 31 -19.57 -30.80 42.42
N ALA I 32 -18.88 -30.50 43.51
CA ALA I 32 -18.97 -29.17 44.07
C ALA I 32 -18.40 -28.11 43.12
N LYS I 33 -17.29 -28.41 42.43
CA LYS I 33 -16.68 -27.43 41.53
C LYS I 33 -17.65 -26.97 40.44
N PHE I 34 -18.27 -27.93 39.77
CA PHE I 34 -19.19 -27.61 38.69
C PHE I 34 -20.52 -27.05 39.19
N GLU I 35 -20.98 -27.51 40.35
CA GLU I 35 -22.27 -27.08 40.87
C GLU I 35 -22.23 -25.66 41.46
N SER I 36 -21.18 -25.34 42.19
CA SER I 36 -21.12 -24.11 42.99
C SER I 36 -19.81 -23.33 42.82
N ASN I 37 -18.87 -23.85 42.03
CA ASN I 37 -17.52 -23.29 41.95
C ASN I 37 -16.80 -23.20 43.31
N PHE I 38 -17.18 -24.09 44.25
CA PHE I 38 -16.67 -24.11 45.62
C PHE I 38 -17.16 -22.95 46.47
N ASN I 39 -18.24 -22.32 46.03
CA ASN I 39 -18.76 -21.10 46.67
C ASN I 39 -19.88 -21.48 47.61
N THR I 40 -19.61 -21.42 48.91
CA THR I 40 -20.62 -21.74 49.91
C THR I 40 -21.94 -20.95 49.82
N GLN I 41 -21.99 -19.90 49.00
CA GLN I 41 -23.19 -19.04 48.89
C GLN I 41 -23.85 -19.02 47.52
N ALA I 42 -23.40 -19.87 46.61
CA ALA I 42 -23.99 -19.93 45.28
C ALA I 42 -25.46 -20.22 45.42
N THR I 43 -26.28 -19.46 44.72
CA THR I 43 -27.71 -19.77 44.60
C THR I 43 -28.13 -19.61 43.14
N ASN I 44 -28.87 -20.58 42.60
CA ASN I 44 -29.37 -20.48 41.23
C ASN I 44 -30.84 -20.82 41.15
N ARG I 45 -31.63 -19.87 40.66
CA ARG I 45 -33.07 -20.03 40.57
C ARG I 45 -33.38 -20.77 39.29
N ASN I 46 -34.18 -21.83 39.39
CA ASN I 46 -34.57 -22.64 38.24
C ASN I 46 -35.88 -22.16 37.64
N THR I 47 -36.04 -22.31 36.33
CA THR I 47 -37.31 -21.98 35.67
C THR I 47 -38.46 -22.84 36.20
N ASP I 48 -38.14 -24.02 36.76
CA ASP I 48 -39.19 -24.85 37.38
C ASP I 48 -39.75 -24.29 38.70
N GLY I 49 -39.19 -23.16 39.19
CA GLY I 49 -39.71 -22.49 40.39
C GLY I 49 -38.91 -22.79 41.66
N SER I 50 -38.10 -23.84 41.61
CA SER I 50 -37.21 -24.13 42.72
C SER I 50 -35.93 -23.31 42.61
N THR I 51 -35.21 -23.26 43.72
CA THR I 51 -33.88 -22.68 43.77
C THR I 51 -32.91 -23.65 44.43
N ASP I 52 -31.66 -23.60 43.98
CA ASP I 52 -30.63 -24.49 44.47
C ASP I 52 -29.66 -23.66 45.30
N TYR I 53 -29.24 -24.22 46.42
CA TYR I 53 -28.52 -23.45 47.43
C TYR I 53 -27.23 -24.15 47.87
N GLY I 54 -26.16 -23.35 47.97
CA GLY I 54 -24.95 -23.73 48.67
C GLY I 54 -23.90 -24.44 47.84
N ILE I 55 -22.85 -24.83 48.54
CA ILE I 55 -21.73 -25.50 47.92
C ILE I 55 -22.13 -26.79 47.19
N LEU I 56 -23.26 -27.38 47.57
CA LEU I 56 -23.76 -28.58 46.89
C LEU I 56 -25.16 -28.39 46.25
N GLN I 57 -25.58 -27.15 46.06
CA GLN I 57 -26.77 -26.83 45.25
C GLN I 57 -28.00 -27.67 45.60
N ILE I 58 -28.36 -27.59 46.87
CA ILE I 58 -29.45 -28.40 47.38
C ILE I 58 -30.78 -27.71 47.07
N ASN I 59 -31.74 -28.50 46.59
CA ASN I 59 -32.99 -27.98 45.96
C ASN I 59 -34.12 -27.60 46.94
N SER I 60 -34.83 -26.53 46.62
CA SER I 60 -35.85 -25.96 47.52
C SER I 60 -37.22 -26.62 47.40
N ARG I 61 -37.43 -27.42 46.37
CA ARG I 61 -38.67 -28.18 46.25
C ARG I 61 -38.60 -29.51 46.98
N TRP I 62 -37.44 -30.16 46.98
CA TRP I 62 -37.30 -31.50 47.59
C TRP I 62 -36.61 -31.55 48.92
N TRP I 63 -35.48 -30.87 49.08
CA TRP I 63 -34.58 -31.13 50.21
C TRP I 63 -34.52 -30.08 51.28
N CYS I 64 -34.57 -28.81 50.90
CA CYS I 64 -34.62 -27.76 51.89
C CYS I 64 -35.85 -26.88 51.67
N ASN I 65 -36.11 -25.98 52.61
CA ASN I 65 -37.28 -25.09 52.59
C ASN I 65 -36.85 -23.64 52.50
N ASP I 66 -37.15 -22.98 51.38
CA ASP I 66 -36.81 -21.57 51.25
C ASP I 66 -38.01 -20.66 51.47
N GLY I 67 -39.22 -21.21 51.49
CA GLY I 67 -40.43 -20.45 51.80
C GLY I 67 -41.09 -19.84 50.58
N ARG I 68 -40.40 -19.86 49.45
CA ARG I 68 -40.93 -19.32 48.20
C ARG I 68 -41.19 -20.41 47.16
N THR I 69 -41.04 -21.68 47.57
CA THR I 69 -41.08 -22.79 46.62
C THR I 69 -42.27 -23.70 46.85
N PRO I 70 -43.27 -23.67 45.94
CA PRO I 70 -44.47 -24.49 46.11
C PRO I 70 -44.19 -25.99 45.94
N GLY I 71 -44.98 -26.81 46.62
CA GLY I 71 -44.74 -28.26 46.68
C GLY I 71 -43.52 -28.66 47.51
N SER I 72 -43.18 -27.86 48.51
CA SER I 72 -41.95 -28.03 49.30
C SER I 72 -42.01 -29.27 50.20
N ARG I 73 -41.20 -30.28 49.88
CA ARG I 73 -41.06 -31.48 50.70
C ARG I 73 -40.07 -31.32 51.88
N ASN I 74 -39.03 -30.48 51.71
CA ASN I 74 -37.99 -30.23 52.73
C ASN I 74 -37.52 -31.47 53.48
N LEU I 75 -37.20 -32.53 52.74
CA LEU I 75 -36.82 -33.84 53.30
C LEU I 75 -35.59 -33.81 54.24
N CYS I 76 -34.72 -32.81 54.10
CA CYS I 76 -33.60 -32.60 55.02
C CYS I 76 -33.97 -31.77 56.25
N ASN I 77 -35.23 -31.36 56.36
CA ASN I 77 -35.72 -30.71 57.57
C ASN I 77 -34.84 -29.52 57.99
N ILE I 78 -34.44 -28.71 57.01
CA ILE I 78 -33.53 -27.58 57.23
C ILE I 78 -33.90 -26.45 56.29
N PRO I 79 -33.93 -25.19 56.80
CA PRO I 79 -34.18 -24.07 55.89
C PRO I 79 -32.99 -23.86 54.95
N CYS I 80 -33.27 -23.51 53.70
CA CYS I 80 -32.21 -23.37 52.69
C CYS I 80 -31.20 -22.30 53.07
N SER I 81 -31.67 -21.22 53.72
CA SER I 81 -30.77 -20.14 54.18
C SER I 81 -29.80 -20.60 55.27
N ALA I 82 -29.86 -21.87 55.68
CA ALA I 82 -28.87 -22.48 56.58
C ALA I 82 -27.77 -23.22 55.81
N LEU I 83 -28.00 -23.51 54.53
CA LEU I 83 -27.02 -24.24 53.71
C LEU I 83 -26.03 -23.30 53.02
N LEU I 84 -25.92 -22.06 53.51
CA LEU I 84 -25.08 -21.06 52.90
C LEU I 84 -23.92 -20.67 53.82
N SER I 85 -23.62 -21.53 54.78
CA SER I 85 -22.62 -21.22 55.80
C SER I 85 -21.21 -21.44 55.27
N SER I 86 -20.24 -20.92 55.99
CA SER I 86 -18.84 -21.18 55.74
C SER I 86 -18.45 -22.59 56.22
N ASP I 87 -19.19 -23.10 57.21
CA ASP I 87 -19.11 -24.52 57.59
C ASP I 87 -20.06 -25.28 56.67
N ILE I 88 -19.59 -26.41 56.15
CA ILE I 88 -20.33 -27.23 55.18
C ILE I 88 -21.18 -28.35 55.84
N THR I 89 -21.26 -28.34 57.16
CA THR I 89 -21.91 -29.38 57.94
C THR I 89 -23.32 -29.65 57.44
N ALA I 90 -24.11 -28.59 57.34
CA ALA I 90 -25.52 -28.70 56.98
C ALA I 90 -25.61 -29.23 55.53
N SER I 91 -24.75 -28.74 54.64
CA SER I 91 -24.70 -29.22 53.26
C SER I 91 -24.22 -30.67 53.14
N VAL I 92 -23.21 -31.06 53.88
CA VAL I 92 -22.81 -32.45 53.85
C VAL I 92 -23.94 -33.32 54.41
N ASN I 93 -24.46 -32.94 55.56
CA ASN I 93 -25.51 -33.75 56.17
C ASN I 93 -26.70 -33.96 55.26
N CYS I 94 -27.10 -32.93 54.51
CA CYS I 94 -28.22 -33.11 53.58
C CYS I 94 -27.80 -33.99 52.38
N ALA I 95 -26.54 -33.87 51.94
CA ALA I 95 -26.02 -34.73 50.89
C ALA I 95 -25.99 -36.20 51.30
N LYS I 96 -25.68 -36.46 52.57
CA LYS I 96 -25.68 -37.83 53.05
C LYS I 96 -27.08 -38.44 52.99
N LYS I 97 -28.10 -37.63 53.26
CA LYS I 97 -29.50 -38.06 53.21
C LYS I 97 -29.95 -38.29 51.77
N ILE I 98 -29.59 -37.36 50.89
CA ILE I 98 -29.93 -37.49 49.47
C ILE I 98 -29.34 -38.74 48.84
N VAL I 99 -28.08 -39.05 49.11
CA VAL I 99 -27.48 -40.22 48.45
C VAL I 99 -27.59 -41.45 49.35
N SER I 100 -28.68 -42.20 49.13
CA SER I 100 -29.06 -43.35 49.95
C SER I 100 -28.46 -44.67 49.41
N ASP I 101 -27.77 -44.65 48.28
CA ASP I 101 -27.25 -45.88 47.66
C ASP I 101 -26.14 -45.56 46.64
N GLY I 102 -25.70 -46.59 45.89
CA GLY I 102 -24.69 -46.41 44.83
C GLY I 102 -25.15 -45.78 43.51
N ASN I 103 -26.35 -45.23 43.47
CA ASN I 103 -26.75 -44.43 42.34
C ASN I 103 -27.06 -43.01 42.78
N GLY I 104 -26.78 -42.71 44.05
CA GLY I 104 -27.29 -41.49 44.67
C GLY I 104 -26.66 -40.20 44.16
N MET I 105 -25.41 -40.28 43.72
CA MET I 105 -24.77 -39.07 43.20
C MET I 105 -25.37 -38.60 41.88
N ASN I 106 -26.11 -39.50 41.23
CA ASN I 106 -26.94 -39.10 40.09
C ASN I 106 -27.98 -38.05 40.44
N ALA I 107 -28.09 -37.68 41.73
CA ALA I 107 -28.87 -36.51 42.16
C ALA I 107 -28.28 -35.19 41.66
N TRP I 108 -27.02 -35.22 41.23
CA TRP I 108 -26.41 -34.04 40.66
C TRP I 108 -26.17 -34.28 39.22
N VAL I 109 -26.80 -33.49 38.37
CA VAL I 109 -26.72 -33.73 36.93
C VAL I 109 -25.31 -33.45 36.44
N ALA I 110 -24.63 -32.54 37.13
CA ALA I 110 -23.30 -32.12 36.72
C ALA I 110 -22.35 -33.25 37.02
N TRP I 111 -22.57 -33.95 38.14
CA TRP I 111 -21.72 -35.07 38.49
C TRP I 111 -21.93 -36.15 37.47
N ARG I 112 -23.20 -36.39 37.14
CA ARG I 112 -23.59 -37.45 36.21
C ARG I 112 -22.88 -37.27 34.87
N ASN I 113 -22.94 -36.06 34.33
CA ASN I 113 -22.45 -35.80 32.97
C ASN I 113 -20.96 -35.50 32.91
N ARG I 114 -20.42 -34.88 33.96
CA ARG I 114 -19.03 -34.42 33.89
C ARG I 114 -18.04 -35.29 34.64
N CYS I 115 -18.45 -35.82 35.77
CA CYS I 115 -17.53 -36.48 36.69
C CYS I 115 -17.60 -38.00 36.65
N LYS I 116 -18.80 -38.56 36.50
CA LYS I 116 -19.02 -40.02 36.50
C LYS I 116 -18.05 -40.71 35.58
N GLY I 117 -17.36 -41.71 36.12
CA GLY I 117 -16.49 -42.57 35.31
C GLY I 117 -15.18 -41.94 34.86
N THR I 118 -14.94 -40.66 35.17
CA THR I 118 -13.66 -40.02 34.83
C THR I 118 -12.68 -40.26 35.98
N ASP I 119 -11.47 -39.74 35.86
CA ASP I 119 -10.47 -39.87 36.91
C ASP I 119 -10.72 -38.80 37.96
N VAL I 120 -11.74 -39.02 38.81
CA VAL I 120 -12.08 -38.05 39.84
C VAL I 120 -11.00 -37.85 40.89
N GLN I 121 -10.17 -38.87 41.14
CA GLN I 121 -9.06 -38.76 42.12
C GLN I 121 -8.11 -37.60 41.78
N ALA I 122 -8.09 -37.22 40.51
CA ALA I 122 -7.33 -36.11 40.05
C ALA I 122 -7.59 -34.91 40.95
N TRP I 123 -8.82 -34.78 41.42
CA TRP I 123 -9.23 -33.61 42.18
C TRP I 123 -8.64 -33.45 43.54
N ILE I 124 -8.12 -34.55 44.09
CA ILE I 124 -7.49 -34.49 45.41
C ILE I 124 -5.99 -34.72 45.33
N ARG I 125 -5.47 -34.71 44.12
CA ARG I 125 -4.08 -35.04 43.90
C ARG I 125 -3.22 -33.90 44.43
N GLY I 126 -2.24 -34.24 45.24
CA GLY I 126 -1.38 -33.24 45.89
C GLY I 126 -1.88 -32.83 47.27
N CYS I 127 -3.12 -33.17 47.62
CA CYS I 127 -3.61 -32.81 48.95
C CYS I 127 -3.12 -33.83 49.99
N LYS J 1 -37.71 -3.99 -0.59
CA LYS J 1 -36.42 -3.34 -0.93
C LYS J 1 -36.03 -2.21 0.06
N VAL J 2 -34.76 -1.82 -0.01
CA VAL J 2 -34.30 -0.65 0.71
C VAL J 2 -34.24 0.54 -0.23
N PHE J 3 -35.09 1.54 -0.01
CA PHE J 3 -35.09 2.81 -0.76
C PHE J 3 -33.87 3.64 -0.39
N GLY J 4 -33.45 4.50 -1.31
CA GLY J 4 -32.53 5.57 -1.00
C GLY J 4 -33.36 6.77 -0.55
N ARG J 5 -32.72 7.65 0.21
CA ARG J 5 -33.32 8.90 0.67
C ARG J 5 -34.10 9.68 -0.40
N CYS J 6 -33.46 9.99 -1.52
CA CYS J 6 -34.06 10.81 -2.57
C CYS J 6 -35.00 10.00 -3.43
N GLU J 7 -34.70 8.73 -3.63
CA GLU J 7 -35.65 7.81 -4.24
C GLU J 7 -36.96 7.76 -3.44
N LEU J 8 -36.87 7.57 -2.12
CA LEU J 8 -38.05 7.55 -1.26
C LEU J 8 -38.78 8.89 -1.27
N ALA J 9 -38.03 10.00 -1.21
CA ALA J 9 -38.68 11.35 -1.20
C ALA J 9 -39.55 11.60 -2.43
N ALA J 10 -39.04 11.23 -3.61
CA ALA J 10 -39.71 11.43 -4.90
C ALA J 10 -40.97 10.58 -4.97
N ALA J 11 -40.91 9.36 -4.46
CA ALA J 11 -42.04 8.47 -4.45
C ALA J 11 -43.08 8.99 -3.48
N MET J 12 -42.65 9.40 -2.29
CA MET J 12 -43.57 10.00 -1.33
C MET J 12 -44.25 11.24 -1.91
N LYS J 13 -43.51 12.04 -2.67
CA LYS J 13 -44.09 13.25 -3.29
C LYS J 13 -45.09 12.89 -4.41
N ARG J 14 -44.72 11.91 -5.21
CA ARG J 14 -45.60 11.41 -6.26
C ARG J 14 -46.89 10.84 -5.66
N HIS J 15 -46.83 10.30 -4.44
CA HIS J 15 -48.03 9.78 -3.82
C HIS J 15 -48.73 10.76 -2.92
N GLY J 16 -48.39 12.05 -3.06
CA GLY J 16 -49.15 13.14 -2.46
C GLY J 16 -48.83 13.47 -1.00
N LEU J 17 -47.67 13.10 -0.50
CA LEU J 17 -47.42 13.37 0.92
C LEU J 17 -46.76 14.72 1.14
N ASP J 18 -46.41 15.39 0.06
CA ASP J 18 -45.83 16.70 0.18
C ASP J 18 -46.91 17.64 0.62
N ASN J 19 -46.78 18.18 1.83
CA ASN J 19 -47.74 19.14 2.41
C ASN J 19 -49.11 18.58 2.72
N TYR J 20 -49.18 17.25 2.82
CA TYR J 20 -50.40 16.57 3.22
C TYR J 20 -50.75 16.95 4.67
N ARG J 21 -51.94 17.51 4.82
CA ARG J 21 -52.41 18.12 6.07
C ARG J 21 -51.40 19.04 6.75
N GLY J 22 -50.68 19.83 5.96
CA GLY J 22 -49.69 20.79 6.48
C GLY J 22 -48.31 20.24 6.78
N TYR J 23 -48.15 18.92 6.66
CA TYR J 23 -46.85 18.31 6.94
C TYR J 23 -45.92 18.34 5.74
N SER J 24 -44.82 19.09 5.85
CA SER J 24 -43.82 19.14 4.78
C SER J 24 -43.21 17.75 4.53
N LEU J 25 -42.83 17.51 3.28
CA LEU J 25 -42.31 16.21 2.80
C LEU J 25 -41.28 15.54 3.70
N GLY J 26 -40.37 16.32 4.26
CA GLY J 26 -39.27 15.79 5.03
C GLY J 26 -39.67 15.09 6.31
N ASN J 27 -40.82 15.48 6.85
CA ASN J 27 -41.39 14.79 8.01
C ASN J 27 -41.56 13.31 7.68
N TRP J 28 -42.04 13.02 6.46
CA TRP J 28 -42.29 11.63 6.06
C TRP J 28 -41.03 10.86 5.83
N VAL J 29 -40.02 11.52 5.30
CA VAL J 29 -38.75 10.85 5.07
C VAL J 29 -38.05 10.57 6.38
N CYS J 30 -37.96 11.58 7.27
CA CYS J 30 -37.38 11.45 8.63
C CYS J 30 -38.01 10.30 9.40
N ALA J 31 -39.33 10.21 9.31
CA ALA J 31 -40.06 9.24 10.09
C ALA J 31 -39.73 7.81 9.60
N ALA J 32 -39.71 7.61 8.29
CA ALA J 32 -39.44 6.31 7.71
C ALA J 32 -38.02 5.82 8.09
N LYS J 33 -37.07 6.74 8.10
CA LYS J 33 -35.68 6.40 8.37
C LYS J 33 -35.54 5.76 9.74
N PHE J 34 -36.15 6.37 10.73
CA PHE J 34 -36.09 5.82 12.05
C PHE J 34 -37.02 4.63 12.20
N GLU J 35 -38.18 4.63 11.55
CA GLU J 35 -39.16 3.51 11.69
C GLU J 35 -38.75 2.19 10.99
N SER J 36 -38.26 2.30 9.74
CA SER J 36 -37.92 1.15 8.90
C SER J 36 -36.52 1.18 8.24
N ASN J 37 -35.75 2.26 8.40
CA ASN J 37 -34.52 2.46 7.66
C ASN J 37 -34.73 2.49 6.14
N PHE J 38 -35.95 2.85 5.72
CA PHE J 38 -36.29 2.93 4.29
C PHE J 38 -36.41 1.53 3.71
N ASN J 39 -36.64 0.55 4.57
CA ASN J 39 -36.77 -0.84 4.19
C ASN J 39 -38.24 -1.27 4.07
N THR J 40 -38.72 -1.51 2.85
CA THR J 40 -40.16 -1.89 2.67
C THR J 40 -40.58 -3.18 3.39
N GLN J 41 -39.63 -4.07 3.64
CA GLN J 41 -39.95 -5.35 4.28
C GLN J 41 -39.72 -5.41 5.77
N ALA J 42 -39.53 -4.25 6.41
CA ALA J 42 -39.30 -4.20 7.84
C ALA J 42 -40.57 -4.63 8.57
N THR J 43 -40.39 -5.60 9.48
CA THR J 43 -41.45 -6.04 10.38
C THR J 43 -40.89 -6.08 11.79
N ASN J 44 -41.61 -5.54 12.76
CA ASN J 44 -41.14 -5.60 14.14
C ASN J 44 -42.31 -6.03 15.01
N ARG J 45 -42.12 -7.14 15.70
CA ARG J 45 -43.16 -7.74 16.52
C ARG J 45 -43.12 -7.07 17.91
N ASN J 46 -44.28 -6.61 18.36
CA ASN J 46 -44.40 -5.99 19.66
C ASN J 46 -44.75 -7.04 20.69
N THR J 47 -44.28 -6.85 21.92
CA THR J 47 -44.63 -7.77 22.99
C THR J 47 -46.10 -7.64 23.34
N ASP J 48 -46.77 -6.59 22.83
CA ASP J 48 -48.21 -6.45 23.03
C ASP J 48 -49.08 -7.34 22.13
N GLY J 49 -48.44 -8.22 21.34
CA GLY J 49 -49.14 -9.18 20.45
C GLY J 49 -49.35 -8.70 19.02
N SER J 50 -49.13 -7.42 18.75
CA SER J 50 -49.33 -6.85 17.40
C SER J 50 -47.98 -6.79 16.72
N THR J 51 -48.00 -6.68 15.38
CA THR J 51 -46.77 -6.46 14.61
C THR J 51 -46.83 -5.16 13.80
N ASP J 52 -45.68 -4.53 13.63
CA ASP J 52 -45.58 -3.36 12.80
C ASP J 52 -44.97 -3.73 11.48
N TYR J 53 -45.60 -3.28 10.39
CA TYR J 53 -45.22 -3.68 9.05
C TYR J 53 -44.89 -2.48 8.18
N GLY J 54 -43.74 -2.58 7.52
CA GLY J 54 -43.49 -1.79 6.34
C GLY J 54 -42.65 -0.58 6.58
N ILE J 55 -42.51 0.19 5.52
CA ILE J 55 -41.64 1.34 5.47
C ILE J 55 -42.04 2.40 6.53
N LEU J 56 -43.32 2.39 6.93
CA LEU J 56 -43.84 3.21 8.04
C LEU J 56 -44.38 2.42 9.22
N GLN J 57 -43.95 1.17 9.38
CA GLN J 57 -44.34 0.38 10.54
C GLN J 57 -45.81 0.56 10.97
N ILE J 58 -46.73 0.06 10.16
CA ILE J 58 -48.16 0.19 10.42
C ILE J 58 -48.62 -1.01 11.25
N ASN J 59 -49.35 -0.71 12.33
CA ASN J 59 -49.68 -1.66 13.38
C ASN J 59 -50.84 -2.64 13.03
N SER J 60 -50.68 -3.90 13.45
CA SER J 60 -51.57 -5.00 13.02
C SER J 60 -52.85 -5.16 13.85
N ARG J 61 -52.96 -4.43 14.96
CA ARG J 61 -54.17 -4.39 15.79
C ARG J 61 -55.12 -3.27 15.38
N TRP J 62 -54.57 -2.14 14.92
CA TRP J 62 -55.39 -1.04 14.52
C TRP J 62 -55.61 -0.81 13.06
N TRP J 63 -54.57 -0.96 12.25
CA TRP J 63 -54.59 -0.41 10.90
C TRP J 63 -54.59 -1.43 9.83
N CYS J 64 -53.89 -2.54 9.99
CA CYS J 64 -53.97 -3.59 8.98
C CYS J 64 -54.22 -4.94 9.61
N ASN J 65 -54.51 -5.92 8.75
CA ASN J 65 -54.83 -7.27 9.16
C ASN J 65 -53.73 -8.28 8.81
N ASP J 66 -53.07 -8.83 9.84
CA ASP J 66 -52.10 -9.88 9.65
C ASP J 66 -52.65 -11.23 10.10
N GLY J 67 -53.95 -11.29 10.37
CA GLY J 67 -54.65 -12.56 10.66
C GLY J 67 -54.12 -13.36 11.84
N ARG J 68 -53.39 -12.72 12.74
CA ARG J 68 -52.93 -13.37 13.97
C ARG J 68 -52.83 -12.41 15.16
N THR J 69 -53.47 -11.23 15.07
CA THR J 69 -53.47 -10.24 16.13
C THR J 69 -54.85 -10.21 16.78
N PRO J 70 -54.96 -10.59 18.07
CA PRO J 70 -56.28 -10.42 18.72
C PRO J 70 -56.74 -8.94 18.77
N GLY J 71 -58.04 -8.73 18.61
CA GLY J 71 -58.65 -7.40 18.69
C GLY J 71 -58.45 -6.54 17.46
N SER J 72 -58.22 -7.20 16.31
CA SER J 72 -57.83 -6.54 15.08
C SER J 72 -58.97 -5.71 14.55
N ARG J 73 -58.70 -4.45 14.29
CA ARG J 73 -59.71 -3.56 13.73
C ARG J 73 -59.55 -3.29 12.27
N ASN J 74 -58.33 -3.44 11.75
CA ASN J 74 -58.04 -3.32 10.33
C ASN J 74 -58.61 -2.02 9.71
N LEU J 75 -58.38 -0.89 10.37
CA LEU J 75 -59.00 0.38 9.93
C LEU J 75 -58.59 0.86 8.54
N CYS J 76 -57.41 0.50 8.04
CA CYS J 76 -57.07 0.79 6.62
C CYS J 76 -57.61 -0.28 5.67
N ASN J 77 -58.27 -1.30 6.18
CA ASN J 77 -58.87 -2.33 5.34
C ASN J 77 -57.93 -2.93 4.30
N ILE J 78 -56.76 -3.40 4.76
CA ILE J 78 -55.70 -3.93 3.89
C ILE J 78 -54.97 -5.05 4.62
N PRO J 79 -54.57 -6.12 3.91
CA PRO J 79 -53.75 -7.15 4.57
C PRO J 79 -52.33 -6.63 4.82
N CYS J 80 -51.74 -6.97 5.96
CA CYS J 80 -50.47 -6.37 6.28
C CYS J 80 -49.41 -6.77 5.24
N SER J 81 -49.59 -7.90 4.58
CA SER J 81 -48.69 -8.33 3.50
C SER J 81 -48.60 -7.32 2.33
N ALA J 82 -49.67 -6.60 2.01
CA ALA J 82 -49.57 -5.56 0.98
C ALA J 82 -48.66 -4.36 1.39
N LEU J 83 -48.45 -4.17 2.69
CA LEU J 83 -47.60 -3.07 3.16
C LEU J 83 -46.07 -3.40 3.18
N LEU J 84 -45.73 -4.60 2.71
CA LEU J 84 -44.35 -5.06 2.53
C LEU J 84 -43.96 -5.06 1.06
N SER J 85 -44.67 -4.29 0.24
CA SER J 85 -44.46 -4.29 -1.20
C SER J 85 -43.30 -3.36 -1.52
N SER J 86 -42.65 -3.59 -2.66
CA SER J 86 -41.64 -2.66 -3.16
C SER J 86 -42.29 -1.29 -3.57
N ASP J 87 -43.55 -1.32 -4.00
CA ASP J 87 -44.35 -0.10 -4.26
C ASP J 87 -44.93 0.49 -2.95
N ILE J 88 -44.62 1.74 -2.63
CA ILE J 88 -45.06 2.29 -1.33
C ILE J 88 -46.56 2.69 -1.25
N THR J 89 -47.29 2.47 -2.35
CA THR J 89 -48.65 3.01 -2.49
C THR J 89 -49.58 2.67 -1.35
N ALA J 90 -49.61 1.40 -0.97
CA ALA J 90 -50.60 0.96 0.01
C ALA J 90 -50.21 1.54 1.38
N SER J 91 -48.92 1.63 1.67
CA SER J 91 -48.45 2.24 2.92
C SER J 91 -48.71 3.74 2.93
N VAL J 92 -48.65 4.40 1.78
CA VAL J 92 -49.04 5.81 1.74
C VAL J 92 -50.56 5.99 1.95
N ASN J 93 -51.34 5.19 1.25
CA ASN J 93 -52.78 5.19 1.46
C ASN J 93 -53.15 5.03 2.92
N CYS J 94 -52.51 4.08 3.59
CA CYS J 94 -52.86 3.81 4.96
C CYS J 94 -52.38 4.97 5.85
N ALA J 95 -51.24 5.58 5.55
CA ALA J 95 -50.81 6.75 6.36
C ALA J 95 -51.75 7.94 6.13
N LYS J 96 -52.23 8.12 4.92
CA LYS J 96 -53.25 9.16 4.69
C LYS J 96 -54.48 8.98 5.59
N LYS J 97 -54.92 7.75 5.82
CA LYS J 97 -56.11 7.50 6.66
C LYS J 97 -55.82 7.71 8.16
N ILE J 98 -54.61 7.34 8.61
CA ILE J 98 -54.14 7.60 9.98
C ILE J 98 -54.03 9.09 10.29
N VAL J 99 -53.43 9.83 9.35
CA VAL J 99 -53.21 11.29 9.48
C VAL J 99 -54.42 12.04 8.93
N SER J 100 -55.43 12.20 9.78
CA SER J 100 -56.72 12.77 9.41
C SER J 100 -56.75 14.25 9.74
N ASP J 101 -55.63 14.75 10.25
CA ASP J 101 -55.57 15.98 10.99
C ASP J 101 -54.14 16.49 10.82
N GLY J 102 -53.91 17.78 11.08
CA GLY J 102 -52.57 18.36 11.12
C GLY J 102 -51.76 18.04 12.38
N ASN J 103 -52.28 17.19 13.26
CA ASN J 103 -51.53 16.65 14.38
C ASN J 103 -51.29 15.16 14.23
N GLY J 104 -51.74 14.57 13.12
CA GLY J 104 -51.87 13.12 12.98
C GLY J 104 -50.55 12.34 12.96
N MET J 105 -49.47 12.98 12.55
CA MET J 105 -48.16 12.29 12.59
C MET J 105 -47.69 12.00 14.03
N ASN J 106 -48.40 12.48 15.04
CA ASN J 106 -48.14 12.06 16.43
C ASN J 106 -48.38 10.56 16.63
N ALA J 107 -49.09 9.95 15.68
CA ALA J 107 -49.31 8.51 15.64
C ALA J 107 -48.02 7.75 15.62
N TRP J 108 -46.96 8.34 15.06
CA TRP J 108 -45.64 7.72 15.00
C TRP J 108 -44.79 8.30 16.07
N VAL J 109 -44.53 7.52 17.13
CA VAL J 109 -43.81 8.01 18.33
C VAL J 109 -42.41 8.48 18.02
N ALA J 110 -41.70 7.70 17.19
CA ALA J 110 -40.38 8.05 16.70
C ALA J 110 -40.40 9.43 16.01
N TRP J 111 -41.42 9.71 15.18
CA TRP J 111 -41.55 11.02 14.59
C TRP J 111 -41.71 12.05 15.65
N ARG J 112 -42.63 11.82 16.59
CA ARG J 112 -42.86 12.76 17.66
C ARG J 112 -41.59 13.04 18.44
N ASN J 113 -40.86 12.00 18.84
CA ASN J 113 -39.67 12.17 19.68
C ASN J 113 -38.45 12.77 18.93
N ARG J 114 -38.34 12.52 17.63
CA ARG J 114 -37.08 12.79 16.94
C ARG J 114 -37.10 13.84 15.85
N CYS J 115 -38.19 13.91 15.11
CA CYS J 115 -38.31 14.73 13.91
C CYS J 115 -39.13 16.03 14.14
N LYS J 116 -40.22 15.92 14.86
CA LYS J 116 -41.19 16.98 14.99
C LYS J 116 -40.54 18.26 15.50
N GLY J 117 -40.78 19.35 14.78
CA GLY J 117 -40.25 20.67 15.16
C GLY J 117 -38.78 20.88 14.86
N THR J 118 -38.14 19.93 14.18
CA THR J 118 -36.75 20.04 13.74
C THR J 118 -36.71 20.50 12.27
N ASP J 119 -35.51 20.73 11.76
CA ASP J 119 -35.35 21.03 10.34
C ASP J 119 -35.52 19.76 9.47
N VAL J 120 -36.73 19.23 9.42
CA VAL J 120 -36.99 18.00 8.67
C VAL J 120 -36.72 18.16 7.17
N GLN J 121 -36.72 19.37 6.64
CA GLN J 121 -36.39 19.56 5.21
C GLN J 121 -34.88 19.34 4.89
N ALA J 122 -34.05 19.28 5.91
CA ALA J 122 -32.66 18.84 5.73
C ALA J 122 -32.61 17.51 4.96
N TRP J 123 -33.63 16.67 5.18
CA TRP J 123 -33.71 15.33 4.59
C TRP J 123 -33.99 15.27 3.12
N ILE J 124 -34.48 16.35 2.54
CA ILE J 124 -34.77 16.33 1.11
C ILE J 124 -33.81 17.21 0.27
N ARG J 125 -32.84 17.87 0.91
CA ARG J 125 -31.75 18.59 0.22
C ARG J 125 -31.03 17.69 -0.78
N GLY J 126 -30.90 18.17 -2.01
CA GLY J 126 -30.22 17.46 -3.09
C GLY J 126 -31.08 16.61 -4.02
N CYS J 127 -32.24 16.16 -3.52
CA CYS J 127 -33.12 15.28 -4.30
C CYS J 127 -33.76 16.00 -5.49
N ARG J 128 -34.04 15.25 -6.55
CA ARG J 128 -34.60 15.77 -7.79
C ARG J 128 -36.09 16.04 -7.67
N LYS K 1 19.77 38.68 -25.18
CA LYS K 1 18.33 38.78 -25.54
C LYS K 1 18.03 37.72 -26.58
N VAL K 2 16.89 37.05 -26.45
CA VAL K 2 16.38 36.18 -27.51
C VAL K 2 15.19 36.87 -28.16
N PHE K 3 15.25 37.04 -29.48
CA PHE K 3 14.19 37.65 -30.26
C PHE K 3 13.17 36.60 -30.64
N GLY K 4 11.92 37.03 -30.77
CA GLY K 4 10.90 36.28 -31.54
C GLY K 4 11.08 36.64 -33.00
N ARG K 5 10.52 35.83 -33.91
CA ARG K 5 10.78 35.97 -35.34
C ARG K 5 10.30 37.31 -35.90
N CYS K 6 9.14 37.79 -35.46
CA CYS K 6 8.65 39.12 -35.89
C CYS K 6 9.42 40.30 -35.30
N GLU K 7 9.86 40.21 -34.05
CA GLU K 7 10.65 41.33 -33.50
C GLU K 7 12.01 41.41 -34.19
N LEU K 8 12.61 40.26 -34.52
CA LEU K 8 13.87 40.29 -35.29
C LEU K 8 13.65 40.77 -36.72
N ALA K 9 12.65 40.23 -37.40
CA ALA K 9 12.38 40.66 -38.77
C ALA K 9 12.20 42.19 -38.82
N ALA K 10 11.47 42.74 -37.87
CA ALA K 10 11.28 44.20 -37.83
C ALA K 10 12.62 44.99 -37.59
N ALA K 11 13.42 44.54 -36.63
CA ALA K 11 14.73 45.15 -36.37
C ALA K 11 15.64 45.06 -37.60
N MET K 12 15.65 43.89 -38.23
CA MET K 12 16.42 43.67 -39.44
C MET K 12 16.03 44.62 -40.56
N LYS K 13 14.74 44.75 -40.83
CA LYS K 13 14.24 45.72 -41.85
C LYS K 13 14.62 47.17 -41.56
N ARG K 14 14.46 47.62 -40.31
CA ARG K 14 14.85 48.96 -39.93
C ARG K 14 16.32 49.15 -40.27
N HIS K 15 17.11 48.10 -40.15
CA HIS K 15 18.56 48.18 -40.40
C HIS K 15 18.97 47.92 -41.85
N GLY K 16 17.99 47.83 -42.74
CA GLY K 16 18.22 47.80 -44.18
C GLY K 16 18.61 46.45 -44.78
N LEU K 17 18.18 45.34 -44.18
CA LEU K 17 18.60 44.02 -44.72
C LEU K 17 17.59 43.48 -45.74
N ASP K 18 16.37 43.98 -45.70
CA ASP K 18 15.35 43.54 -46.65
C ASP K 18 15.76 43.87 -48.07
N ASN K 19 15.90 42.83 -48.89
CA ASN K 19 16.39 42.93 -50.27
C ASN K 19 17.79 43.52 -50.39
N TYR K 20 18.60 43.37 -49.35
CA TYR K 20 20.00 43.81 -49.43
C TYR K 20 20.75 42.85 -50.33
N ARG K 21 21.37 43.42 -51.34
CA ARG K 21 21.92 42.68 -52.46
C ARG K 21 20.99 41.55 -52.88
N GLY K 22 19.69 41.88 -53.02
CA GLY K 22 18.70 40.95 -53.57
C GLY K 22 18.21 39.83 -52.64
N TYR K 23 18.69 39.81 -51.40
CA TYR K 23 18.17 38.87 -50.38
C TYR K 23 16.95 39.44 -49.65
N SER K 24 15.78 38.87 -49.92
CA SER K 24 14.55 39.19 -49.18
C SER K 24 14.75 38.92 -47.66
N LEU K 25 14.04 39.67 -46.83
CA LEU K 25 14.22 39.67 -45.39
C LEU K 25 14.22 38.27 -44.76
N GLY K 26 13.36 37.38 -45.27
CA GLY K 26 13.21 36.05 -44.69
C GLY K 26 14.48 35.26 -44.64
N ASN K 27 15.37 35.51 -45.60
CA ASN K 27 16.69 34.86 -45.60
C ASN K 27 17.48 35.16 -44.34
N TRP K 28 17.49 36.42 -43.93
CA TRP K 28 18.27 36.85 -42.78
C TRP K 28 17.71 36.29 -41.50
N VAL K 29 16.38 36.23 -41.39
CA VAL K 29 15.72 35.60 -40.22
C VAL K 29 15.97 34.07 -40.17
N CYS K 30 15.77 33.38 -41.30
CA CYS K 30 16.04 31.94 -41.40
C CYS K 30 17.47 31.60 -40.95
N ALA K 31 18.43 32.40 -41.40
CA ALA K 31 19.84 32.20 -41.11
C ALA K 31 20.13 32.38 -39.63
N ALA K 32 19.50 33.38 -39.03
CA ALA K 32 19.72 33.66 -37.60
C ALA K 32 19.06 32.60 -36.73
N LYS K 33 17.98 31.99 -37.23
CA LYS K 33 17.32 30.98 -36.44
C LYS K 33 18.31 29.84 -36.17
N PHE K 34 18.96 29.40 -37.23
CA PHE K 34 19.80 28.21 -37.17
C PHE K 34 21.18 28.54 -36.58
N GLU K 35 21.69 29.72 -36.86
CA GLU K 35 22.99 30.11 -36.38
C GLU K 35 22.97 30.36 -34.86
N SER K 36 21.98 31.10 -34.36
CA SER K 36 21.98 31.53 -32.96
C SER K 36 20.74 31.22 -32.17
N ASN K 37 19.76 30.60 -32.80
CA ASN K 37 18.42 30.50 -32.23
C ASN K 37 17.83 31.86 -31.79
N PHE K 38 18.21 32.93 -32.50
CA PHE K 38 17.76 34.31 -32.24
C PHE K 38 18.33 34.86 -30.94
N ASN K 39 19.40 34.27 -30.42
CA ASN K 39 20.03 34.69 -29.18
C ASN K 39 21.23 35.60 -29.47
N THR K 40 21.11 36.86 -29.06
CA THR K 40 22.18 37.83 -29.29
C THR K 40 23.47 37.52 -28.55
N GLN K 41 23.40 36.71 -27.51
CA GLN K 41 24.59 36.32 -26.74
C GLN K 41 25.26 35.02 -27.20
N ALA K 42 24.70 34.36 -28.21
CA ALA K 42 25.22 33.06 -28.65
C ALA K 42 26.71 33.17 -28.96
N THR K 43 27.53 32.33 -28.33
CA THR K 43 28.94 32.23 -28.70
C THR K 43 29.33 30.77 -28.81
N ASN K 44 30.17 30.47 -29.79
CA ASN K 44 30.46 29.07 -30.13
C ASN K 44 31.89 28.87 -30.59
N ARG K 45 32.68 28.16 -29.78
CA ARG K 45 34.09 27.91 -30.10
C ARG K 45 34.19 26.80 -31.16
N ASN K 46 35.07 26.98 -32.15
CA ASN K 46 35.23 26.03 -33.23
C ASN K 46 36.50 25.24 -32.99
N THR K 47 36.50 23.97 -33.39
CA THR K 47 37.71 23.17 -33.19
C THR K 47 38.90 23.79 -33.93
N ASP K 48 38.61 24.65 -34.91
CA ASP K 48 39.64 25.30 -35.71
C ASP K 48 40.34 26.51 -35.03
N GLY K 49 40.05 26.77 -33.76
CA GLY K 49 40.71 27.85 -33.00
C GLY K 49 39.90 29.15 -32.92
N SER K 50 39.05 29.42 -33.90
CA SER K 50 38.19 30.61 -33.84
C SER K 50 36.95 30.40 -32.98
N THR K 51 36.28 31.51 -32.70
CA THR K 51 34.95 31.52 -32.05
C THR K 51 33.98 32.39 -32.88
N ASP K 52 32.73 31.95 -32.95
CA ASP K 52 31.68 32.69 -33.62
C ASP K 52 30.80 33.42 -32.61
N TYR K 53 30.42 34.66 -32.93
CA TYR K 53 29.79 35.51 -31.92
C TYR K 53 28.48 36.14 -32.39
N GLY K 54 27.45 35.99 -31.57
CA GLY K 54 26.27 36.82 -31.67
C GLY K 54 25.18 36.20 -32.52
N ILE K 55 24.21 37.04 -32.87
CA ILE K 55 22.99 36.59 -33.48
C ILE K 55 23.24 36.03 -34.87
N LEU K 56 24.28 36.49 -35.54
CA LEU K 56 24.66 35.91 -36.82
C LEU K 56 26.01 35.19 -36.76
N GLN K 57 26.50 34.91 -35.56
CA GLN K 57 27.65 34.04 -35.42
C GLN K 57 28.84 34.51 -36.26
N ILE K 58 29.24 35.76 -36.08
CA ILE K 58 30.36 36.28 -36.88
C ILE K 58 31.72 35.74 -36.38
N ASN K 59 32.55 35.27 -37.31
CA ASN K 59 33.80 34.57 -36.96
C ASN K 59 35.00 35.43 -36.54
N SER K 60 35.74 34.97 -35.53
CA SER K 60 36.83 35.74 -34.95
C SER K 60 38.18 35.59 -35.66
N ARG K 61 38.25 34.81 -36.73
CA ARG K 61 39.48 34.79 -37.50
C ARG K 61 39.45 35.77 -38.66
N TRP K 62 38.26 36.05 -39.19
CA TRP K 62 38.10 36.88 -40.38
C TRP K 62 37.42 38.20 -40.18
N TRP K 63 36.36 38.23 -39.37
CA TRP K 63 35.49 39.40 -39.34
C TRP K 63 35.60 40.25 -38.09
N CYS K 64 35.71 39.65 -36.91
CA CYS K 64 35.85 40.40 -35.67
C CYS K 64 37.02 39.86 -34.90
N ASN K 65 37.53 40.67 -33.97
CA ASN K 65 38.71 40.34 -33.18
C ASN K 65 38.38 40.02 -31.72
N ASP K 66 38.73 38.81 -31.28
CA ASP K 66 38.41 38.39 -29.91
C ASP K 66 39.66 38.40 -29.01
N GLY K 67 40.84 38.61 -29.60
CA GLY K 67 42.06 38.78 -28.86
C GLY K 67 42.83 37.48 -28.82
N ARG K 68 42.11 36.38 -29.01
CA ARG K 68 42.59 35.07 -28.65
C ARG K 68 42.63 34.10 -29.85
N THR K 69 42.54 34.64 -31.07
CA THR K 69 42.50 33.80 -32.29
C THR K 69 43.64 34.04 -33.26
N PRO K 70 44.50 33.03 -33.50
CA PRO K 70 45.57 33.11 -34.51
C PRO K 70 45.07 33.36 -35.93
N GLY K 71 45.75 34.27 -36.63
CA GLY K 71 45.42 34.65 -38.00
C GLY K 71 44.31 35.70 -38.11
N SER K 72 44.13 36.50 -37.06
CA SER K 72 43.05 37.48 -36.96
C SER K 72 43.13 38.61 -37.99
N ARG K 73 42.11 38.72 -38.83
CA ARG K 73 42.09 39.78 -39.84
C ARG K 73 41.14 40.94 -39.50
N ASN K 74 40.05 40.65 -38.76
CA ASN K 74 39.18 41.71 -38.25
C ASN K 74 38.69 42.64 -39.33
N LEU K 75 38.15 42.07 -40.41
CA LEU K 75 37.80 42.87 -41.59
C LEU K 75 36.60 43.80 -41.36
N CYS K 76 35.78 43.50 -40.37
CA CYS K 76 34.67 44.39 -39.97
C CYS K 76 35.14 45.46 -38.99
N ASN K 77 36.41 45.41 -38.57
CA ASN K 77 37.00 46.43 -37.69
C ASN K 77 36.14 46.66 -36.46
N ILE K 78 35.86 45.57 -35.75
CA ILE K 78 34.97 45.56 -34.60
C ILE K 78 35.45 44.49 -33.62
N PRO K 79 35.40 44.76 -32.31
CA PRO K 79 35.70 43.69 -31.38
C PRO K 79 34.50 42.76 -31.26
N CYS K 80 34.72 41.46 -31.09
CA CYS K 80 33.60 40.52 -31.01
C CYS K 80 32.80 40.74 -29.74
N SER K 81 33.46 41.17 -28.67
CA SER K 81 32.79 41.65 -27.48
C SER K 81 31.64 42.63 -27.83
N ALA K 82 31.80 43.44 -28.88
CA ALA K 82 30.75 44.40 -29.25
C ALA K 82 29.64 43.83 -30.14
N LEU K 83 29.63 42.52 -30.38
CA LEU K 83 28.64 41.86 -31.22
C LEU K 83 27.65 41.06 -30.39
N LEU K 84 27.59 41.34 -29.09
CA LEU K 84 26.76 40.56 -28.17
C LEU K 84 25.73 41.47 -27.51
N SER K 85 25.40 42.55 -28.20
CA SER K 85 24.53 43.56 -27.64
C SER K 85 23.09 43.11 -27.87
N SER K 86 22.18 43.67 -27.08
CA SER K 86 20.76 43.43 -27.28
C SER K 86 20.30 44.15 -28.56
N ASP K 87 21.03 45.22 -28.94
CA ASP K 87 20.87 45.93 -30.22
C ASP K 87 21.68 45.24 -31.31
N ILE K 88 21.03 44.84 -32.39
CA ILE K 88 21.68 44.14 -33.48
C ILE K 88 22.46 45.01 -34.48
N THR K 89 22.54 46.33 -34.22
CA THR K 89 23.22 47.24 -35.13
C THR K 89 24.58 46.69 -35.63
N ALA K 90 25.49 46.37 -34.71
CA ALA K 90 26.86 46.05 -35.08
C ALA K 90 26.95 44.76 -35.90
N SER K 91 26.17 43.77 -35.53
CA SER K 91 26.14 42.50 -36.25
C SER K 91 25.56 42.66 -37.65
N VAL K 92 24.59 43.55 -37.79
CA VAL K 92 23.99 43.78 -39.08
C VAL K 92 25.02 44.44 -39.97
N ASN K 93 25.72 45.45 -39.45
CA ASN K 93 26.80 46.11 -40.18
C ASN K 93 27.89 45.17 -40.65
N CYS K 94 28.35 44.30 -39.78
CA CYS K 94 29.34 43.30 -40.20
C CYS K 94 28.78 42.30 -41.25
N ALA K 95 27.52 41.88 -41.10
CA ALA K 95 26.82 41.07 -42.13
C ALA K 95 26.82 41.74 -43.51
N LYS K 96 26.56 43.04 -43.52
CA LYS K 96 26.56 43.84 -44.74
C LYS K 96 27.97 44.00 -45.36
N LYS K 97 29.02 44.04 -44.52
CA LYS K 97 30.39 43.97 -45.04
C LYS K 97 30.65 42.54 -45.60
N ILE K 98 30.25 41.50 -44.87
CA ILE K 98 30.42 40.13 -45.36
C ILE K 98 29.69 39.87 -46.66
N VAL K 99 28.42 40.24 -46.78
CA VAL K 99 27.74 40.00 -48.05
C VAL K 99 27.86 41.29 -48.92
N SER K 100 28.82 41.24 -49.83
CA SER K 100 29.10 42.35 -50.75
C SER K 100 28.55 42.05 -52.13
N ASP K 101 27.99 40.86 -52.30
CA ASP K 101 27.66 40.25 -53.58
C ASP K 101 26.25 39.73 -53.47
N GLY K 102 25.61 39.45 -54.60
CA GLY K 102 24.32 38.76 -54.59
C GLY K 102 24.42 37.31 -54.14
N ASN K 103 25.62 36.75 -54.08
CA ASN K 103 25.79 35.38 -53.57
C ASN K 103 26.34 35.34 -52.14
N GLY K 104 26.43 36.50 -51.51
CA GLY K 104 27.16 36.66 -50.24
C GLY K 104 26.69 35.85 -49.04
N MET K 105 25.39 35.53 -48.97
CA MET K 105 24.88 34.77 -47.81
C MET K 105 25.41 33.33 -47.73
N ASN K 106 26.04 32.84 -48.79
CA ASN K 106 26.78 31.60 -48.74
C ASN K 106 27.85 31.56 -47.66
N ALA K 107 28.26 32.72 -47.13
CA ALA K 107 29.14 32.80 -45.96
C ALA K 107 28.63 31.98 -44.78
N TRP K 108 27.32 31.86 -44.63
CA TRP K 108 26.72 31.03 -43.58
C TRP K 108 26.31 29.70 -44.14
N VAL K 109 26.96 28.65 -43.68
CA VAL K 109 26.76 27.30 -44.24
C VAL K 109 25.34 26.80 -43.94
N ALA K 110 24.87 27.08 -42.73
CA ALA K 110 23.54 26.71 -42.33
C ALA K 110 22.45 27.37 -43.23
N TRP K 111 22.64 28.62 -43.64
CA TRP K 111 21.73 29.25 -44.61
C TRP K 111 21.75 28.49 -45.92
N ARG K 112 22.94 28.28 -46.44
CA ARG K 112 23.13 27.61 -47.72
C ARG K 112 22.43 26.28 -47.74
N ASN K 113 22.64 25.48 -46.69
CA ASN K 113 22.11 24.11 -46.63
C ASN K 113 20.63 24.00 -46.30
N ARG K 114 20.10 24.97 -45.56
CA ARG K 114 18.75 24.86 -44.98
C ARG K 114 17.75 25.86 -45.55
N CYS K 115 18.18 27.06 -45.89
CA CYS K 115 17.28 28.14 -46.19
C CYS K 115 17.30 28.42 -47.68
N LYS K 116 18.51 28.55 -48.22
CA LYS K 116 18.69 28.96 -49.61
C LYS K 116 17.69 28.22 -50.49
N GLY K 117 16.91 28.97 -51.27
CA GLY K 117 15.99 28.36 -52.24
C GLY K 117 14.70 27.81 -51.65
N THR K 118 14.51 27.91 -50.35
CA THR K 118 13.28 27.43 -49.72
C THR K 118 12.25 28.57 -49.63
N ASP K 119 11.07 28.29 -49.11
CA ASP K 119 10.04 29.33 -48.87
C ASP K 119 10.45 30.17 -47.63
N VAL K 120 11.38 31.09 -47.82
CA VAL K 120 11.87 31.86 -46.69
C VAL K 120 10.90 32.93 -46.20
N GLN K 121 9.95 33.34 -47.02
CA GLN K 121 9.00 34.38 -46.60
C GLN K 121 8.12 33.86 -45.46
N ALA K 122 8.00 32.53 -45.37
CA ALA K 122 7.42 31.85 -44.21
C ALA K 122 7.86 32.51 -42.88
N TRP K 123 9.13 32.88 -42.79
CA TRP K 123 9.65 33.49 -41.58
C TRP K 123 9.09 34.83 -41.25
N ILE K 124 8.67 35.60 -42.24
CA ILE K 124 8.18 36.95 -42.01
C ILE K 124 6.66 37.04 -42.18
N ARG K 125 6.03 35.90 -42.45
CA ARG K 125 4.59 35.86 -42.72
C ARG K 125 3.83 36.15 -41.44
N GLY K 126 2.86 37.05 -41.52
CA GLY K 126 2.12 37.52 -40.33
C GLY K 126 2.80 38.67 -39.58
N CYS K 127 4.09 38.90 -39.79
CA CYS K 127 4.74 40.05 -39.19
C CYS K 127 4.30 41.33 -39.91
N LYS L 1 35.73 -18.51 -24.58
CA LYS L 1 35.06 -19.16 -23.41
C LYS L 1 34.77 -18.11 -22.34
N VAL L 2 33.60 -18.23 -21.70
CA VAL L 2 33.33 -17.50 -20.45
C VAL L 2 33.20 -18.49 -19.31
N PHE L 3 34.05 -18.34 -18.29
CA PHE L 3 34.12 -19.26 -17.17
C PHE L 3 33.05 -18.93 -16.16
N GLY L 4 32.55 -19.95 -15.49
CA GLY L 4 31.71 -19.73 -14.34
C GLY L 4 32.65 -19.53 -13.18
N ARG L 5 32.16 -18.89 -12.15
CA ARG L 5 32.94 -18.59 -10.96
C ARG L 5 33.67 -19.80 -10.37
N CYS L 6 32.95 -20.90 -10.18
CA CYS L 6 33.50 -22.15 -9.61
C CYS L 6 34.35 -22.95 -10.60
N GLU L 7 34.01 -22.86 -11.88
CA GLU L 7 34.79 -23.51 -12.95
C GLU L 7 36.19 -22.87 -13.04
N LEU L 8 36.22 -21.55 -12.90
CA LEU L 8 37.49 -20.80 -12.94
C LEU L 8 38.27 -21.02 -11.66
N ALA L 9 37.58 -21.03 -10.52
CA ALA L 9 38.26 -21.31 -9.26
C ALA L 9 38.91 -22.70 -9.28
N ALA L 10 38.17 -23.70 -9.76
CA ALA L 10 38.68 -25.08 -9.90
C ALA L 10 39.96 -25.16 -10.75
N ALA L 11 39.93 -24.56 -11.95
CA ALA L 11 41.07 -24.61 -12.85
C ALA L 11 42.25 -23.79 -12.30
N MET L 12 41.97 -22.74 -11.52
CA MET L 12 43.03 -21.91 -10.94
C MET L 12 43.75 -22.64 -9.79
N LYS L 13 43.01 -23.30 -8.92
CA LYS L 13 43.58 -24.17 -7.88
C LYS L 13 44.60 -25.15 -8.46
N ARG L 14 44.16 -25.89 -9.49
CA ARG L 14 44.95 -26.94 -10.15
C ARG L 14 46.19 -26.37 -10.83
N HIS L 15 46.15 -25.13 -11.28
CA HIS L 15 47.36 -24.47 -11.77
C HIS L 15 48.14 -23.85 -10.66
N GLY L 16 47.72 -24.11 -9.43
CA GLY L 16 48.52 -23.75 -8.28
C GLY L 16 48.57 -22.26 -8.09
N LEU L 17 47.42 -21.60 -8.26
CA LEU L 17 47.33 -20.19 -7.92
C LEU L 17 46.89 -20.01 -6.48
N ASP L 18 46.34 -21.06 -5.87
CA ASP L 18 45.84 -20.99 -4.49
C ASP L 18 47.00 -20.81 -3.54
N ASN L 19 47.08 -19.64 -2.90
CA ASN L 19 48.15 -19.33 -1.97
C ASN L 19 49.47 -19.02 -2.68
N TYR L 20 49.47 -19.00 -4.02
CA TYR L 20 50.66 -18.66 -4.75
C TYR L 20 51.16 -17.31 -4.23
N ARG L 21 52.37 -17.33 -3.68
CA ARG L 21 52.99 -16.18 -3.04
C ARG L 21 52.09 -15.50 -2.00
N GLY L 22 51.39 -16.32 -1.21
CA GLY L 22 50.61 -15.84 -0.06
C GLY L 22 49.25 -15.25 -0.37
N TYR L 23 48.81 -15.33 -1.62
CA TYR L 23 47.49 -14.84 -2.04
C TYR L 23 46.51 -16.02 -2.10
N SER L 24 45.50 -16.03 -1.23
CA SER L 24 44.43 -17.03 -1.29
C SER L 24 43.68 -16.97 -2.63
N LEU L 25 43.14 -18.11 -3.05
CA LEU L 25 42.55 -18.31 -4.39
C LEU L 25 41.57 -17.21 -4.82
N GLY L 26 40.76 -16.77 -3.86
CA GLY L 26 39.77 -15.75 -4.13
C GLY L 26 40.28 -14.48 -4.78
N ASN L 27 41.53 -14.13 -4.54
CA ASN L 27 42.11 -12.92 -5.09
C ASN L 27 42.21 -12.96 -6.61
N TRP L 28 42.57 -14.13 -7.13
CA TRP L 28 42.72 -14.33 -8.57
C TRP L 28 41.36 -14.31 -9.21
N VAL L 29 40.40 -14.98 -8.58
CA VAL L 29 39.05 -15.06 -9.11
C VAL L 29 38.44 -13.68 -9.14
N CYS L 30 38.45 -12.99 -8.00
CA CYS L 30 37.99 -11.61 -7.92
C CYS L 30 38.65 -10.75 -9.00
N ALA L 31 39.96 -10.94 -9.18
CA ALA L 31 40.73 -10.22 -10.20
C ALA L 31 40.20 -10.47 -11.61
N ALA L 32 40.06 -11.73 -11.99
CA ALA L 32 39.55 -12.07 -13.29
C ALA L 32 38.12 -11.55 -13.52
N LYS L 33 37.34 -11.40 -12.45
CA LYS L 33 35.97 -10.94 -12.64
C LYS L 33 35.92 -9.53 -13.19
N PHE L 34 36.64 -8.63 -12.53
CA PHE L 34 36.59 -7.23 -12.91
C PHE L 34 37.37 -7.03 -14.20
N GLU L 35 38.47 -7.76 -14.37
CA GLU L 35 39.37 -7.50 -15.48
C GLU L 35 38.81 -8.00 -16.82
N SER L 36 38.25 -9.21 -16.82
CA SER L 36 37.83 -9.86 -18.04
C SER L 36 36.39 -10.31 -18.02
N ASN L 37 35.70 -10.17 -16.89
CA ASN L 37 34.39 -10.81 -16.72
C ASN L 37 34.46 -12.34 -16.96
N PHE L 38 35.57 -12.93 -16.53
CA PHE L 38 35.88 -14.34 -16.76
C PHE L 38 35.82 -14.71 -18.21
N ASN L 39 36.00 -13.75 -19.12
CA ASN L 39 36.02 -14.04 -20.58
C ASN L 39 37.45 -14.23 -21.11
N THR L 40 37.76 -15.45 -21.62
CA THR L 40 39.13 -15.81 -22.06
C THR L 40 39.60 -15.06 -23.31
N GLN L 41 38.65 -14.55 -24.09
CA GLN L 41 38.94 -13.78 -25.30
C GLN L 41 38.71 -12.27 -25.12
N ALA L 42 38.72 -11.79 -23.88
CA ALA L 42 38.61 -10.35 -23.66
C ALA L 42 39.87 -9.60 -24.17
N THR L 43 39.64 -8.52 -24.92
CA THR L 43 40.71 -7.62 -25.36
C THR L 43 40.31 -6.15 -25.10
N ASN L 44 41.19 -5.36 -24.49
CA ASN L 44 40.94 -3.93 -24.31
C ASN L 44 42.15 -3.13 -24.78
N ARG L 45 41.98 -2.37 -25.86
CA ARG L 45 43.01 -1.45 -26.36
C ARG L 45 43.05 -0.22 -25.46
N ASN L 46 44.23 0.18 -25.02
CA ASN L 46 44.38 1.38 -24.18
C ASN L 46 44.83 2.59 -25.02
N THR L 47 44.62 3.79 -24.50
CA THR L 47 45.00 5.02 -25.22
C THR L 47 46.52 5.34 -25.14
N ASP L 48 47.29 4.45 -24.54
CA ASP L 48 48.74 4.57 -24.54
C ASP L 48 49.40 3.70 -25.62
N GLY L 49 48.59 3.02 -26.42
CA GLY L 49 49.07 2.16 -27.51
C GLY L 49 49.15 0.66 -27.18
N SER L 50 49.21 0.33 -25.89
CA SER L 50 49.26 -1.07 -25.48
C SER L 50 47.86 -1.62 -25.46
N THR L 51 47.75 -2.95 -25.44
CA THR L 51 46.46 -3.65 -25.40
C THR L 51 46.57 -4.76 -24.40
N ASP L 52 45.51 -4.97 -23.62
CA ASP L 52 45.48 -6.03 -22.60
C ASP L 52 44.66 -7.21 -23.10
N TYR L 53 45.20 -8.43 -22.94
CA TYR L 53 44.56 -9.63 -23.49
C TYR L 53 44.22 -10.67 -22.44
N GLY L 54 43.03 -11.26 -22.56
CA GLY L 54 42.71 -12.51 -21.87
C GLY L 54 42.05 -12.40 -20.51
N ILE L 55 41.83 -13.58 -19.91
CA ILE L 55 41.22 -13.72 -18.58
C ILE L 55 41.81 -12.76 -17.53
N LEU L 56 43.12 -12.52 -17.62
CA LEU L 56 43.80 -11.60 -16.71
C LEU L 56 44.42 -10.37 -17.42
N GLN L 57 44.03 -10.12 -18.66
CA GLN L 57 44.34 -8.82 -19.27
C GLN L 57 45.84 -8.48 -19.20
N ILE L 58 46.66 -9.37 -19.74
CA ILE L 58 48.09 -9.17 -19.72
C ILE L 58 48.42 -8.12 -20.77
N ASN L 59 49.28 -7.18 -20.40
CA ASN L 59 49.58 -5.98 -21.20
C ASN L 59 50.66 -6.20 -22.30
N SER L 60 50.46 -5.55 -23.44
CA SER L 60 51.32 -5.74 -24.63
C SER L 60 52.55 -4.81 -24.75
N ARG L 61 52.75 -3.91 -23.79
CA ARG L 61 53.99 -3.09 -23.77
C ARG L 61 55.00 -3.70 -22.82
N TRP L 62 54.52 -4.37 -21.76
CA TRP L 62 55.43 -4.96 -20.78
C TRP L 62 55.47 -6.47 -20.73
N TRP L 63 54.36 -7.16 -20.94
CA TRP L 63 54.33 -8.60 -20.63
C TRP L 63 54.17 -9.54 -21.78
N CYS L 64 53.49 -9.14 -22.83
CA CYS L 64 53.41 -10.01 -23.97
C CYS L 64 53.64 -9.20 -25.23
N ASN L 65 53.84 -9.88 -26.34
CA ASN L 65 54.11 -9.24 -27.61
C ASN L 65 52.90 -9.39 -28.49
N ASP L 66 52.43 -8.27 -29.05
CA ASP L 66 51.42 -8.32 -30.11
C ASP L 66 51.93 -7.69 -31.40
N GLY L 67 53.20 -7.27 -31.41
CA GLY L 67 53.82 -6.73 -32.61
C GLY L 67 53.41 -5.32 -32.99
N ARG L 68 52.34 -4.80 -32.38
CA ARG L 68 51.77 -3.50 -32.71
C ARG L 68 51.99 -2.47 -31.60
N THR L 69 52.76 -2.83 -30.56
CA THR L 69 52.94 -1.97 -29.39
C THR L 69 54.36 -1.41 -29.28
N PRO L 70 54.52 -0.08 -29.41
CA PRO L 70 55.87 0.48 -29.36
C PRO L 70 56.48 0.51 -27.95
N GLY L 71 57.76 0.11 -27.85
CA GLY L 71 58.46 -0.03 -26.58
C GLY L 71 58.20 -1.37 -25.90
N SER L 72 57.77 -2.36 -26.69
CA SER L 72 57.40 -3.68 -26.18
C SER L 72 58.59 -4.37 -25.57
N ARG L 73 58.38 -5.00 -24.43
CA ARG L 73 59.46 -5.66 -23.73
C ARG L 73 59.18 -7.15 -23.63
N ASN L 74 57.92 -7.53 -23.45
CA ASN L 74 57.53 -8.96 -23.51
C ASN L 74 58.29 -9.82 -22.51
N LEU L 75 58.10 -9.56 -21.22
CA LEU L 75 58.89 -10.25 -20.19
C LEU L 75 58.40 -11.70 -19.95
N CYS L 76 57.20 -12.03 -20.42
CA CYS L 76 56.68 -13.40 -20.38
C CYS L 76 56.97 -14.19 -21.66
N ASN L 77 57.78 -13.64 -22.56
CA ASN L 77 58.08 -14.28 -23.85
C ASN L 77 56.92 -15.11 -24.43
N ILE L 78 55.74 -14.50 -24.53
CA ILE L 78 54.56 -15.12 -25.15
C ILE L 78 53.90 -14.15 -26.16
N PRO L 79 53.61 -14.62 -27.39
CA PRO L 79 52.76 -13.81 -28.26
C PRO L 79 51.39 -13.63 -27.63
N CYS L 80 50.84 -12.41 -27.69
CA CYS L 80 49.62 -12.11 -26.93
C CYS L 80 48.45 -12.91 -27.46
N SER L 81 48.48 -13.28 -28.73
CA SER L 81 47.44 -14.13 -29.32
C SER L 81 47.37 -15.52 -28.67
N ALA L 82 48.45 -15.94 -28.02
CA ALA L 82 48.49 -17.21 -27.30
C ALA L 82 47.85 -17.13 -25.91
N LEU L 83 47.41 -15.95 -25.49
CA LEU L 83 46.76 -15.78 -24.18
C LEU L 83 45.23 -15.71 -24.26
N LEU L 84 44.66 -16.22 -25.35
CA LEU L 84 43.22 -16.09 -25.62
C LEU L 84 42.60 -17.46 -25.88
N SER L 85 43.11 -18.47 -25.19
CA SER L 85 42.59 -19.83 -25.31
C SER L 85 41.62 -20.20 -24.18
N SER L 86 40.88 -21.28 -24.37
CA SER L 86 40.02 -21.85 -23.33
C SER L 86 40.76 -22.52 -22.17
N ASP L 87 41.95 -23.08 -22.44
CA ASP L 87 42.90 -23.42 -21.38
C ASP L 87 43.55 -22.12 -20.90
N ILE L 88 43.47 -21.87 -19.60
CA ILE L 88 44.08 -20.69 -19.02
C ILE L 88 45.59 -20.81 -18.82
N THR L 89 46.15 -22.00 -19.09
CA THR L 89 47.59 -22.31 -18.86
C THR L 89 48.53 -21.12 -19.09
N ALA L 90 48.50 -20.56 -20.31
CA ALA L 90 49.43 -19.49 -20.67
C ALA L 90 49.21 -18.20 -19.83
N SER L 91 47.96 -17.81 -19.62
CA SER L 91 47.67 -16.62 -18.82
C SER L 91 48.16 -16.81 -17.37
N VAL L 92 47.93 -17.99 -16.84
CA VAL L 92 48.36 -18.32 -15.47
C VAL L 92 49.88 -18.23 -15.33
N ASN L 93 50.61 -18.75 -16.31
CA ASN L 93 52.07 -18.72 -16.27
C ASN L 93 52.59 -17.28 -16.25
N CYS L 94 52.06 -16.45 -17.14
CA CYS L 94 52.48 -15.06 -17.19
C CYS L 94 52.10 -14.36 -15.89
N ALA L 95 50.89 -14.62 -15.40
CA ALA L 95 50.49 -14.13 -14.08
C ALA L 95 51.54 -14.47 -13.01
N LYS L 96 52.02 -15.71 -13.02
CA LYS L 96 53.02 -16.20 -12.06
C LYS L 96 54.37 -15.46 -12.16
N LYS L 97 54.78 -15.09 -13.38
CA LYS L 97 56.02 -14.32 -13.58
C LYS L 97 55.81 -12.89 -13.11
N ILE L 98 54.65 -12.31 -13.42
CA ILE L 98 54.31 -10.96 -13.00
C ILE L 98 54.38 -10.82 -11.47
N VAL L 99 53.73 -11.74 -10.75
CA VAL L 99 53.65 -11.62 -9.29
C VAL L 99 54.83 -12.37 -8.66
N SER L 100 55.87 -11.59 -8.36
CA SER L 100 57.20 -12.11 -7.98
C SER L 100 57.42 -12.02 -6.46
N ASP L 101 56.51 -11.37 -5.76
CA ASP L 101 56.56 -11.29 -4.29
C ASP L 101 55.16 -11.02 -3.74
N GLY L 102 55.10 -10.78 -2.43
CA GLY L 102 53.84 -10.68 -1.69
C GLY L 102 52.94 -9.52 -2.05
N ASN L 103 53.48 -8.46 -2.68
CA ASN L 103 52.68 -7.33 -3.18
C ASN L 103 52.48 -7.34 -4.71
N GLY L 104 52.77 -8.45 -5.37
CA GLY L 104 52.73 -8.51 -6.84
C GLY L 104 51.36 -8.37 -7.49
N MET L 105 50.27 -8.64 -6.77
CA MET L 105 48.93 -8.48 -7.34
C MET L 105 48.56 -7.00 -7.53
N ASN L 106 49.38 -6.09 -6.99
CA ASN L 106 49.23 -4.65 -7.27
C ASN L 106 49.28 -4.33 -8.77
N ALA L 107 49.80 -5.27 -9.56
CA ALA L 107 49.91 -5.18 -11.02
C ALA L 107 48.57 -5.10 -11.74
N TRP L 108 47.50 -5.52 -11.08
CA TRP L 108 46.16 -5.30 -11.60
C TRP L 108 45.54 -4.22 -10.78
N VAL L 109 45.31 -3.06 -11.39
CA VAL L 109 44.71 -1.90 -10.72
C VAL L 109 43.34 -2.25 -10.09
N ALA L 110 42.56 -3.07 -10.79
CA ALA L 110 41.25 -3.46 -10.29
C ALA L 110 41.33 -4.32 -9.02
N TRP L 111 42.35 -5.18 -8.91
CA TRP L 111 42.55 -5.96 -7.68
C TRP L 111 42.87 -5.00 -6.55
N ARG L 112 43.86 -4.13 -6.78
CA ARG L 112 44.25 -3.15 -5.77
C ARG L 112 43.02 -2.40 -5.29
N ASN L 113 42.31 -1.73 -6.20
CA ASN L 113 41.17 -0.86 -5.83
C ASN L 113 39.96 -1.55 -5.18
N ARG L 114 39.61 -2.72 -5.67
CA ARG L 114 38.33 -3.38 -5.33
C ARG L 114 38.46 -4.58 -4.38
N CYS L 115 39.43 -5.47 -4.64
CA CYS L 115 39.52 -6.78 -3.95
C CYS L 115 40.53 -6.80 -2.83
N LYS L 116 41.58 -6.00 -2.95
CA LYS L 116 42.69 -6.03 -2.02
C LYS L 116 42.15 -5.86 -0.62
N GLY L 117 42.34 -6.86 0.22
CA GLY L 117 42.02 -6.75 1.66
C GLY L 117 40.54 -6.93 2.02
N THR L 118 39.71 -7.19 1.02
CA THR L 118 38.30 -7.50 1.26
C THR L 118 38.18 -9.00 1.53
N ASP L 119 36.97 -9.47 1.82
CA ASP L 119 36.71 -10.91 1.95
C ASP L 119 36.75 -11.60 0.56
N VAL L 120 37.96 -11.83 0.07
CA VAL L 120 38.18 -12.46 -1.22
C VAL L 120 37.59 -13.88 -1.31
N GLN L 121 37.60 -14.61 -0.19
CA GLN L 121 37.12 -16.01 -0.20
C GLN L 121 35.63 -16.15 -0.57
N ALA L 122 34.86 -15.08 -0.41
CA ALA L 122 33.47 -15.08 -0.87
C ALA L 122 33.34 -15.65 -2.30
N TRP L 123 34.36 -15.42 -3.12
CA TRP L 123 34.36 -15.85 -4.53
C TRP L 123 34.52 -17.33 -4.74
N ILE L 124 34.99 -18.07 -3.74
CA ILE L 124 35.12 -19.53 -3.86
C ILE L 124 34.12 -20.31 -3.00
N ARG L 125 33.31 -19.53 -2.27
CA ARG L 125 32.41 -20.03 -1.24
C ARG L 125 31.35 -20.81 -1.95
N GLY L 126 31.28 -22.13 -1.69
CA GLY L 126 30.34 -23.00 -2.40
C GLY L 126 30.94 -23.89 -3.49
N CYS L 127 32.17 -23.61 -3.93
CA CYS L 127 32.87 -24.45 -4.89
C CYS L 127 33.73 -25.49 -4.16
#